data_5TT8
#
_entry.id   5TT8
#
_cell.length_a   41.240
_cell.length_b   134.400
_cell.length_c   165.280
_cell.angle_alpha   90.000
_cell.angle_beta   90.040
_cell.angle_gamma   90.000
#
_symmetry.space_group_name_H-M   'P 1 21 1'
#
loop_
_entity.id
_entity.type
_entity.pdbx_description
1 polymer 'Alpha-carbonic anhydrase'
2 non-polymer 'ZINC ION'
3 non-polymer 'CHLORIDE ION'
4 non-polymer 5-[(phenylsulfonyl)amino]-1,3,4-thiadiazole-2-sulfonamide
5 non-polymer GLYCEROL
6 water water
#
_entity_poly.entity_id   1
_entity_poly.type   'polypeptide(L)'
_entity_poly.pdbx_seq_one_letter_code
;GIDPFTNTKWDYKNKENGPHRWDKLHKDFEVCKSGKSQSPINIEHYYHTQDKADLQFKYAASKPKAVFFTHHTLKASFEP
TNHINYRGHDYVLDNVHFHAPMEFLINNKTRPLSAHFVHKDAKGRLLVLAIGFEEGKENPNLDPILEGIQKKQNFKEVAL
DAFLPKSINYYHFNGSLTAPPCTEGVAWFVIEEPLEVSAKQLAEIKKRMKNSPNQRPVQPDYNTVIIKSSAETR
;
_entity_poly.pdbx_strand_id   A,B,C,D,E,F,G,H
#
loop_
_chem_comp.id
_chem_comp.type
_chem_comp.name
_chem_comp.formula
CL non-polymer 'CHLORIDE ION' 'Cl -1'
D8W non-polymer 5-[(phenylsulfonyl)amino]-1,3,4-thiadiazole-2-sulfonamide 'C8 H8 N4 O4 S3'
GOL non-polymer GLYCEROL 'C3 H8 O3'
ZN non-polymer 'ZINC ION' 'Zn 2'
#
# COMPACT_ATOMS: atom_id res chain seq x y z
N GLU A 16 -15.68 2.39 -8.14
CA GLU A 16 -14.88 1.38 -7.47
C GLU A 16 -13.74 0.86 -8.33
N ASN A 17 -13.73 1.27 -9.58
CA ASN A 17 -12.58 1.14 -10.48
C ASN A 17 -11.96 2.44 -11.01
N GLY A 18 -11.65 3.38 -10.13
CA GLY A 18 -11.25 4.68 -10.61
C GLY A 18 -9.80 5.10 -10.45
N PRO A 19 -9.46 6.24 -11.09
CA PRO A 19 -8.13 6.84 -11.29
C PRO A 19 -7.32 7.20 -10.04
N HIS A 20 -7.91 7.91 -9.06
CA HIS A 20 -7.21 8.21 -7.81
C HIS A 20 -6.94 6.90 -7.07
N ARG A 21 -7.61 5.86 -7.53
CA ARG A 21 -7.67 4.56 -6.89
C ARG A 21 -7.01 3.42 -7.64
N TRP A 22 -6.38 3.69 -8.78
CA TRP A 22 -5.70 2.64 -9.54
C TRP A 22 -4.64 1.91 -8.73
N ASP A 23 -3.95 2.63 -7.85
CA ASP A 23 -2.86 2.05 -7.06
C ASP A 23 -3.31 1.06 -6.00
N LYS A 24 -4.55 1.19 -5.55
CA LYS A 24 -5.05 0.28 -4.51
C LYS A 24 -5.71 -0.95 -5.13
N LEU A 25 -6.02 -0.89 -6.44
CA LEU A 25 -6.69 -2.00 -7.12
C LEU A 25 -5.75 -3.21 -7.15
N HIS A 26 -4.48 -2.93 -7.36
CA HIS A 26 -3.49 -3.98 -7.37
C HIS A 26 -2.21 -3.40 -6.82
N LYS A 27 -1.34 -4.26 -6.30
CA LYS A 27 -0.04 -3.82 -5.85
C LYS A 27 0.77 -3.66 -7.12
N ASP A 28 0.28 -4.33 -8.16
CA ASP A 28 0.86 -4.18 -9.48
C ASP A 28 0.77 -2.73 -9.98
N PHE A 29 -0.31 -2.04 -9.61
CA PHE A 29 -0.62 -0.68 -10.06
C PHE A 29 -0.24 0.49 -9.14
N GLU A 30 0.64 0.28 -8.17
CA GLU A 30 0.98 1.36 -7.25
C GLU A 30 1.70 2.49 -7.96
N VAL A 31 2.51 2.16 -8.97
CA VAL A 31 3.32 3.17 -9.65
C VAL A 31 2.47 4.29 -10.27
N CYS A 32 1.17 4.03 -10.47
CA CYS A 32 0.23 5.09 -10.85
C CYS A 32 0.23 6.19 -9.80
N LYS A 33 0.62 5.84 -8.57
CA LYS A 33 0.72 6.80 -7.49
C LYS A 33 2.17 7.07 -7.06
N SER A 34 3.01 6.04 -7.05
CA SER A 34 4.38 6.25 -6.56
C SER A 34 5.23 6.87 -7.65
N GLY A 35 4.75 6.82 -8.89
CA GLY A 35 5.54 7.27 -10.01
C GLY A 35 5.76 8.77 -9.96
N LYS A 36 6.96 9.18 -10.38
CA LYS A 36 7.37 10.58 -10.34
C LYS A 36 7.39 11.17 -11.71
N SER A 37 6.95 10.41 -12.71
CA SER A 37 6.92 10.87 -14.09
CA SER A 37 6.90 10.91 -14.09
C SER A 37 5.66 10.38 -14.82
N GLN A 38 4.51 10.53 -14.19
CA GLN A 38 3.24 10.02 -14.68
C GLN A 38 2.54 10.87 -15.73
N SER A 39 1.93 10.20 -16.70
CA SER A 39 1.19 10.86 -17.78
C SER A 39 -0.29 10.58 -17.60
N PRO A 40 -1.16 11.48 -18.07
CA PRO A 40 -0.83 12.75 -18.71
C PRO A 40 -0.58 13.84 -17.68
N ILE A 41 0.09 14.88 -18.14
CA ILE A 41 0.29 16.09 -17.36
C ILE A 41 0.07 17.32 -18.27
N ASN A 42 0.16 18.51 -17.70
CA ASN A 42 0.04 19.76 -18.44
C ASN A 42 1.35 20.23 -19.09
N ILE A 43 1.40 20.25 -20.42
CA ILE A 43 2.62 20.69 -21.07
C ILE A 43 2.56 22.20 -21.09
N GLU A 44 3.28 22.85 -20.19
CA GLU A 44 3.20 24.31 -19.99
C GLU A 44 4.56 25.04 -19.88
N HIS A 45 5.60 24.34 -19.43
CA HIS A 45 6.96 24.87 -19.49
C HIS A 45 7.85 23.98 -20.34
N TYR A 46 8.50 24.58 -21.34
CA TYR A 46 9.26 23.82 -22.33
C TYR A 46 10.57 24.47 -22.69
N TYR A 47 11.36 23.73 -23.46
CA TYR A 47 12.58 24.26 -24.00
C TYR A 47 12.47 24.24 -25.50
N HIS A 48 12.86 25.33 -26.16
CA HIS A 48 12.83 25.41 -27.62
C HIS A 48 14.13 24.97 -28.27
N THR A 49 14.06 24.34 -29.43
CA THR A 49 15.30 23.88 -30.07
C THR A 49 15.27 23.65 -31.58
N GLN A 50 16.47 23.55 -32.14
CA GLN A 50 16.70 23.66 -33.58
C GLN A 50 16.19 22.47 -34.37
N ASP A 51 16.51 22.47 -35.66
CA ASP A 51 16.07 21.41 -36.55
C ASP A 51 16.75 20.09 -36.14
N LYS A 52 17.44 20.10 -35.01
CA LYS A 52 18.13 18.91 -34.52
C LYS A 52 17.27 17.78 -33.92
N ALA A 53 17.30 16.64 -34.58
CA ALA A 53 16.84 15.36 -34.03
C ALA A 53 17.21 14.15 -34.92
N ASP A 54 16.57 13.01 -34.67
CA ASP A 54 16.84 11.79 -35.41
C ASP A 54 15.59 11.06 -35.90
N LEU A 55 14.46 11.60 -35.49
CA LEU A 55 13.13 10.98 -35.58
C LEU A 55 12.71 10.77 -37.02
N GLN A 56 12.41 9.52 -37.40
CA GLN A 56 12.03 9.21 -38.77
C GLN A 56 10.92 8.20 -38.88
N PHE A 57 10.09 8.40 -39.87
CA PHE A 57 8.86 7.65 -39.99
C PHE A 57 8.84 6.73 -41.19
N LYS A 58 8.60 5.45 -40.93
CA LYS A 58 8.42 4.49 -41.99
C LYS A 58 7.04 3.87 -41.85
N TYR A 59 6.01 4.70 -42.01
CA TYR A 59 4.65 4.20 -41.97
C TYR A 59 4.24 3.67 -43.33
N ALA A 60 3.28 2.75 -43.33
CA ALA A 60 2.74 2.21 -44.57
C ALA A 60 1.25 1.92 -44.46
N ALA A 61 0.57 1.92 -45.61
CA ALA A 61 -0.84 1.62 -45.67
C ALA A 61 -0.99 0.23 -45.17
N SER A 62 -1.78 0.07 -44.13
CA SER A 62 -1.85 -1.25 -43.58
C SER A 62 -3.26 -1.69 -43.23
N LYS A 63 -3.65 -2.85 -43.72
CA LYS A 63 -4.85 -3.50 -43.30
C LYS A 63 -4.45 -4.39 -42.13
N ALA A 66 -6.23 -5.42 -36.67
CA ALA A 66 -7.25 -6.08 -35.89
C ALA A 66 -7.91 -5.01 -35.02
N VAL A 67 -9.24 -5.04 -34.97
CA VAL A 67 -9.99 -4.00 -34.26
C VAL A 67 -10.89 -4.55 -33.15
N PHE A 68 -10.75 -4.01 -31.93
CA PHE A 68 -11.58 -4.46 -30.82
C PHE A 68 -11.74 -3.39 -29.73
N PHE A 69 -12.90 -3.37 -29.08
CA PHE A 69 -13.10 -2.50 -27.92
C PHE A 69 -12.58 -3.12 -26.64
N THR A 70 -11.70 -2.40 -25.95
CA THR A 70 -11.12 -2.90 -24.70
C THR A 70 -10.83 -1.81 -23.68
N HIS A 71 -11.05 -2.09 -22.40
CA HIS A 71 -10.64 -1.18 -21.32
C HIS A 71 -10.92 0.28 -21.64
N HIS A 72 -12.18 0.59 -21.91
CA HIS A 72 -12.68 1.94 -22.11
C HIS A 72 -12.29 2.42 -23.50
N THR A 73 -11.53 1.62 -24.23
CA THR A 73 -10.90 2.13 -25.44
C THR A 73 -10.98 1.30 -26.74
N LEU A 74 -11.20 2.00 -27.85
CA LEU A 74 -11.09 1.50 -29.21
C LEU A 74 -9.64 1.36 -29.61
N LYS A 75 -9.26 0.24 -30.20
CA LYS A 75 -7.86 0.09 -30.54
C LYS A 75 -7.69 -0.68 -31.83
N ALA A 76 -6.77 -0.24 -32.70
CA ALA A 76 -6.48 -1.04 -33.88
C ALA A 76 -5.01 -1.42 -33.93
N SER A 77 -4.76 -2.72 -33.94
CA SER A 77 -3.41 -3.25 -33.95
C SER A 77 -3.07 -3.97 -35.24
N PHE A 78 -1.80 -4.07 -35.60
CA PHE A 78 -1.46 -4.85 -36.78
C PHE A 78 -0.10 -5.58 -36.70
N GLU A 79 0.27 -6.16 -37.83
CA GLU A 79 1.50 -6.91 -37.99
C GLU A 79 2.69 -5.95 -37.87
N PRO A 80 3.85 -6.46 -37.45
CA PRO A 80 5.02 -5.58 -37.28
C PRO A 80 5.60 -5.16 -38.62
N THR A 81 4.86 -4.39 -39.41
CA THR A 81 5.38 -3.99 -40.71
C THR A 81 5.82 -2.52 -40.75
N ASN A 82 5.26 -1.70 -39.85
CA ASN A 82 5.58 -0.28 -39.83
C ASN A 82 6.40 0.14 -38.60
N HIS A 83 7.56 0.76 -38.79
CA HIS A 83 8.37 1.17 -37.62
C HIS A 83 8.91 2.61 -37.75
N ILE A 84 9.41 3.10 -36.62
CA ILE A 84 9.95 4.45 -36.46
C ILE A 84 11.40 4.48 -35.97
N ASN A 85 12.14 5.46 -36.45
CA ASN A 85 13.53 5.68 -36.05
C ASN A 85 13.66 6.84 -35.08
N TYR A 86 14.16 6.56 -33.87
CA TYR A 86 14.45 7.59 -32.90
C TYR A 86 15.86 7.38 -32.35
N ARG A 87 16.73 8.38 -32.46
CA ARG A 87 18.09 8.28 -31.92
C ARG A 87 18.76 6.94 -32.27
N GLY A 88 18.50 6.41 -33.46
CA GLY A 88 19.16 5.17 -33.87
C GLY A 88 18.60 3.89 -33.29
N HIS A 89 17.40 3.95 -32.69
CA HIS A 89 16.73 2.75 -32.17
C HIS A 89 15.47 2.47 -32.98
N ASP A 90 15.21 1.20 -33.28
CA ASP A 90 14.02 0.80 -34.06
C ASP A 90 12.82 0.56 -33.14
N TYR A 91 11.72 1.25 -33.42
CA TYR A 91 10.48 1.08 -32.66
C TYR A 91 9.36 0.59 -33.55
N VAL A 92 8.82 -0.59 -33.29
CA VAL A 92 7.79 -1.12 -34.16
C VAL A 92 6.40 -0.71 -33.69
N LEU A 93 5.59 -0.16 -34.58
CA LEU A 93 4.23 0.25 -34.22
C LEU A 93 3.35 -0.98 -33.98
N ASP A 94 2.65 -0.98 -32.85
CA ASP A 94 1.77 -2.06 -32.45
C ASP A 94 0.29 -1.88 -32.63
N ASN A 95 -0.16 -0.71 -32.24
CA ASN A 95 -1.58 -0.40 -32.25
C ASN A 95 -1.81 1.08 -32.27
N VAL A 96 -3.06 1.43 -32.50
CA VAL A 96 -3.55 2.80 -32.36
CA VAL A 96 -3.51 2.80 -32.33
C VAL A 96 -4.82 2.77 -31.52
N HIS A 97 -4.89 3.56 -30.45
CA HIS A 97 -6.08 3.58 -29.59
C HIS A 97 -6.55 5.01 -29.30
N PHE A 98 -7.74 5.23 -28.75
CA PHE A 98 -8.24 6.62 -28.71
C PHE A 98 -8.66 7.06 -27.31
N HIS A 99 -8.50 8.35 -27.02
CA HIS A 99 -8.90 8.90 -25.72
C HIS A 99 -9.81 10.15 -25.94
N ALA A 100 -10.91 10.27 -25.21
CA ALA A 100 -11.78 11.43 -25.34
C ALA A 100 -12.25 11.90 -23.96
N PRO A 101 -12.00 13.18 -23.62
CA PRO A 101 -11.23 14.14 -24.41
C PRO A 101 -9.73 13.83 -24.32
N MET A 102 -8.92 14.49 -25.13
CA MET A 102 -7.47 14.29 -25.13
C MET A 102 -6.88 14.50 -23.74
N GLU A 103 -6.01 13.58 -23.35
CA GLU A 103 -5.44 13.56 -21.99
C GLU A 103 -4.33 14.56 -21.73
N PHE A 104 -3.34 14.61 -22.63
CA PHE A 104 -2.26 15.56 -22.48
C PHE A 104 -2.71 16.96 -22.82
N LEU A 105 -2.23 17.94 -22.07
CA LEU A 105 -2.61 19.33 -22.30
C LEU A 105 -1.43 20.16 -22.78
N ILE A 106 -1.60 20.87 -23.90
CA ILE A 106 -0.53 21.74 -24.38
C ILE A 106 -0.93 23.16 -24.15
N ASN A 107 -0.30 23.82 -23.19
CA ASN A 107 -0.76 25.14 -22.78
C ASN A 107 -2.27 25.13 -22.57
N ASN A 108 -2.75 24.30 -21.64
CA ASN A 108 -4.17 24.25 -21.36
C ASN A 108 -5.07 23.97 -22.57
N LYS A 109 -4.56 23.24 -23.55
CA LYS A 109 -5.31 23.03 -24.80
C LYS A 109 -6.34 21.93 -24.82
N THR A 110 -7.61 22.34 -24.75
CA THR A 110 -8.73 21.40 -24.77
C THR A 110 -8.75 20.66 -26.11
N ARG A 111 -9.15 19.41 -26.06
CA ARG A 111 -9.32 18.65 -27.28
C ARG A 111 -10.27 17.50 -27.03
N PRO A 112 -11.28 17.37 -27.89
CA PRO A 112 -12.33 16.35 -27.82
C PRO A 112 -11.85 14.92 -28.03
N LEU A 113 -10.73 14.74 -28.71
CA LEU A 113 -10.27 13.41 -29.05
C LEU A 113 -8.75 13.38 -29.25
N SER A 114 -8.10 12.30 -28.85
CA SER A 114 -6.67 12.12 -29.09
C SER A 114 -6.43 10.72 -29.58
N ALA A 115 -5.29 10.51 -30.21
CA ALA A 115 -4.89 9.18 -30.65
C ALA A 115 -3.49 8.88 -30.16
N HIS A 116 -3.23 7.61 -29.85
CA HIS A 116 -1.96 7.17 -29.30
C HIS A 116 -1.33 6.09 -30.18
N PHE A 117 -0.19 6.41 -30.77
CA PHE A 117 0.53 5.46 -31.60
C PHE A 117 1.52 4.74 -30.72
N VAL A 118 1.23 3.46 -30.43
CA VAL A 118 1.98 2.67 -29.47
C VAL A 118 3.06 1.89 -30.18
N HIS A 119 4.29 2.10 -29.75
CA HIS A 119 5.49 1.53 -30.37
C HIS A 119 6.25 0.68 -29.36
N LEU A 127 7.90 4.31 -26.73
CA LEU A 127 7.63 5.47 -27.56
C LEU A 127 6.17 5.53 -28.00
N VAL A 128 5.45 6.53 -27.55
CA VAL A 128 4.08 6.66 -28.00
C VAL A 128 3.81 8.05 -28.57
N LEU A 129 3.12 8.07 -29.70
CA LEU A 129 2.87 9.30 -30.39
C LEU A 129 1.44 9.66 -30.18
N ALA A 130 1.21 10.89 -29.72
CA ALA A 130 -0.13 11.40 -29.47
C ALA A 130 -0.39 12.56 -30.39
N ILE A 131 -1.62 12.65 -30.87
CA ILE A 131 -2.05 13.81 -31.63
C ILE A 131 -3.57 13.97 -31.45
N GLY A 132 -4.04 15.19 -31.21
CA GLY A 132 -5.44 15.41 -30.91
C GLY A 132 -6.33 15.62 -32.13
N PHE A 133 -7.64 15.51 -31.95
CA PHE A 133 -8.59 15.76 -33.04
C PHE A 133 -9.55 16.91 -32.65
N GLU A 134 -9.82 17.84 -33.58
CA GLU A 134 -10.77 18.96 -33.36
C GLU A 134 -12.01 18.96 -34.29
N GLU A 135 -13.15 19.50 -33.83
CA GLU A 135 -14.38 19.49 -34.64
C GLU A 135 -14.32 20.39 -35.88
N GLY A 136 -14.53 19.77 -37.04
CA GLY A 136 -14.44 20.49 -38.29
C GLY A 136 -14.76 19.62 -39.49
N LYS A 137 -13.84 19.69 -40.44
CA LYS A 137 -13.89 18.96 -41.70
C LYS A 137 -13.65 17.48 -41.45
N GLU A 138 -14.43 16.64 -42.11
CA GLU A 138 -14.34 15.22 -41.86
C GLU A 138 -12.97 14.70 -42.13
N ASN A 139 -12.58 13.77 -41.27
CA ASN A 139 -11.33 13.08 -41.46
C ASN A 139 -11.62 11.73 -42.11
N PRO A 140 -11.22 11.60 -43.39
CA PRO A 140 -11.30 10.41 -44.24
C PRO A 140 -10.51 9.25 -43.64
N ASN A 141 -9.50 9.59 -42.84
CA ASN A 141 -8.63 8.60 -42.23
C ASN A 141 -9.32 7.92 -41.04
N LEU A 142 -10.40 8.53 -40.57
CA LEU A 142 -11.18 7.96 -39.47
C LEU A 142 -12.22 6.96 -39.93
N ASP A 143 -12.77 7.16 -41.13
CA ASP A 143 -13.89 6.33 -41.60
C ASP A 143 -13.61 4.82 -41.68
N PRO A 144 -12.39 4.41 -42.11
CA PRO A 144 -12.16 2.95 -42.11
C PRO A 144 -12.35 2.34 -40.73
N ILE A 145 -12.26 3.18 -39.70
CA ILE A 145 -12.48 2.75 -38.34
C ILE A 145 -13.96 2.74 -37.96
N LEU A 146 -14.68 3.80 -38.32
CA LEU A 146 -16.06 3.87 -37.89
C LEU A 146 -16.93 2.87 -38.64
N ASN A 154 -11.62 -9.17 -42.83
CA ASN A 154 -10.99 -8.35 -43.85
C ASN A 154 -11.22 -6.89 -43.58
N PHE A 155 -10.24 -6.26 -42.95
CA PHE A 155 -10.32 -4.86 -42.59
C PHE A 155 -9.84 -3.90 -43.68
N LYS A 156 -10.33 -2.67 -43.56
CA LYS A 156 -10.00 -1.56 -44.44
C LYS A 156 -8.49 -1.33 -44.54
N GLU A 157 -8.01 -0.86 -45.69
CA GLU A 157 -6.68 -0.26 -45.71
C GLU A 157 -6.74 0.96 -44.81
N VAL A 158 -5.75 1.17 -43.94
CA VAL A 158 -5.69 2.44 -43.24
C VAL A 158 -4.54 3.28 -43.76
N ALA A 159 -4.85 4.48 -44.20
CA ALA A 159 -3.84 5.34 -44.75
C ALA A 159 -3.04 5.98 -43.62
N LEU A 160 -2.11 5.21 -43.09
CA LEU A 160 -1.30 5.65 -42.00
C LEU A 160 -0.35 6.70 -42.53
N ASP A 161 -0.05 6.54 -43.80
CA ASP A 161 0.87 7.40 -44.51
C ASP A 161 0.16 8.70 -44.84
N ALA A 162 -1.17 8.66 -44.80
CA ALA A 162 -1.96 9.85 -45.02
C ALA A 162 -2.39 10.41 -43.67
N PHE A 163 -2.22 9.61 -42.62
CA PHE A 163 -2.76 9.95 -41.32
C PHE A 163 -1.98 11.08 -40.62
N LEU A 164 -0.65 11.05 -40.62
CA LEU A 164 0.11 12.08 -39.93
C LEU A 164 0.51 13.26 -40.82
N PRO A 165 0.51 14.48 -40.25
CA PRO A 165 0.97 15.66 -41.00
C PRO A 165 2.38 15.47 -41.52
N LYS A 166 2.68 16.01 -42.70
CA LYS A 166 3.99 15.77 -43.29
C LYS A 166 4.96 16.60 -42.52
N SER A 167 4.50 17.73 -42.04
CA SER A 167 5.32 18.50 -41.14
C SER A 167 4.61 18.49 -39.81
N ILE A 168 5.36 18.22 -38.76
CA ILE A 168 4.79 18.14 -37.42
C ILE A 168 5.67 18.90 -36.45
N ASN A 169 5.03 19.57 -35.50
CA ASN A 169 5.70 20.08 -34.30
C ASN A 169 5.33 19.27 -33.07
N TYR A 170 6.30 18.84 -32.28
CA TYR A 170 5.97 18.00 -31.15
C TYR A 170 6.63 18.35 -29.81
N TYR A 171 6.06 17.83 -28.72
CA TYR A 171 6.70 17.92 -27.42
C TYR A 171 7.19 16.57 -27.00
N HIS A 172 8.45 16.50 -26.60
CA HIS A 172 9.06 15.23 -26.23
C HIS A 172 9.68 15.27 -24.85
N PHE A 173 9.44 14.20 -24.09
CA PHE A 173 9.85 14.08 -22.70
C PHE A 173 9.72 12.62 -22.31
N ASN A 174 10.17 12.25 -21.13
CA ASN A 174 9.94 10.89 -20.67
C ASN A 174 8.72 10.86 -19.75
N GLY A 175 7.83 9.91 -20.02
CA GLY A 175 6.63 9.81 -19.21
C GLY A 175 6.18 8.38 -19.02
N SER A 176 4.88 8.16 -18.95
CA SER A 176 4.40 6.84 -18.64
C SER A 176 3.24 6.47 -19.51
N LEU A 177 2.80 5.23 -19.38
CA LEU A 177 1.55 4.81 -19.98
C LEU A 177 0.43 5.60 -19.28
N THR A 178 -0.59 6.02 -20.00
CA THR A 178 -1.61 6.82 -19.33
C THR A 178 -2.69 5.96 -18.68
N ALA A 179 -2.66 4.65 -18.95
CA ALA A 179 -3.58 3.71 -18.32
C ALA A 179 -2.80 2.68 -17.49
N PRO A 180 -3.42 2.10 -16.44
CA PRO A 180 -2.72 1.07 -15.67
C PRO A 180 -2.16 -0.02 -16.58
N PRO A 181 -1.01 -0.59 -16.25
CA PRO A 181 -0.15 -0.47 -15.06
C PRO A 181 0.71 0.79 -14.93
N CYS A 182 0.44 1.82 -15.75
CA CYS A 182 1.12 3.11 -15.66
C CYS A 182 2.65 3.01 -15.73
N THR A 183 3.15 2.10 -16.57
CA THR A 183 4.59 1.83 -16.65
C THR A 183 5.36 3.07 -17.00
N GLU A 184 6.46 3.33 -16.29
CA GLU A 184 7.25 4.50 -16.61
C GLU A 184 8.35 4.14 -17.62
N GLY A 185 9.09 5.13 -18.08
CA GLY A 185 10.11 4.95 -19.08
C GLY A 185 9.62 5.09 -20.51
N VAL A 186 8.49 5.76 -20.68
CA VAL A 186 7.87 5.94 -22.00
C VAL A 186 8.39 7.19 -22.70
N ALA A 187 8.93 7.01 -23.90
CA ALA A 187 9.35 8.14 -24.68
C ALA A 187 8.11 8.71 -25.34
N TRP A 188 7.64 9.83 -24.82
CA TRP A 188 6.42 10.42 -25.30
C TRP A 188 6.76 11.50 -26.32
N PHE A 189 6.07 11.50 -27.45
CA PHE A 189 6.19 12.61 -28.36
C PHE A 189 4.80 13.21 -28.59
N VAL A 190 4.61 14.46 -28.21
CA VAL A 190 3.29 15.06 -28.36
C VAL A 190 3.25 16.12 -29.44
N ILE A 191 2.66 15.78 -30.57
CA ILE A 191 2.55 16.70 -31.70
C ILE A 191 1.45 17.73 -31.46
N GLU A 192 1.81 19.01 -31.56
CA GLU A 192 0.88 20.11 -31.25
C GLU A 192 -0.18 20.31 -32.32
N GLU A 193 0.15 19.94 -33.55
CA GLU A 193 -0.74 20.13 -34.69
C GLU A 193 -1.99 19.26 -34.59
N PRO A 194 -3.16 19.90 -34.65
CA PRO A 194 -4.45 19.21 -34.63
C PRO A 194 -4.85 18.55 -35.97
N LEU A 195 -5.51 17.39 -35.89
CA LEU A 195 -6.22 16.85 -37.02
C LEU A 195 -7.69 17.24 -36.90
N GLU A 196 -8.49 16.86 -37.89
CA GLU A 196 -9.85 17.36 -37.97
C GLU A 196 -10.87 16.25 -37.94
N VAL A 197 -11.91 16.39 -37.12
CA VAL A 197 -12.98 15.41 -37.07
C VAL A 197 -14.35 16.07 -37.27
N SER A 198 -15.28 15.37 -37.92
CA SER A 198 -16.68 15.82 -38.00
C SER A 198 -17.35 15.65 -36.63
N ALA A 199 -18.53 16.24 -36.44
CA ALA A 199 -19.24 16.05 -35.17
C ALA A 199 -19.80 14.64 -35.06
N LYS A 200 -20.31 14.15 -36.19
CA LYS A 200 -20.87 12.81 -36.23
C LYS A 200 -19.76 11.79 -36.00
N GLN A 201 -18.60 12.01 -36.60
CA GLN A 201 -17.47 11.12 -36.34
C GLN A 201 -17.05 11.25 -34.88
N LEU A 202 -17.04 12.49 -34.40
CA LEU A 202 -16.72 12.78 -33.00
C LEU A 202 -17.66 12.06 -32.06
N ALA A 203 -18.95 12.13 -32.37
CA ALA A 203 -19.96 11.45 -31.61
C ALA A 203 -19.94 9.93 -31.81
N GLU A 204 -19.68 9.47 -33.03
CA GLU A 204 -19.87 8.07 -33.37
C GLU A 204 -18.93 7.10 -32.64
N ILE A 205 -17.66 7.45 -32.48
CA ILE A 205 -16.78 6.50 -31.80
C ILE A 205 -16.75 6.64 -30.28
N LYS A 206 -17.36 7.70 -29.73
CA LYS A 206 -17.50 7.80 -28.27
C LYS A 206 -18.42 6.65 -27.84
N LYS A 207 -19.33 6.32 -28.74
CA LYS A 207 -20.28 5.24 -28.57
C LYS A 207 -19.60 3.88 -28.69
N ARG A 208 -18.52 3.83 -29.46
CA ARG A 208 -17.76 2.58 -29.53
C ARG A 208 -16.89 2.49 -28.30
N MET A 209 -16.68 3.64 -27.66
CA MET A 209 -16.11 3.70 -26.32
C MET A 209 -17.23 3.78 -25.29
N LYS A 210 -18.44 3.45 -25.73
CA LYS A 210 -19.61 3.43 -24.86
C LYS A 210 -19.93 4.77 -24.25
N ASN A 211 -19.68 5.84 -24.99
CA ASN A 211 -20.06 7.19 -24.57
C ASN A 211 -19.52 7.52 -23.16
N SER A 212 -18.46 6.85 -22.75
CA SER A 212 -17.84 7.13 -21.47
C SER A 212 -16.45 7.70 -21.68
N PRO A 213 -16.18 8.87 -21.06
CA PRO A 213 -14.87 9.54 -21.08
C PRO A 213 -13.75 8.64 -20.55
N ASN A 214 -12.70 8.47 -21.34
CA ASN A 214 -11.54 7.71 -20.91
C ASN A 214 -10.28 8.61 -20.82
N GLN A 215 -10.43 9.72 -20.11
CA GLN A 215 -9.34 10.67 -19.91
C GLN A 215 -8.80 10.67 -18.49
N ARG A 216 -7.53 10.29 -18.33
CA ARG A 216 -6.84 10.36 -17.03
C ARG A 216 -6.56 11.80 -16.63
N PRO A 217 -6.91 12.16 -15.39
CA PRO A 217 -6.60 13.52 -14.93
C PRO A 217 -5.10 13.82 -14.96
N VAL A 218 -4.75 15.11 -15.02
CA VAL A 218 -3.36 15.55 -14.97
C VAL A 218 -2.68 15.14 -13.64
N GLN A 219 -1.49 14.56 -13.76
CA GLN A 219 -0.71 14.09 -12.61
C GLN A 219 0.22 15.15 -12.09
N PRO A 220 0.67 15.01 -10.84
CA PRO A 220 1.67 15.95 -10.32
C PRO A 220 2.92 15.87 -11.16
N ASP A 221 3.53 16.99 -11.47
CA ASP A 221 4.75 17.02 -12.27
C ASP A 221 5.97 17.42 -11.45
N TYR A 222 7.09 16.75 -11.68
CA TYR A 222 8.31 17.13 -10.98
C TYR A 222 9.36 17.72 -11.91
N ASN A 223 9.05 18.85 -12.53
CA ASN A 223 9.98 19.52 -13.44
C ASN A 223 10.40 18.66 -14.61
N THR A 224 9.42 18.13 -15.33
CA THR A 224 9.66 17.35 -16.54
C THR A 224 10.48 18.19 -17.50
N VAL A 225 11.53 17.60 -18.05
CA VAL A 225 12.28 18.28 -19.09
C VAL A 225 11.57 18.04 -20.42
N ILE A 226 11.05 19.09 -21.04
CA ILE A 226 10.39 18.91 -22.32
C ILE A 226 11.25 19.63 -23.37
N ILE A 227 11.45 18.99 -24.52
CA ILE A 227 12.15 19.66 -25.61
C ILE A 227 11.12 19.93 -26.71
N LYS A 228 11.31 21.03 -27.43
CA LYS A 228 10.48 21.41 -28.56
C LYS A 228 11.19 21.30 -29.89
N SER A 229 10.56 20.66 -30.86
CA SER A 229 11.18 20.54 -32.18
C SER A 229 10.13 20.24 -33.22
N SER A 230 10.57 20.00 -34.44
CA SER A 230 9.68 19.73 -35.56
C SER A 230 10.30 18.72 -36.50
N ALA A 231 9.45 17.97 -37.18
CA ALA A 231 9.95 17.00 -38.12
C ALA A 231 9.04 16.88 -39.32
N GLU A 232 9.62 16.36 -40.41
CA GLU A 232 8.87 16.09 -41.63
C GLU A 232 8.37 14.66 -41.63
N THR B 8 21.53 -4.30 8.07
CA THR B 8 20.52 -3.31 7.74
C THR B 8 21.16 -2.01 7.21
N LYS B 9 22.36 -1.73 7.70
CA LYS B 9 23.13 -0.55 7.28
C LYS B 9 23.58 -0.72 5.84
N TRP B 10 23.42 0.30 5.01
CA TRP B 10 23.77 0.18 3.59
C TRP B 10 25.16 0.67 3.27
N ASP B 11 25.71 0.32 2.11
CA ASP B 11 27.05 0.80 1.76
C ASP B 11 27.47 0.81 0.27
N TYR B 12 28.78 0.75 0.05
CA TYR B 12 29.42 0.91 -1.26
C TYR B 12 29.79 -0.29 -2.12
N LYS B 13 30.55 -1.21 -1.54
CA LYS B 13 31.23 -2.22 -2.33
C LYS B 13 30.64 -3.62 -2.40
N ASN B 14 31.33 -4.42 -3.20
CA ASN B 14 30.86 -5.58 -3.93
C ASN B 14 29.86 -6.42 -3.14
N LYS B 15 30.18 -6.69 -1.87
CA LYS B 15 29.39 -7.67 -1.09
C LYS B 15 27.91 -7.32 -1.21
N GLU B 16 27.07 -8.30 -0.92
CA GLU B 16 25.62 -8.13 -1.01
C GLU B 16 25.13 -6.78 -0.49
N ASN B 17 25.88 -6.18 0.43
CA ASN B 17 25.44 -4.94 1.04
C ASN B 17 25.95 -3.98 0.00
N GLY B 18 25.62 -4.27 -1.26
CA GLY B 18 26.24 -3.60 -2.37
C GLY B 18 25.29 -2.96 -3.33
N PRO B 19 25.85 -2.56 -4.46
CA PRO B 19 25.17 -1.60 -5.35
C PRO B 19 24.02 -2.28 -6.06
N HIS B 20 24.30 -3.52 -6.48
CA HIS B 20 23.36 -4.42 -7.15
C HIS B 20 22.20 -4.75 -6.19
N ARG B 21 22.49 -4.64 -4.91
CA ARG B 21 21.58 -5.15 -3.88
C ARG B 21 21.09 -4.15 -2.79
N TRP B 22 21.07 -2.86 -3.11
CA TRP B 22 20.36 -1.84 -2.32
C TRP B 22 18.91 -2.22 -2.07
N ASP B 23 18.32 -2.74 -3.13
CA ASP B 23 16.91 -3.08 -3.16
C ASP B 23 16.63 -4.25 -2.29
N LYS B 24 17.68 -5.01 -2.00
CA LYS B 24 17.50 -6.23 -1.25
C LYS B 24 17.54 -5.84 0.21
N LEU B 25 18.20 -4.72 0.47
CA LEU B 25 18.40 -4.25 1.82
C LEU B 25 17.15 -3.73 2.51
N HIS B 26 16.29 -3.07 1.76
CA HIS B 26 15.06 -2.57 2.32
C HIS B 26 13.99 -2.57 1.27
N LYS B 27 12.73 -2.54 1.71
CA LYS B 27 11.61 -2.47 0.79
C LYS B 27 11.44 -1.02 0.36
N ASP B 28 11.97 -0.12 1.17
CA ASP B 28 12.02 1.28 0.79
C ASP B 28 12.95 1.51 -0.41
N PHE B 29 13.99 0.69 -0.54
CA PHE B 29 14.99 0.93 -1.58
C PHE B 29 14.65 0.13 -2.83
N GLU B 30 13.39 -0.25 -2.96
CA GLU B 30 12.96 -1.11 -4.06
C GLU B 30 13.24 -0.41 -5.39
N VAL B 31 12.94 0.88 -5.41
CA VAL B 31 13.04 1.67 -6.62
C VAL B 31 14.50 1.72 -7.09
N CYS B 32 15.42 1.46 -6.17
CA CYS B 32 16.83 1.34 -6.51
C CYS B 32 17.02 0.26 -7.55
N LYS B 33 16.06 -0.65 -7.64
CA LYS B 33 16.04 -1.66 -8.70
C LYS B 33 14.91 -1.41 -9.68
N SER B 34 13.74 -1.05 -9.18
CA SER B 34 12.59 -0.95 -10.05
C SER B 34 12.51 0.35 -10.84
N GLY B 35 13.26 1.36 -10.42
CA GLY B 35 13.13 2.67 -11.02
C GLY B 35 13.54 2.78 -12.47
N LYS B 36 12.85 3.63 -13.21
CA LYS B 36 13.11 3.80 -14.63
C LYS B 36 13.88 5.07 -14.91
N SER B 37 14.24 5.83 -13.88
CA SER B 37 15.00 7.07 -14.05
CA SER B 37 15.02 7.06 -14.08
C SER B 37 16.06 7.22 -12.98
N GLN B 38 16.87 6.20 -12.81
CA GLN B 38 17.87 6.16 -11.76
C GLN B 38 19.15 6.85 -12.21
N SER B 39 19.74 7.59 -11.29
CA SER B 39 21.01 8.28 -11.48
C SER B 39 22.04 7.74 -10.47
N PRO B 40 23.36 7.87 -10.75
CA PRO B 40 23.98 8.60 -11.86
C PRO B 40 24.06 7.86 -13.16
N ILE B 41 24.22 8.64 -14.22
CA ILE B 41 24.40 8.11 -15.56
C ILE B 41 25.55 8.82 -16.24
N ASN B 42 25.92 8.29 -17.42
CA ASN B 42 26.89 8.91 -18.29
C ASN B 42 26.11 9.78 -19.29
N ILE B 43 26.27 11.10 -19.20
CA ILE B 43 25.52 12.03 -20.02
C ILE B 43 26.16 12.18 -21.38
N GLU B 44 25.50 11.67 -22.39
CA GLU B 44 26.10 11.68 -23.71
C GLU B 44 25.20 12.16 -24.83
N HIS B 45 23.90 11.94 -24.77
CA HIS B 45 23.09 12.51 -25.84
C HIS B 45 22.14 13.53 -25.25
N TYR B 46 22.29 14.79 -25.68
CA TYR B 46 21.48 15.88 -25.14
C TYR B 46 21.19 16.91 -26.20
N TYR B 47 20.34 17.85 -25.83
CA TYR B 47 19.89 18.84 -26.77
C TYR B 47 20.41 20.19 -26.34
N HIS B 48 20.83 20.99 -27.32
CA HIS B 48 21.34 22.31 -27.07
C HIS B 48 20.23 23.34 -27.19
N THR B 49 20.22 24.32 -26.30
CA THR B 49 19.20 25.37 -26.36
C THR B 49 19.66 26.68 -25.68
N ALA B 53 18.99 28.98 -17.02
CA ALA B 53 18.23 29.89 -17.86
C ALA B 53 17.05 30.49 -17.09
N ASP B 54 16.24 29.61 -16.49
CA ASP B 54 15.18 30.06 -15.61
C ASP B 54 15.59 29.67 -14.18
N LEU B 55 16.90 29.66 -13.99
CA LEU B 55 17.57 29.33 -12.74
C LEU B 55 18.02 30.64 -12.09
N GLN B 56 17.76 30.83 -10.80
CA GLN B 56 18.19 32.08 -10.16
C GLN B 56 18.77 31.80 -8.76
N PHE B 57 19.79 32.53 -8.34
CA PHE B 57 20.50 32.11 -7.12
C PHE B 57 20.36 33.03 -5.92
N LYS B 58 19.99 32.45 -4.78
CA LYS B 58 19.96 33.17 -3.51
C LYS B 58 20.86 32.54 -2.43
N TYR B 59 22.16 32.50 -2.68
CA TYR B 59 23.08 32.02 -1.65
C TYR B 59 23.60 33.15 -0.79
N ALA B 60 24.01 32.85 0.43
CA ALA B 60 24.67 33.82 1.30
C ALA B 60 25.78 33.14 2.09
N ALA B 61 26.80 33.91 2.44
CA ALA B 61 27.93 33.37 3.20
C ALA B 61 27.43 32.94 4.55
N SER B 62 27.61 31.67 4.87
CA SER B 62 26.97 31.19 6.06
C SER B 62 27.84 30.24 6.85
N LYS B 63 27.75 30.39 8.16
CA LYS B 63 28.36 29.46 9.07
C LYS B 63 27.38 28.32 9.08
N PRO B 64 27.87 27.10 8.85
CA PRO B 64 27.02 25.90 8.80
C PRO B 64 26.23 25.65 10.09
N LYS B 65 25.16 24.89 9.94
CA LYS B 65 24.33 24.47 11.06
C LYS B 65 25.04 23.30 11.67
N ALA B 66 25.60 22.49 10.77
CA ALA B 66 26.34 21.30 11.14
C ALA B 66 27.25 20.87 10.00
N VAL B 67 28.47 20.49 10.34
CA VAL B 67 29.41 19.89 9.41
C VAL B 67 29.72 18.49 9.89
N PHE B 68 29.17 17.49 9.23
CA PHE B 68 29.37 16.16 9.74
C PHE B 68 29.38 15.09 8.67
N PHE B 69 30.14 14.05 8.98
CA PHE B 69 30.17 12.86 8.16
C PHE B 69 28.94 12.10 8.56
N THR B 70 28.13 11.78 7.57
CA THR B 70 26.93 11.00 7.79
C THR B 70 26.69 10.13 6.60
N HIS B 71 26.20 8.93 6.87
CA HIS B 71 25.83 7.99 5.81
C HIS B 71 26.92 7.93 4.75
N HIS B 72 28.15 7.69 5.21
CA HIS B 72 29.32 7.43 4.36
C HIS B 72 29.91 8.67 3.70
N THR B 73 29.30 9.82 3.96
CA THR B 73 29.71 11.03 3.25
C THR B 73 29.91 12.23 4.18
N LEU B 74 30.88 13.08 3.84
CA LEU B 74 31.03 14.36 4.52
C LEU B 74 29.93 15.32 4.09
N LYS B 75 29.34 15.97 5.08
CA LYS B 75 28.20 16.83 4.81
C LYS B 75 28.16 18.10 5.63
N ALA B 76 27.72 19.18 5.01
CA ALA B 76 27.48 20.41 5.72
C ALA B 76 26.04 20.86 5.54
N SER B 77 25.38 21.16 6.65
CA SER B 77 23.99 21.57 6.64
C SER B 77 23.88 23.07 6.90
N PHE B 78 22.75 23.68 6.55
CA PHE B 78 22.55 25.11 6.82
C PHE B 78 21.13 25.37 7.25
N GLU B 79 20.91 26.48 7.94
CA GLU B 79 19.53 26.92 8.09
C GLU B 79 19.21 27.48 6.73
N PRO B 80 17.94 27.45 6.34
CA PRO B 80 17.41 27.82 5.02
C PRO B 80 17.35 29.32 4.65
N THR B 81 18.51 29.94 4.44
CA THR B 81 18.57 31.36 4.06
C THR B 81 18.92 31.42 2.60
N ASN B 82 19.42 30.30 2.10
CA ASN B 82 19.88 30.17 0.74
C ASN B 82 18.89 29.40 -0.11
N HIS B 83 18.60 29.92 -1.30
CA HIS B 83 17.59 29.33 -2.18
C HIS B 83 18.07 29.23 -3.62
N ILE B 84 17.43 28.36 -4.39
CA ILE B 84 17.58 28.34 -5.84
C ILE B 84 16.19 28.46 -6.41
N ASN B 85 16.04 29.29 -7.43
CA ASN B 85 14.78 29.54 -8.06
C ASN B 85 14.69 28.94 -9.47
N TYR B 86 13.75 28.03 -9.65
CA TYR B 86 13.53 27.37 -10.93
C TYR B 86 12.06 27.44 -11.35
N ARG B 87 11.82 27.90 -12.57
CA ARG B 87 10.48 28.02 -13.15
C ARG B 87 9.51 28.78 -12.26
N GLY B 88 10.01 29.85 -11.65
CA GLY B 88 9.18 30.68 -10.81
C GLY B 88 8.98 30.02 -9.45
N HIS B 89 9.74 28.97 -9.19
CA HIS B 89 9.69 28.30 -7.90
C HIS B 89 11.04 28.36 -7.16
N ASP B 90 10.98 28.63 -5.86
CA ASP B 90 12.16 28.67 -5.00
C ASP B 90 12.44 27.32 -4.35
N TYR B 91 13.65 26.82 -4.57
CA TYR B 91 14.10 25.58 -3.94
C TYR B 91 15.20 25.95 -2.98
N VAL B 92 14.96 25.63 -1.71
CA VAL B 92 15.80 26.06 -0.61
C VAL B 92 16.95 25.12 -0.33
N LEU B 93 18.15 25.65 -0.13
CA LEU B 93 19.30 24.82 0.21
C LEU B 93 19.21 24.30 1.65
N ASP B 94 19.34 22.98 1.81
CA ASP B 94 19.30 22.35 3.13
C ASP B 94 20.73 21.94 3.54
N ASN B 95 21.48 21.39 2.59
CA ASN B 95 22.85 20.97 2.87
C ASN B 95 23.69 20.76 1.62
N VAL B 96 24.99 20.62 1.85
CA VAL B 96 25.94 20.33 0.77
C VAL B 96 26.91 19.21 1.11
N HIS B 97 26.97 18.19 0.26
CA HIS B 97 27.81 17.04 0.52
C HIS B 97 28.71 16.68 -0.64
N PHE B 98 29.56 15.68 -0.42
CA PHE B 98 30.63 15.36 -1.36
C PHE B 98 30.63 13.91 -1.83
N HIS B 99 31.10 13.72 -3.05
CA HIS B 99 31.21 12.41 -3.64
C HIS B 99 32.60 12.27 -4.24
N ALA B 100 33.27 11.16 -3.99
CA ALA B 100 34.57 10.94 -4.61
C ALA B 100 34.72 9.49 -4.99
N PRO B 101 34.97 9.22 -6.27
CA PRO B 101 35.01 10.18 -7.37
C PRO B 101 33.63 10.67 -7.78
N MET B 102 33.62 11.58 -8.73
CA MET B 102 32.41 12.15 -9.30
C MET B 102 31.48 11.08 -9.86
N GLU B 103 30.23 11.09 -9.40
CA GLU B 103 29.24 10.09 -9.75
C GLU B 103 28.67 10.23 -11.14
N PHE B 104 28.23 11.43 -11.48
CA PHE B 104 27.67 11.67 -12.79
C PHE B 104 28.82 11.74 -13.78
N LEU B 105 28.65 11.14 -14.95
CA LEU B 105 29.72 11.18 -15.93
C LEU B 105 29.28 12.04 -17.11
N ILE B 106 30.12 12.95 -17.57
CA ILE B 106 29.68 13.73 -18.73
C ILE B 106 30.43 13.30 -19.98
N ASN B 107 29.73 12.55 -20.83
CA ASN B 107 30.35 11.90 -21.97
C ASN B 107 31.61 11.18 -21.47
N ASN B 108 31.43 10.27 -20.51
CA ASN B 108 32.51 9.54 -19.85
C ASN B 108 33.56 10.47 -19.31
N LYS B 109 33.21 11.11 -18.22
CA LYS B 109 34.08 12.08 -17.63
C LYS B 109 34.11 12.02 -16.12
N THR B 110 35.09 11.33 -15.56
CA THR B 110 35.15 11.33 -14.12
C THR B 110 36.08 12.46 -13.70
N ARG B 111 35.73 13.11 -12.59
CA ARG B 111 36.62 14.00 -11.87
C ARG B 111 36.74 13.45 -10.46
N PRO B 112 37.92 13.56 -9.82
CA PRO B 112 38.19 12.94 -8.50
C PRO B 112 37.22 13.29 -7.38
N LEU B 113 36.46 14.36 -7.57
CA LEU B 113 35.59 14.84 -6.52
C LEU B 113 34.40 15.56 -7.13
N SER B 114 33.25 15.48 -6.47
CA SER B 114 32.10 16.32 -6.83
C SER B 114 31.41 16.78 -5.55
N ALA B 115 30.61 17.83 -5.64
CA ALA B 115 29.81 18.25 -4.50
C ALA B 115 28.32 18.38 -4.92
N HIS B 116 27.41 18.07 -4.01
CA HIS B 116 25.99 18.06 -4.37
C HIS B 116 25.17 19.00 -3.47
N PHE B 117 24.55 20.00 -4.11
CA PHE B 117 23.67 20.97 -3.43
C PHE B 117 22.22 20.52 -3.44
N VAL B 118 21.73 20.12 -2.28
CA VAL B 118 20.41 19.50 -2.19
C VAL B 118 19.29 20.47 -1.86
N HIS B 119 18.30 20.55 -2.76
CA HIS B 119 17.20 21.49 -2.63
C HIS B 119 15.79 20.87 -2.70
N LYS B 120 14.86 21.52 -2.01
CA LYS B 120 13.45 21.14 -2.00
C LYS B 120 12.58 22.39 -2.08
N ASP B 121 11.40 22.27 -2.66
CA ASP B 121 10.51 23.41 -2.73
C ASP B 121 9.42 23.43 -1.69
N ALA B 122 8.41 24.27 -1.92
CA ALA B 122 7.24 24.35 -1.07
C ALA B 122 6.50 23.02 -1.05
N LYS B 123 6.33 22.43 -2.23
CA LYS B 123 5.58 21.18 -2.33
C LYS B 123 6.46 19.99 -1.95
N GLY B 124 7.75 20.20 -1.82
CA GLY B 124 8.66 19.12 -1.50
C GLY B 124 9.33 18.48 -2.71
N ARG B 125 9.17 19.10 -3.87
CA ARG B 125 9.84 18.60 -5.06
C ARG B 125 11.32 18.95 -4.93
N LEU B 126 12.19 18.14 -5.51
CA LEU B 126 13.64 18.24 -5.27
C LEU B 126 14.43 18.79 -6.45
N LEU B 127 15.43 19.62 -6.15
CA LEU B 127 16.34 20.20 -7.15
C LEU B 127 17.78 20.03 -6.66
N VAL B 128 18.58 19.33 -7.44
CA VAL B 128 19.97 19.13 -7.04
C VAL B 128 21.02 19.55 -8.07
N LEU B 129 22.03 20.23 -7.54
CA LEU B 129 23.12 20.78 -8.30
C LEU B 129 24.42 20.02 -8.09
N ALA B 130 25.04 19.61 -9.17
CA ALA B 130 26.31 18.88 -9.10
C ALA B 130 27.40 19.60 -9.86
N ILE B 131 28.59 19.66 -9.29
CA ILE B 131 29.74 20.22 -10.02
C ILE B 131 30.98 19.47 -9.59
N GLY B 132 31.83 19.15 -10.55
CA GLY B 132 33.02 18.35 -10.32
C GLY B 132 34.26 19.15 -9.94
N PHE B 133 35.27 18.47 -9.44
CA PHE B 133 36.52 19.14 -9.08
C PHE B 133 37.71 18.60 -9.84
N GLU B 134 38.69 19.47 -10.08
CA GLU B 134 39.95 19.10 -10.72
C GLU B 134 41.16 19.21 -9.84
N GLU B 135 42.13 18.36 -10.15
CA GLU B 135 43.43 18.41 -9.53
C GLU B 135 44.01 19.75 -9.96
N GLY B 136 44.28 20.63 -9.01
CA GLY B 136 44.79 21.94 -9.37
C GLY B 136 45.18 22.83 -8.23
N LYS B 137 44.88 24.13 -8.30
CA LYS B 137 45.29 25.00 -7.19
C LYS B 137 44.34 24.85 -6.04
N GLU B 138 44.77 25.31 -4.87
CA GLU B 138 43.98 25.12 -3.68
C GLU B 138 42.68 25.89 -3.75
N ASN B 139 41.60 25.24 -3.33
CA ASN B 139 40.29 25.87 -3.24
C ASN B 139 40.01 26.26 -1.81
N PRO B 140 40.01 27.57 -1.54
CA PRO B 140 39.76 28.27 -0.27
C PRO B 140 38.36 28.02 0.30
N ASN B 141 37.39 27.73 -0.55
CA ASN B 141 36.02 27.57 -0.10
C ASN B 141 35.87 26.26 0.63
N LEU B 142 36.89 25.42 0.48
CA LEU B 142 36.95 24.12 1.10
C LEU B 142 37.45 24.20 2.55
N ASP B 143 38.28 25.19 2.81
CA ASP B 143 38.93 25.27 4.11
C ASP B 143 37.97 25.39 5.33
N PRO B 144 36.87 26.18 5.23
CA PRO B 144 35.97 26.20 6.40
C PRO B 144 35.31 24.86 6.75
N ILE B 145 35.24 23.95 5.79
CA ILE B 145 34.64 22.64 6.04
C ILE B 145 35.65 21.74 6.75
N LEU B 146 36.83 21.61 6.15
CA LEU B 146 37.87 20.75 6.71
C LEU B 146 38.55 21.45 7.89
N GLU B 147 39.01 22.67 7.63
CA GLU B 147 39.63 23.50 8.66
C GLU B 147 38.49 23.97 9.56
N GLY B 148 38.32 23.27 10.68
CA GLY B 148 37.28 23.61 11.63
C GLY B 148 36.29 22.48 11.85
N ILE B 149 36.11 22.08 13.12
CA ILE B 149 35.20 20.98 13.43
C ILE B 149 34.13 21.27 14.48
N GLN B 150 34.49 22.07 15.48
CA GLN B 150 33.56 22.42 16.56
C GLN B 150 32.12 22.11 16.16
N ASN B 154 30.40 28.01 17.42
CA ASN B 154 30.74 29.19 16.64
C ASN B 154 31.50 28.76 15.38
N PHE B 155 30.73 28.59 14.30
CA PHE B 155 31.19 28.04 13.02
C PHE B 155 31.72 29.09 12.03
N LYS B 156 32.58 28.66 11.10
CA LYS B 156 33.15 29.52 10.06
C LYS B 156 32.31 29.62 8.76
N GLU B 157 32.43 30.78 8.10
CA GLU B 157 31.71 31.10 6.86
C GLU B 157 31.90 30.10 5.74
N VAL B 158 30.82 29.81 5.04
CA VAL B 158 30.93 29.06 3.80
C VAL B 158 30.68 30.02 2.65
N ALA B 159 31.61 30.06 1.70
CA ALA B 159 31.49 31.01 0.60
C ALA B 159 30.55 30.52 -0.49
N LEU B 160 29.26 30.65 -0.20
CA LEU B 160 28.19 30.17 -1.08
C LEU B 160 28.02 31.02 -2.31
N ASP B 161 28.35 32.30 -2.15
CA ASP B 161 28.28 33.22 -3.26
C ASP B 161 29.49 33.12 -4.15
N ALA B 162 30.59 32.61 -3.59
CA ALA B 162 31.84 32.45 -4.32
C ALA B 162 32.07 31.02 -4.77
N PHE B 163 31.19 30.14 -4.32
CA PHE B 163 31.45 28.73 -4.49
C PHE B 163 31.38 28.31 -5.94
N LEU B 164 30.34 28.77 -6.61
CA LEU B 164 30.03 28.40 -7.99
C LEU B 164 30.63 29.37 -9.00
N PRO B 165 30.96 28.87 -10.20
CA PRO B 165 31.40 29.75 -11.28
C PRO B 165 30.40 30.85 -11.54
N LYS B 166 30.88 31.99 -12.04
CA LYS B 166 29.98 33.11 -12.25
C LYS B 166 29.20 32.76 -13.51
N SER B 167 29.91 32.19 -14.47
CA SER B 167 29.30 31.66 -15.66
C SER B 167 29.45 30.15 -15.75
N ILE B 168 28.33 29.52 -16.08
CA ILE B 168 28.22 28.07 -16.17
C ILE B 168 27.45 27.57 -17.39
N ASN B 169 27.90 26.44 -17.90
CA ASN B 169 27.10 25.59 -18.78
C ASN B 169 26.55 24.46 -17.94
N TYR B 170 25.25 24.21 -18.04
CA TYR B 170 24.69 23.16 -17.19
C TYR B 170 23.85 22.21 -18.01
N TYR B 171 23.71 20.98 -17.48
CA TYR B 171 22.85 19.97 -18.04
C TYR B 171 21.66 19.77 -17.13
N HIS B 172 20.49 19.69 -17.74
CA HIS B 172 19.27 19.56 -16.96
C HIS B 172 18.52 18.32 -17.47
N PHE B 173 18.02 17.51 -16.56
CA PHE B 173 17.36 16.28 -16.94
C PHE B 173 16.64 15.76 -15.73
N ASN B 174 15.73 14.82 -15.95
CA ASN B 174 15.05 14.20 -14.83
C ASN B 174 15.66 12.84 -14.50
N GLY B 175 16.00 12.65 -13.23
CA GLY B 175 16.61 11.42 -12.79
C GLY B 175 16.23 11.08 -11.38
N SER B 176 17.20 10.53 -10.65
CA SER B 176 16.98 10.02 -9.31
C SER B 176 18.11 10.35 -8.31
N LEU B 177 17.85 10.04 -7.05
CA LEU B 177 18.85 10.10 -6.01
C LEU B 177 19.91 9.04 -6.24
N THR B 178 21.16 9.35 -5.94
CA THR B 178 22.25 8.39 -6.10
C THR B 178 22.55 7.58 -4.83
N ALA B 179 21.92 7.96 -3.73
CA ALA B 179 21.98 7.23 -2.46
C ALA B 179 20.55 6.88 -2.00
N PRO B 180 20.39 5.79 -1.24
CA PRO B 180 19.06 5.40 -0.79
C PRO B 180 18.23 6.50 -0.12
N PRO B 181 16.89 6.46 -0.31
CA PRO B 181 16.05 5.49 -1.02
C PRO B 181 16.02 5.56 -2.55
N CYS B 182 16.95 6.27 -3.20
CA CYS B 182 17.04 6.38 -4.66
C CYS B 182 15.81 6.99 -5.31
N THR B 183 15.24 7.95 -4.61
CA THR B 183 13.99 8.58 -4.95
C THR B 183 14.02 9.29 -6.32
N GLU B 184 12.98 9.06 -7.11
CA GLU B 184 12.90 9.67 -8.43
C GLU B 184 12.14 11.00 -8.34
N GLY B 185 12.08 11.73 -9.46
CA GLY B 185 11.47 13.05 -9.48
C GLY B 185 12.46 14.15 -9.11
N VAL B 186 13.74 13.86 -9.28
CA VAL B 186 14.82 14.78 -8.91
C VAL B 186 15.22 15.69 -10.07
N ALA B 187 15.16 17.00 -9.82
CA ALA B 187 15.63 17.99 -10.77
C ALA B 187 17.18 18.09 -10.68
N TRP B 188 17.87 17.59 -11.68
CA TRP B 188 19.33 17.56 -11.64
C TRP B 188 19.97 18.63 -12.48
N PHE B 189 20.89 19.38 -11.91
CA PHE B 189 21.68 20.30 -12.72
C PHE B 189 23.15 19.96 -12.55
N VAL B 190 23.80 19.58 -13.64
CA VAL B 190 25.22 19.19 -13.62
C VAL B 190 26.10 20.14 -14.41
N ILE B 191 26.90 20.92 -13.68
CA ILE B 191 27.76 21.92 -14.27
C ILE B 191 28.95 21.29 -15.00
N GLU B 192 29.17 21.73 -16.23
CA GLU B 192 30.24 21.25 -17.08
C GLU B 192 31.59 21.82 -16.60
N GLU B 193 31.55 23.02 -16.03
CA GLU B 193 32.76 23.68 -15.55
C GLU B 193 33.21 23.06 -14.24
N PRO B 194 34.45 22.54 -14.20
CA PRO B 194 34.99 21.98 -12.96
C PRO B 194 35.40 23.09 -12.03
N LEU B 195 35.35 22.88 -10.72
CA LEU B 195 36.01 23.81 -9.83
C LEU B 195 37.40 23.20 -9.66
N GLU B 196 38.31 23.89 -8.99
CA GLU B 196 39.67 23.36 -8.83
C GLU B 196 40.03 23.29 -7.37
N VAL B 197 40.57 22.14 -7.01
CA VAL B 197 41.01 21.84 -5.67
C VAL B 197 42.48 21.37 -5.69
N SER B 198 43.22 21.66 -4.62
CA SER B 198 44.59 21.18 -4.48
C SER B 198 44.63 19.68 -4.26
N ALA B 199 45.79 19.06 -4.44
CA ALA B 199 45.90 17.61 -4.30
C ALA B 199 45.82 17.06 -2.87
N LYS B 200 46.44 17.72 -1.90
CA LYS B 200 46.31 17.33 -0.49
C LYS B 200 44.92 17.64 0.12
N GLN B 201 44.23 18.66 -0.39
CA GLN B 201 42.86 18.89 0.05
C GLN B 201 42.08 17.62 -0.30
N LEU B 202 42.32 17.13 -1.51
CA LEU B 202 41.70 15.91 -2.00
C LEU B 202 42.05 14.65 -1.20
N ALA B 203 43.34 14.48 -0.90
CA ALA B 203 43.77 13.32 -0.15
C ALA B 203 43.20 13.36 1.24
N GLU B 204 43.23 14.55 1.84
CA GLU B 204 42.75 14.73 3.20
C GLU B 204 41.26 14.48 3.27
N ILE B 205 40.56 14.91 2.23
CA ILE B 205 39.11 14.85 2.25
C ILE B 205 38.64 13.47 1.84
N LYS B 206 39.41 12.80 0.98
CA LYS B 206 39.05 11.44 0.64
C LYS B 206 39.33 10.54 1.85
N LYS B 207 40.35 10.90 2.62
CA LYS B 207 40.67 10.20 3.86
C LYS B 207 39.66 10.55 4.95
N ARG B 208 39.08 11.74 4.88
CA ARG B 208 38.07 12.12 5.86
C ARG B 208 36.71 11.50 5.50
N MET B 209 36.56 11.08 4.24
CA MET B 209 35.41 10.26 3.85
C MET B 209 35.80 8.77 3.98
N LYS B 210 36.90 8.56 4.69
CA LYS B 210 37.48 7.25 5.05
C LYS B 210 37.96 6.44 3.85
N ASN B 211 38.30 7.15 2.79
CA ASN B 211 38.94 6.60 1.60
C ASN B 211 38.32 5.39 0.93
N SER B 212 37.01 5.21 1.09
CA SER B 212 36.32 4.19 0.31
C SER B 212 35.49 4.94 -0.69
N PRO B 213 35.70 4.63 -1.97
CA PRO B 213 34.99 5.32 -3.05
C PRO B 213 33.48 5.30 -2.85
N ASN B 214 32.89 6.51 -2.92
CA ASN B 214 31.46 6.70 -2.79
C ASN B 214 30.83 7.14 -4.10
N GLN B 215 31.20 6.43 -5.16
CA GLN B 215 30.69 6.70 -6.46
C GLN B 215 29.71 5.60 -6.80
N ARG B 216 28.42 5.92 -6.90
CA ARG B 216 27.48 4.91 -7.34
C ARG B 216 27.72 4.59 -8.81
N PRO B 217 27.78 3.30 -9.14
CA PRO B 217 27.96 2.98 -10.55
C PRO B 217 26.83 3.56 -11.40
N VAL B 218 27.16 3.74 -12.66
CA VAL B 218 26.29 4.26 -13.66
C VAL B 218 25.02 3.46 -13.74
N GLN B 219 23.90 4.16 -13.77
CA GLN B 219 22.61 3.50 -13.84
C GLN B 219 22.22 3.32 -15.29
N PRO B 220 21.26 2.43 -15.57
CA PRO B 220 20.74 2.23 -16.92
C PRO B 220 20.21 3.50 -17.57
N ASP B 221 20.49 3.64 -18.86
CA ASP B 221 20.08 4.81 -19.64
C ASP B 221 18.91 4.44 -20.54
N TYR B 222 17.82 5.19 -20.45
CA TYR B 222 16.68 4.97 -21.33
C TYR B 222 16.41 6.18 -22.22
N ASN B 223 17.41 6.64 -22.95
CA ASN B 223 17.22 7.81 -23.80
C ASN B 223 16.63 8.96 -23.00
N THR B 224 17.22 9.27 -21.86
CA THR B 224 16.83 10.42 -21.07
C THR B 224 16.98 11.71 -21.86
N VAL B 225 15.99 12.58 -21.73
CA VAL B 225 16.06 13.91 -22.29
C VAL B 225 16.93 14.80 -21.40
N ILE B 226 18.06 15.19 -21.96
CA ILE B 226 18.99 16.05 -21.30
C ILE B 226 19.10 17.34 -22.09
N ILE B 227 19.12 18.48 -21.42
CA ILE B 227 19.37 19.73 -22.14
C ILE B 227 20.71 20.31 -21.67
N LYS B 228 21.40 21.01 -22.55
CA LYS B 228 22.59 21.76 -22.15
C LYS B 228 22.29 23.25 -22.25
N SER B 229 22.69 24.04 -21.26
CA SER B 229 22.37 25.45 -21.25
C SER B 229 23.43 26.21 -20.50
N SER B 230 23.21 27.52 -20.32
CA SER B 230 24.22 28.36 -19.65
C SER B 230 23.51 29.38 -18.80
N ALA B 231 24.11 29.72 -17.68
CA ALA B 231 23.54 30.70 -16.79
C ALA B 231 24.57 31.51 -16.01
N GLU B 232 24.14 32.65 -15.48
CA GLU B 232 24.94 33.45 -14.58
C GLU B 232 24.49 33.06 -13.20
N THR B 233 25.40 32.85 -12.26
CA THR B 233 24.99 32.40 -10.92
C THR B 233 25.02 33.61 -10.02
N ARG B 234 25.69 34.63 -10.51
CA ARG B 234 25.72 35.96 -9.92
C ARG B 234 26.22 36.91 -10.99
N THR C 8 -3.07 -13.82 -14.17
CA THR C 8 -3.68 -14.77 -15.09
C THR C 8 -2.55 -15.52 -15.83
N LYS C 9 -1.37 -14.93 -15.82
CA LYS C 9 -0.23 -15.51 -16.52
C LYS C 9 0.50 -16.59 -15.70
N TRP C 10 -0.16 -17.08 -14.65
CA TRP C 10 0.44 -18.02 -13.69
C TRP C 10 -0.22 -19.36 -13.84
N ASP C 11 0.60 -20.40 -13.79
CA ASP C 11 0.14 -21.78 -13.89
C ASP C 11 1.07 -22.66 -13.08
N TYR C 12 1.01 -23.97 -13.31
CA TYR C 12 1.77 -24.85 -12.46
C TYR C 12 2.88 -25.58 -13.19
N LYS C 13 3.57 -24.92 -14.13
CA LYS C 13 4.49 -25.70 -14.94
C LYS C 13 5.96 -25.56 -14.65
N ASN C 14 6.77 -26.21 -15.48
CA ASN C 14 8.21 -26.32 -15.23
C ASN C 14 8.99 -25.02 -15.48
N LYS C 15 8.62 -24.32 -16.54
CA LYS C 15 9.34 -23.11 -16.96
C LYS C 15 8.97 -21.95 -16.06
N GLU C 16 9.25 -20.74 -16.55
CA GLU C 16 9.04 -19.50 -15.80
C GLU C 16 7.65 -19.33 -15.22
N ASN C 17 6.75 -20.24 -15.58
CA ASN C 17 5.32 -20.01 -15.42
C ASN C 17 4.79 -20.61 -14.13
N GLY C 18 5.36 -21.74 -13.75
CA GLY C 18 4.90 -22.50 -12.61
C GLY C 18 5.07 -21.73 -11.32
N PRO C 19 4.56 -22.32 -10.25
CA PRO C 19 4.36 -21.82 -8.89
C PRO C 19 5.56 -21.20 -8.23
N HIS C 20 6.74 -21.77 -8.49
CA HIS C 20 8.00 -21.29 -7.92
C HIS C 20 8.27 -19.83 -8.29
N ARG C 21 7.65 -19.39 -9.38
CA ARG C 21 7.85 -18.06 -9.91
C ARG C 21 6.60 -17.22 -9.91
N TRP C 22 5.55 -17.64 -9.19
CA TRP C 22 4.31 -16.86 -9.05
C TRP C 22 4.49 -15.42 -8.54
N ASP C 23 5.39 -15.23 -7.58
CA ASP C 23 5.60 -13.93 -6.98
C ASP C 23 6.25 -12.98 -7.97
N LYS C 24 6.86 -13.54 -9.03
CA LYS C 24 7.59 -12.76 -10.02
C LYS C 24 6.68 -12.24 -11.15
N LEU C 25 5.54 -12.89 -11.34
CA LEU C 25 4.62 -12.57 -12.43
C LEU C 25 3.87 -11.24 -12.22
N HIS C 26 3.50 -10.99 -10.95
CA HIS C 26 2.80 -9.80 -10.50
C HIS C 26 3.26 -9.42 -9.08
N LYS C 27 3.03 -8.16 -8.69
CA LYS C 27 3.29 -7.71 -7.34
C LYS C 27 2.12 -8.11 -6.44
N ASP C 28 0.98 -8.43 -7.04
CA ASP C 28 -0.15 -8.95 -6.29
C ASP C 28 0.20 -10.36 -5.70
N PHE C 29 1.06 -11.08 -6.41
CA PHE C 29 1.40 -12.44 -6.05
C PHE C 29 2.70 -12.48 -5.25
N GLU C 30 3.12 -11.35 -4.73
CA GLU C 30 4.41 -11.31 -4.07
C GLU C 30 4.42 -12.20 -2.82
N VAL C 31 3.32 -12.15 -2.09
CA VAL C 31 3.13 -12.86 -0.84
C VAL C 31 3.13 -14.37 -1.05
N CYS C 32 2.91 -14.84 -2.28
CA CYS C 32 2.95 -16.26 -2.59
C CYS C 32 4.29 -16.90 -2.20
N LYS C 33 5.32 -16.08 -2.09
CA LYS C 33 6.62 -16.53 -1.59
C LYS C 33 6.90 -15.93 -0.23
N SER C 34 6.41 -14.71 -0.02
CA SER C 34 6.76 -13.95 1.16
C SER C 34 5.99 -14.38 2.39
N GLY C 35 4.88 -15.08 2.18
CA GLY C 35 4.02 -15.43 3.29
C GLY C 35 4.53 -16.45 4.28
N LYS C 36 4.13 -16.23 5.52
CA LYS C 36 4.58 -17.08 6.60
C LYS C 36 3.49 -18.05 6.99
N SER C 37 2.39 -18.05 6.23
CA SER C 37 1.32 -19.01 6.40
CA SER C 37 1.34 -19.04 6.40
C SER C 37 0.77 -19.46 5.06
N GLN C 38 1.65 -19.96 4.20
CA GLN C 38 1.32 -20.38 2.83
C GLN C 38 0.86 -21.84 2.77
N SER C 39 -0.15 -22.09 1.94
CA SER C 39 -0.73 -23.42 1.71
C SER C 39 -0.57 -23.93 0.28
N PRO C 40 -0.55 -25.27 0.08
CA PRO C 40 -0.72 -26.39 1.02
C PRO C 40 0.54 -26.79 1.75
N ILE C 41 0.35 -27.53 2.84
CA ILE C 41 1.46 -28.13 3.56
C ILE C 41 1.18 -29.59 3.85
N ASN C 42 2.18 -30.29 4.36
CA ASN C 42 1.96 -31.65 4.81
C ASN C 42 1.66 -31.65 6.29
N ILE C 43 0.48 -32.14 6.62
CA ILE C 43 -0.01 -32.23 7.98
C ILE C 43 0.52 -33.52 8.62
N GLU C 44 1.46 -33.38 9.55
CA GLU C 44 1.96 -34.58 10.21
C GLU C 44 2.14 -34.35 11.71
N HIS C 45 2.34 -33.10 12.14
CA HIS C 45 2.39 -32.78 13.55
C HIS C 45 1.19 -31.91 13.99
N TYR C 46 0.35 -32.45 14.87
CA TYR C 46 -0.84 -31.73 15.27
C TYR C 46 -1.18 -32.01 16.73
N TYR C 47 -2.18 -31.28 17.24
CA TYR C 47 -2.63 -31.44 18.61
C TYR C 47 -4.09 -31.92 18.65
N HIS C 48 -4.42 -32.80 19.59
CA HIS C 48 -5.78 -33.30 19.79
C HIS C 48 -6.53 -32.45 20.80
N THR C 49 -7.83 -32.29 20.62
CA THR C 49 -8.67 -31.56 21.56
C THR C 49 -10.12 -32.02 21.56
N GLN C 50 -10.98 -31.32 22.29
CA GLN C 50 -12.40 -31.70 22.36
C GLN C 50 -13.42 -30.57 22.31
N ASP C 51 -14.67 -30.99 22.09
CA ASP C 51 -15.84 -30.14 22.19
C ASP C 51 -15.94 -29.14 21.07
N LYS C 52 -15.51 -29.54 19.89
CA LYS C 52 -15.46 -28.60 18.80
C LYS C 52 -16.47 -28.84 17.69
N ALA C 53 -17.71 -28.56 18.04
CA ALA C 53 -18.75 -28.24 17.11
C ALA C 53 -18.48 -26.81 16.69
N ASP C 54 -17.20 -26.43 16.66
CA ASP C 54 -16.83 -25.13 16.13
C ASP C 54 -17.29 -25.03 14.68
N LEU C 55 -17.81 -26.13 14.14
CA LEU C 55 -18.37 -26.13 12.80
C LEU C 55 -19.80 -26.65 12.79
N GLN C 56 -20.71 -25.84 12.28
CA GLN C 56 -22.12 -26.16 12.19
C GLN C 56 -22.43 -25.93 10.73
N PHE C 57 -23.20 -26.82 10.10
CA PHE C 57 -23.40 -26.68 8.66
C PHE C 57 -24.85 -26.37 8.34
N LYS C 58 -25.08 -25.29 7.59
CA LYS C 58 -26.43 -24.99 7.14
C LYS C 58 -26.44 -25.10 5.63
N TYR C 59 -26.12 -26.30 5.13
CA TYR C 59 -26.16 -26.59 3.71
C TYR C 59 -27.55 -27.07 3.31
N ALA C 60 -27.89 -26.90 2.03
CA ALA C 60 -29.11 -27.42 1.45
C ALA C 60 -28.85 -27.67 0.01
N ALA C 61 -29.67 -28.49 -0.63
CA ALA C 61 -29.53 -28.66 -2.06
C ALA C 61 -29.80 -27.30 -2.69
N SER C 62 -28.84 -26.82 -3.47
CA SER C 62 -28.92 -25.49 -4.06
C SER C 62 -28.41 -25.57 -5.48
N LYS C 63 -29.07 -24.80 -6.33
CA LYS C 63 -28.79 -24.73 -7.75
C LYS C 63 -27.52 -23.93 -8.07
N PRO C 64 -26.57 -24.53 -8.80
CA PRO C 64 -25.34 -23.78 -9.05
C PRO C 64 -25.69 -22.56 -9.88
N LYS C 65 -24.94 -21.48 -9.74
CA LYS C 65 -25.17 -20.30 -10.53
C LYS C 65 -24.40 -20.51 -11.80
N ALA C 66 -23.28 -21.19 -11.64
CA ALA C 66 -22.38 -21.47 -12.72
C ALA C 66 -21.49 -22.67 -12.48
N VAL C 67 -21.34 -23.49 -13.52
CA VAL C 67 -20.33 -24.53 -13.52
C VAL C 67 -19.45 -24.11 -14.67
N PHE C 68 -18.26 -23.60 -14.35
CA PHE C 68 -17.39 -23.07 -15.38
C PHE C 68 -15.92 -23.32 -15.05
N PHE C 69 -15.10 -23.35 -16.09
CA PHE C 69 -13.67 -23.45 -15.90
C PHE C 69 -13.07 -22.06 -15.64
N THR C 70 -12.27 -21.90 -14.59
CA THR C 70 -11.56 -20.65 -14.35
C THR C 70 -10.23 -20.95 -13.71
N HIS C 71 -9.18 -20.21 -14.09
CA HIS C 71 -7.86 -20.35 -13.48
C HIS C 71 -7.41 -21.79 -13.24
N HIS C 72 -7.50 -22.63 -14.27
CA HIS C 72 -7.01 -24.01 -14.22
C HIS C 72 -7.93 -25.01 -13.49
N THR C 73 -9.06 -24.57 -12.95
CA THR C 73 -9.89 -25.45 -12.13
C THR C 73 -11.33 -25.44 -12.58
N LEU C 74 -11.99 -26.59 -12.47
CA LEU C 74 -13.40 -26.63 -12.69
C LEU C 74 -14.01 -26.01 -11.46
N LYS C 75 -15.09 -25.26 -11.63
CA LYS C 75 -15.70 -24.55 -10.52
C LYS C 75 -17.21 -24.65 -10.60
N ALA C 76 -17.84 -24.76 -9.44
CA ALA C 76 -19.28 -24.64 -9.35
C ALA C 76 -19.60 -23.51 -8.41
N SER C 77 -20.42 -22.58 -8.87
CA SER C 77 -20.71 -21.38 -8.12
C SER C 77 -22.07 -21.50 -7.50
N PHE C 78 -22.32 -20.74 -6.43
CA PHE C 78 -23.59 -20.79 -5.77
C PHE C 78 -24.08 -19.44 -5.34
N GLU C 79 -25.38 -19.36 -5.17
CA GLU C 79 -25.98 -18.20 -4.61
C GLU C 79 -25.72 -18.25 -3.10
N PRO C 80 -25.69 -17.09 -2.43
CA PRO C 80 -25.36 -17.05 -1.01
C PRO C 80 -26.50 -17.57 -0.17
N THR C 81 -26.81 -18.85 -0.34
CA THR C 81 -27.90 -19.48 0.36
C THR C 81 -27.37 -20.43 1.42
N ASN C 82 -26.13 -20.86 1.23
CA ASN C 82 -25.50 -21.84 2.07
C ASN C 82 -24.46 -21.25 3.03
N HIS C 83 -24.53 -21.69 4.27
CA HIS C 83 -23.63 -21.16 5.28
C HIS C 83 -23.02 -22.25 6.14
N ILE C 84 -21.84 -21.95 6.65
CA ILE C 84 -21.16 -22.73 7.65
C ILE C 84 -20.94 -21.68 8.70
N ASN C 85 -21.18 -22.02 9.96
CA ASN C 85 -21.04 -21.03 11.02
C ASN C 85 -19.85 -21.34 11.96
N TYR C 86 -18.89 -20.43 12.01
CA TYR C 86 -17.69 -20.60 12.84
C TYR C 86 -17.40 -19.42 13.75
N ARG C 87 -17.15 -19.74 15.01
CA ARG C 87 -16.82 -18.78 16.08
C ARG C 87 -17.84 -17.66 16.24
N GLY C 88 -19.12 -17.95 16.08
CA GLY C 88 -20.12 -16.89 16.24
C GLY C 88 -20.17 -16.04 14.99
N HIS C 89 -19.55 -16.54 13.92
CA HIS C 89 -19.62 -15.90 12.62
C HIS C 89 -20.26 -16.80 11.58
N ASP C 90 -21.11 -16.21 10.76
CA ASP C 90 -21.73 -16.92 9.67
C ASP C 90 -20.79 -16.85 8.50
N TYR C 91 -20.43 -17.99 7.95
CA TYR C 91 -19.61 -18.03 6.74
C TYR C 91 -20.34 -18.59 5.54
N VAL C 92 -20.50 -17.76 4.54
CA VAL C 92 -21.26 -18.10 3.36
C VAL C 92 -20.33 -18.70 2.33
N LEU C 93 -20.74 -19.84 1.79
CA LEU C 93 -20.07 -20.56 0.72
C LEU C 93 -20.23 -19.82 -0.60
N ASP C 94 -19.13 -19.62 -1.31
CA ASP C 94 -19.15 -18.97 -2.62
C ASP C 94 -19.13 -20.01 -3.75
N ASN C 95 -18.31 -21.03 -3.59
CA ASN C 95 -18.11 -22.01 -4.65
C ASN C 95 -17.50 -23.33 -4.24
N VAL C 96 -17.47 -24.27 -5.17
CA VAL C 96 -16.70 -25.50 -5.01
CA VAL C 96 -16.65 -25.46 -4.98
C VAL C 96 -15.77 -25.63 -6.22
N HIS C 97 -14.51 -25.95 -5.99
CA HIS C 97 -13.55 -26.14 -7.11
C HIS C 97 -12.68 -27.36 -6.85
N PHE C 98 -11.87 -27.79 -7.82
CA PHE C 98 -11.11 -29.02 -7.71
C PHE C 98 -9.61 -28.88 -7.94
N HIS C 99 -8.85 -29.73 -7.26
CA HIS C 99 -7.39 -29.84 -7.40
C HIS C 99 -6.97 -31.33 -7.61
N ALA C 100 -6.08 -31.60 -8.55
CA ALA C 100 -5.60 -32.97 -8.77
C ALA C 100 -4.10 -32.98 -9.04
N PRO C 101 -3.31 -33.63 -8.19
CA PRO C 101 -3.70 -34.35 -6.98
C PRO C 101 -4.15 -33.40 -5.88
N MET C 102 -4.68 -33.96 -4.80
CA MET C 102 -5.11 -33.19 -3.65
C MET C 102 -3.92 -32.36 -3.17
N GLU C 103 -4.15 -31.08 -2.94
CA GLU C 103 -3.00 -30.22 -2.66
C GLU C 103 -2.49 -30.41 -1.25
N PHE C 104 -3.40 -30.46 -0.29
CA PHE C 104 -2.95 -30.72 1.06
C PHE C 104 -2.60 -32.22 1.18
N LEU C 105 -1.52 -32.52 1.88
CA LEU C 105 -1.15 -33.90 2.07
C LEU C 105 -1.34 -34.20 3.55
N ILE C 106 -1.96 -35.32 3.85
CA ILE C 106 -2.13 -35.72 5.23
C ILE C 106 -1.14 -36.85 5.47
N ASN C 107 -0.10 -36.56 6.26
CA ASN C 107 1.00 -37.48 6.41
C ASN C 107 1.49 -38.06 5.08
N ASN C 108 2.08 -37.19 4.27
CA ASN C 108 2.68 -37.59 3.00
C ASN C 108 1.77 -38.28 1.99
N LYS C 109 0.47 -38.20 2.20
CA LYS C 109 -0.46 -38.87 1.31
C LYS C 109 -1.49 -37.97 0.63
N THR C 110 -1.27 -37.72 -0.66
CA THR C 110 -2.19 -37.00 -1.55
C THR C 110 -3.27 -37.88 -2.23
N ARG C 111 -4.42 -37.28 -2.52
CA ARG C 111 -5.53 -37.96 -3.18
C ARG C 111 -5.64 -37.49 -4.61
N PRO C 112 -6.05 -38.38 -5.53
CA PRO C 112 -6.14 -38.03 -6.94
C PRO C 112 -7.03 -36.83 -7.27
N LEU C 113 -7.92 -36.45 -6.37
CA LEU C 113 -8.90 -35.41 -6.62
C LEU C 113 -9.24 -34.82 -5.26
N SER C 114 -9.45 -33.51 -5.17
CA SER C 114 -9.93 -32.94 -3.92
C SER C 114 -10.97 -31.87 -4.21
N ALA C 115 -11.79 -31.54 -3.25
CA ALA C 115 -12.78 -30.48 -3.42
C ALA C 115 -12.57 -29.45 -2.34
N HIS C 116 -12.80 -28.19 -2.70
CA HIS C 116 -12.56 -27.08 -1.80
C HIS C 116 -13.80 -26.22 -1.65
N PHE C 117 -14.36 -26.20 -0.44
CA PHE C 117 -15.55 -25.40 -0.19
C PHE C 117 -15.19 -24.02 0.32
N VAL C 118 -15.34 -23.00 -0.53
CA VAL C 118 -14.81 -21.69 -0.20
C VAL C 118 -15.86 -20.78 0.44
N HIS C 119 -15.57 -20.28 1.64
CA HIS C 119 -16.51 -19.42 2.36
C HIS C 119 -15.92 -18.04 2.64
N LYS C 120 -16.78 -17.04 2.68
CA LYS C 120 -16.34 -15.70 3.02
C LYS C 120 -17.41 -15.10 3.88
N ASP C 121 -17.03 -14.35 4.90
CA ASP C 121 -18.06 -13.81 5.76
C ASP C 121 -18.37 -12.34 5.46
N ALA C 122 -19.05 -11.68 6.39
CA ALA C 122 -19.41 -10.28 6.23
C ALA C 122 -18.17 -9.41 6.01
N LYS C 123 -17.16 -9.57 6.85
CA LYS C 123 -15.98 -8.73 6.71
C LYS C 123 -15.11 -9.31 5.58
N GLY C 124 -15.48 -10.49 5.10
CA GLY C 124 -14.72 -11.13 4.04
C GLY C 124 -13.69 -12.11 4.57
N ARG C 125 -13.77 -12.49 5.84
CA ARG C 125 -12.79 -13.46 6.33
C ARG C 125 -13.03 -14.80 5.72
N LEU C 126 -11.95 -15.49 5.46
CA LEU C 126 -12.06 -16.65 4.63
C LEU C 126 -12.07 -17.91 5.42
N LEU C 127 -12.90 -18.84 4.98
CA LEU C 127 -12.95 -20.16 5.57
C LEU C 127 -13.00 -21.11 4.39
N VAL C 128 -12.00 -21.97 4.30
CA VAL C 128 -11.97 -22.94 3.23
C VAL C 128 -11.89 -24.34 3.85
N LEU C 129 -12.68 -25.24 3.28
CA LEU C 129 -12.85 -26.60 3.74
C LEU C 129 -12.30 -27.53 2.69
N ALA C 130 -11.48 -28.48 3.12
CA ALA C 130 -10.86 -29.40 2.17
C ALA C 130 -11.33 -30.86 2.36
N ILE C 131 -11.55 -31.57 1.27
CA ILE C 131 -11.91 -32.98 1.35
C ILE C 131 -11.37 -33.82 0.16
N GLY C 132 -10.81 -34.99 0.43
CA GLY C 132 -10.21 -35.76 -0.65
C GLY C 132 -11.19 -36.72 -1.26
N PHE C 133 -10.91 -37.15 -2.48
CA PHE C 133 -11.73 -38.17 -3.16
C PHE C 133 -10.89 -39.40 -3.42
N GLU C 134 -11.51 -40.55 -3.21
CA GLU C 134 -10.83 -41.78 -3.48
C GLU C 134 -11.49 -42.47 -4.64
N GLU C 135 -10.67 -43.22 -5.34
CA GLU C 135 -11.14 -43.97 -6.47
C GLU C 135 -12.01 -45.11 -5.94
N GLY C 136 -13.27 -45.14 -6.37
CA GLY C 136 -14.20 -46.13 -5.87
C GLY C 136 -15.45 -46.03 -6.70
N LYS C 137 -16.63 -46.06 -6.10
CA LYS C 137 -17.83 -45.99 -6.93
C LYS C 137 -18.15 -44.57 -7.42
N GLU C 138 -19.06 -44.46 -8.39
CA GLU C 138 -19.45 -43.16 -8.92
C GLU C 138 -20.10 -42.32 -7.85
N ASN C 139 -19.72 -41.05 -7.82
CA ASN C 139 -20.28 -40.11 -6.88
C ASN C 139 -21.35 -39.32 -7.60
N PRO C 140 -22.62 -39.58 -7.31
CA PRO C 140 -23.77 -38.88 -7.89
C PRO C 140 -23.70 -37.39 -7.63
N ASN C 141 -22.98 -36.96 -6.61
CA ASN C 141 -22.95 -35.54 -6.34
C ASN C 141 -22.09 -34.85 -7.36
N LEU C 142 -21.24 -35.65 -8.00
CA LEU C 142 -20.35 -35.10 -8.98
C LEU C 142 -21.02 -34.92 -10.33
N ASP C 143 -22.02 -35.73 -10.63
CA ASP C 143 -22.63 -35.63 -11.93
C ASP C 143 -23.30 -34.28 -12.24
N PRO C 144 -24.02 -33.67 -11.28
CA PRO C 144 -24.60 -32.34 -11.57
C PRO C 144 -23.60 -31.21 -11.88
N ILE C 145 -22.35 -31.39 -11.49
CA ILE C 145 -21.28 -30.46 -11.84
C ILE C 145 -20.67 -30.88 -13.21
N LEU C 146 -20.48 -32.18 -13.37
CA LEU C 146 -19.90 -32.77 -14.59
C LEU C 146 -20.85 -32.68 -15.78
N GLU C 147 -22.13 -33.00 -15.55
CA GLU C 147 -23.14 -32.86 -16.57
C GLU C 147 -23.61 -31.40 -16.63
N GLY C 148 -22.72 -30.48 -16.29
CA GLY C 148 -23.11 -29.15 -15.87
C GLY C 148 -22.26 -28.09 -16.55
N ILE C 149 -20.96 -28.34 -16.53
CA ILE C 149 -19.98 -27.50 -17.21
C ILE C 149 -20.29 -27.36 -18.70
N GLN C 150 -21.17 -28.21 -19.20
CA GLN C 150 -21.51 -28.23 -20.62
C GLN C 150 -22.91 -27.66 -20.89
N LYS C 151 -23.39 -26.87 -19.93
CA LYS C 151 -24.63 -26.11 -20.07
C LYS C 151 -24.36 -24.74 -19.42
N LYS C 152 -24.88 -23.65 -19.99
CA LYS C 152 -24.66 -22.39 -19.30
C LYS C 152 -25.96 -21.67 -18.93
N GLN C 153 -27.05 -22.42 -18.90
CA GLN C 153 -28.32 -21.88 -18.41
C GLN C 153 -28.89 -22.76 -17.29
N ASN C 154 -29.75 -23.71 -17.66
CA ASN C 154 -30.41 -24.59 -16.70
C ASN C 154 -29.55 -25.63 -15.99
N PHE C 155 -29.18 -25.31 -14.76
CA PHE C 155 -28.41 -26.22 -13.92
C PHE C 155 -29.20 -27.15 -12.99
N LYS C 156 -28.58 -28.28 -12.71
CA LYS C 156 -29.14 -29.28 -11.81
C LYS C 156 -28.71 -29.04 -10.35
N GLU C 157 -29.62 -29.32 -9.42
CA GLU C 157 -29.39 -29.10 -8.00
C GLU C 157 -28.18 -29.90 -7.54
N VAL C 158 -27.36 -29.32 -6.67
CA VAL C 158 -26.27 -30.09 -6.05
C VAL C 158 -26.60 -30.45 -4.63
N ALA C 159 -26.51 -31.74 -4.32
CA ALA C 159 -26.86 -32.20 -2.99
C ALA C 159 -25.73 -31.82 -2.05
N LEU C 160 -25.75 -30.57 -1.64
CA LEU C 160 -24.72 -30.02 -0.78
C LEU C 160 -24.83 -30.53 0.64
N ASP C 161 -26.06 -30.79 1.08
CA ASP C 161 -26.31 -31.23 2.44
C ASP C 161 -25.97 -32.67 2.55
N ALA C 162 -25.89 -33.33 1.39
CA ALA C 162 -25.55 -34.74 1.33
C ALA C 162 -24.09 -35.03 0.93
N PHE C 163 -23.40 -34.00 0.46
CA PHE C 163 -22.08 -34.11 -0.17
C PHE C 163 -21.01 -34.55 0.82
N LEU C 164 -21.03 -33.97 1.99
CA LEU C 164 -20.00 -34.28 2.95
C LEU C 164 -20.47 -35.44 3.77
N PRO C 165 -19.51 -36.23 4.26
CA PRO C 165 -19.80 -37.28 5.25
C PRO C 165 -20.55 -36.70 6.45
N LYS C 166 -21.31 -37.55 7.12
CA LYS C 166 -22.13 -37.08 8.22
C LYS C 166 -21.22 -36.80 9.40
N SER C 167 -20.23 -37.65 9.59
CA SER C 167 -19.23 -37.42 10.58
C SER C 167 -17.84 -37.25 9.97
N ILE C 168 -17.12 -36.25 10.46
CA ILE C 168 -15.80 -35.96 9.92
C ILE C 168 -14.77 -35.74 11.03
N ASN C 169 -13.58 -36.25 10.80
CA ASN C 169 -12.40 -35.89 11.57
C ASN C 169 -11.52 -34.99 10.75
N TYR C 170 -11.15 -33.84 11.27
CA TYR C 170 -10.42 -32.88 10.47
C TYR C 170 -9.20 -32.27 11.12
N TYR C 171 -8.36 -31.69 10.30
CA TYR C 171 -7.25 -30.92 10.80
C TYR C 171 -7.53 -29.45 10.53
N HIS C 172 -7.35 -28.63 11.54
CA HIS C 172 -7.65 -27.21 11.44
C HIS C 172 -6.48 -26.34 11.81
N PHE C 173 -6.25 -25.31 11.00
CA PHE C 173 -5.08 -24.44 11.16
C PHE C 173 -5.28 -23.19 10.33
N ASN C 174 -4.47 -22.19 10.58
CA ASN C 174 -4.57 -20.98 9.78
C ASN C 174 -3.54 -20.92 8.64
N GLY C 175 -4.02 -20.61 7.44
CA GLY C 175 -3.17 -20.57 6.24
C GLY C 175 -3.47 -19.50 5.20
N SER C 176 -3.36 -19.86 3.93
CA SER C 176 -3.49 -18.93 2.82
C SER C 176 -4.38 -19.48 1.71
N LEU C 177 -4.71 -18.66 0.72
CA LEU C 177 -5.32 -19.18 -0.48
C LEU C 177 -4.27 -20.03 -1.17
N THR C 178 -4.69 -21.07 -1.87
CA THR C 178 -3.71 -21.95 -2.51
C THR C 178 -3.28 -21.47 -3.89
N ALA C 179 -3.98 -20.48 -4.43
CA ALA C 179 -3.64 -19.94 -5.73
C ALA C 179 -3.19 -18.48 -5.64
N PRO C 180 -2.35 -18.01 -6.60
CA PRO C 180 -2.04 -16.57 -6.55
C PRO C 180 -3.35 -15.82 -6.53
N PRO C 181 -3.41 -14.71 -5.80
CA PRO C 181 -2.38 -14.01 -5.05
C PRO C 181 -2.02 -14.63 -3.71
N CYS C 182 -2.39 -15.87 -3.45
CA CYS C 182 -1.97 -16.58 -2.24
C CYS C 182 -2.34 -15.84 -0.95
N THR C 183 -3.53 -15.25 -0.92
CA THR C 183 -3.97 -14.44 0.23
C THR C 183 -3.97 -15.22 1.55
N GLU C 184 -3.46 -14.61 2.61
CA GLU C 184 -3.44 -15.25 3.91
C GLU C 184 -4.60 -14.87 4.80
N GLY C 185 -4.62 -15.44 6.00
CA GLY C 185 -5.68 -15.23 6.97
C GLY C 185 -6.81 -16.22 6.76
N VAL C 186 -6.50 -17.31 6.06
CA VAL C 186 -7.50 -18.31 5.72
C VAL C 186 -7.64 -19.38 6.81
N ALA C 187 -8.84 -19.52 7.34
CA ALA C 187 -9.14 -20.56 8.29
C ALA C 187 -9.40 -21.83 7.50
N TRP C 188 -8.46 -22.78 7.58
CA TRP C 188 -8.46 -24.00 6.79
C TRP C 188 -9.01 -25.19 7.57
N PHE C 189 -9.91 -25.94 6.96
CA PHE C 189 -10.33 -27.18 7.56
C PHE C 189 -10.09 -28.33 6.62
N VAL C 190 -9.24 -29.26 7.02
CA VAL C 190 -8.87 -30.38 6.16
C VAL C 190 -9.41 -31.74 6.65
N ILE C 191 -10.43 -32.23 5.97
CA ILE C 191 -11.06 -33.45 6.35
C ILE C 191 -10.22 -34.65 5.98
N GLU C 192 -10.10 -35.55 6.95
CA GLU C 192 -9.31 -36.79 6.84
C GLU C 192 -9.96 -37.91 6.02
N GLU C 193 -11.29 -38.04 6.06
CA GLU C 193 -11.94 -39.15 5.37
C GLU C 193 -11.92 -38.95 3.87
N PRO C 194 -11.41 -39.93 3.12
CA PRO C 194 -11.53 -39.74 1.68
C PRO C 194 -12.96 -40.02 1.22
N LEU C 195 -13.46 -39.32 0.21
CA LEU C 195 -14.70 -39.70 -0.43
C LEU C 195 -14.38 -40.53 -1.64
N GLU C 196 -15.41 -40.98 -2.36
CA GLU C 196 -15.25 -41.89 -3.50
C GLU C 196 -15.68 -41.24 -4.79
N VAL C 197 -14.86 -41.44 -5.80
CA VAL C 197 -15.14 -40.98 -7.15
C VAL C 197 -14.92 -42.18 -8.11
N SER C 198 -15.70 -42.28 -9.19
CA SER C 198 -15.42 -43.29 -10.22
C SER C 198 -14.21 -42.99 -11.08
N ALA C 199 -13.75 -44.01 -11.80
CA ALA C 199 -12.67 -43.87 -12.76
C ALA C 199 -13.17 -43.13 -14.00
N LYS C 200 -14.41 -43.41 -14.40
CA LYS C 200 -14.96 -42.73 -15.54
C LYS C 200 -15.20 -41.32 -15.09
N GLN C 201 -15.68 -41.19 -13.86
CA GLN C 201 -15.86 -39.87 -13.27
C GLN C 201 -14.49 -39.21 -13.16
N LEU C 202 -13.48 -39.98 -12.79
CA LEU C 202 -12.11 -39.49 -12.68
C LEU C 202 -11.64 -38.91 -14.01
N ALA C 203 -11.97 -39.59 -15.10
CA ALA C 203 -11.65 -39.14 -16.45
C ALA C 203 -12.46 -37.89 -16.85
N GLU C 204 -13.75 -37.87 -16.49
CA GLU C 204 -14.65 -36.79 -16.87
C GLU C 204 -14.34 -35.45 -16.24
N ILE C 205 -13.87 -35.47 -14.98
CA ILE C 205 -13.61 -34.23 -14.25
C ILE C 205 -12.23 -33.61 -14.46
N LYS C 206 -11.22 -34.44 -14.69
CA LYS C 206 -9.87 -33.96 -14.94
C LYS C 206 -9.73 -33.44 -16.38
N LYS C 207 -10.58 -33.96 -17.26
CA LYS C 207 -10.64 -33.54 -18.67
C LYS C 207 -11.14 -32.12 -18.77
N ARG C 208 -12.02 -31.74 -17.85
CA ARG C 208 -12.55 -30.37 -17.82
C ARG C 208 -11.53 -29.43 -17.18
N MET C 209 -10.58 -30.00 -16.44
CA MET C 209 -9.45 -29.23 -15.97
C MET C 209 -8.27 -29.50 -16.89
N LYS C 210 -8.60 -30.03 -18.05
CA LYS C 210 -7.69 -30.22 -19.17
C LYS C 210 -6.55 -31.20 -18.87
N ASN C 211 -6.80 -32.16 -17.98
CA ASN C 211 -5.85 -33.25 -17.73
C ASN C 211 -4.40 -32.85 -17.42
N SER C 212 -4.18 -31.63 -16.96
CA SER C 212 -2.84 -31.23 -16.51
C SER C 212 -2.87 -30.92 -15.01
N PRO C 213 -1.96 -31.55 -14.25
CA PRO C 213 -1.89 -31.42 -12.80
C PRO C 213 -1.86 -29.99 -12.31
N ASN C 214 -2.77 -29.69 -11.38
CA ASN C 214 -2.87 -28.38 -10.74
C ASN C 214 -2.61 -28.41 -9.24
N GLN C 215 -1.49 -29.01 -8.83
CA GLN C 215 -1.14 -29.04 -7.41
C GLN C 215 0.02 -28.10 -7.04
N ARG C 216 -0.26 -27.08 -6.25
CA ARG C 216 0.82 -26.27 -5.73
C ARG C 216 1.58 -27.13 -4.75
N PRO C 217 2.90 -27.19 -4.90
CA PRO C 217 3.82 -27.95 -4.07
C PRO C 217 3.66 -27.59 -2.61
N VAL C 218 4.16 -28.44 -1.72
CA VAL C 218 4.12 -28.10 -0.30
C VAL C 218 4.90 -26.81 -0.13
N GLN C 219 4.28 -25.89 0.59
CA GLN C 219 4.88 -24.60 0.87
C GLN C 219 5.72 -24.65 2.13
N PRO C 220 6.59 -23.65 2.32
CA PRO C 220 7.35 -23.61 3.58
C PRO C 220 6.45 -23.60 4.81
N ASP C 221 6.78 -24.43 5.79
CA ASP C 221 5.97 -24.57 7.00
C ASP C 221 6.73 -23.87 8.14
N TYR C 222 6.01 -23.01 8.87
CA TYR C 222 6.59 -22.31 10.01
C TYR C 222 5.94 -22.78 11.30
N ASN C 223 6.06 -24.08 11.54
CA ASN C 223 5.56 -24.70 12.75
C ASN C 223 4.10 -24.42 12.88
N THR C 224 3.35 -24.72 11.83
CA THR C 224 1.93 -24.50 11.89
C THR C 224 1.32 -25.31 13.02
N VAL C 225 0.59 -24.60 13.86
CA VAL C 225 -0.15 -25.20 14.93
C VAL C 225 -1.45 -25.71 14.35
N ILE C 226 -1.58 -27.02 14.31
CA ILE C 226 -2.74 -27.71 13.76
C ILE C 226 -3.50 -28.48 14.82
N ILE C 227 -4.82 -28.38 14.81
CA ILE C 227 -5.59 -29.21 15.72
C ILE C 227 -6.34 -30.25 14.90
N LYS C 228 -6.58 -31.40 15.53
CA LYS C 228 -7.47 -32.41 14.97
C LYS C 228 -8.77 -32.46 15.78
N SER C 229 -9.91 -32.52 15.12
CA SER C 229 -11.18 -32.47 15.87
C SER C 229 -12.30 -33.16 15.06
N SER C 230 -13.56 -33.07 15.49
CA SER C 230 -14.62 -33.80 14.80
C SER C 230 -15.96 -33.06 14.78
N ALA C 231 -16.80 -33.34 13.79
CA ALA C 231 -18.12 -32.75 13.74
C ALA C 231 -19.16 -33.68 13.14
N GLU C 232 -20.43 -33.41 13.45
CA GLU C 232 -21.51 -34.02 12.68
C GLU C 232 -21.88 -32.94 11.70
N THR C 233 -22.04 -33.27 10.43
CA THR C 233 -22.34 -32.20 9.49
C THR C 233 -23.83 -32.34 9.19
N ARG C 234 -24.42 -33.32 9.86
CA ARG C 234 -25.86 -33.50 9.85
C ARG C 234 -26.25 -34.39 11.00
N LYS D 15 1.98 9.40 19.26
CA LYS D 15 2.12 10.44 18.26
C LYS D 15 2.52 9.84 16.91
N GLU D 16 3.15 10.64 16.06
CA GLU D 16 3.55 10.23 14.72
C GLU D 16 4.51 9.04 14.64
N ASN D 17 5.12 8.65 15.76
CA ASN D 17 5.95 7.43 15.75
C ASN D 17 5.36 6.16 16.36
N GLY D 18 4.10 5.88 16.10
CA GLY D 18 3.49 4.79 16.83
C GLY D 18 3.12 3.55 16.06
N PRO D 19 2.72 2.51 16.79
CA PRO D 19 2.43 1.20 16.22
C PRO D 19 1.39 1.38 15.14
N HIS D 20 0.44 2.27 15.42
CA HIS D 20 -0.62 2.62 14.50
C HIS D 20 -0.09 3.16 13.16
N ARG D 21 1.10 3.75 13.17
CA ARG D 21 1.69 4.28 11.95
C ARG D 21 3.04 3.63 11.61
N TRP D 22 3.39 2.55 12.33
CA TRP D 22 4.61 1.78 12.03
C TRP D 22 4.65 1.41 10.58
N ASP D 23 3.48 1.10 10.04
CA ASP D 23 3.34 0.73 8.64
C ASP D 23 3.60 1.92 7.71
N LYS D 24 3.53 3.15 8.24
CA LYS D 24 3.78 4.31 7.41
C LYS D 24 5.26 4.73 7.44
N LEU D 25 5.98 4.30 8.48
CA LEU D 25 7.37 4.69 8.72
C LEU D 25 8.44 4.12 7.75
N HIS D 26 8.32 2.85 7.40
CA HIS D 26 9.26 2.18 6.50
C HIS D 26 8.50 1.07 5.72
N LYS D 27 8.93 0.76 4.49
CA LYS D 27 8.20 -0.19 3.65
C LYS D 27 8.46 -1.60 4.16
N ASP D 28 9.50 -1.74 4.97
CA ASP D 28 9.76 -2.96 5.70
C ASP D 28 8.66 -3.16 6.74
N PHE D 29 8.10 -2.06 7.23
CA PHE D 29 7.10 -2.14 8.27
C PHE D 29 5.66 -2.18 7.78
N GLU D 30 5.42 -2.43 6.49
CA GLU D 30 4.06 -2.38 5.97
C GLU D 30 3.17 -3.45 6.59
N VAL D 31 3.77 -4.60 6.81
CA VAL D 31 3.08 -5.77 7.34
C VAL D 31 2.54 -5.57 8.75
N CYS D 32 3.05 -4.59 9.49
CA CYS D 32 2.57 -4.35 10.84
C CYS D 32 1.07 -4.13 10.88
N LYS D 33 0.49 -3.70 9.78
CA LYS D 33 -0.97 -3.65 9.73
C LYS D 33 -1.50 -4.57 8.62
N SER D 34 -0.73 -4.77 7.56
CA SER D 34 -1.17 -5.55 6.41
C SER D 34 -1.15 -7.05 6.69
N GLY D 35 -0.48 -7.46 7.76
CA GLY D 35 -0.36 -8.86 8.14
C GLY D 35 -1.62 -9.45 8.71
N LYS D 36 -1.85 -10.74 8.49
CA LYS D 36 -3.06 -11.39 8.97
C LYS D 36 -2.79 -12.22 10.22
N SER D 37 -1.54 -12.19 10.66
CA SER D 37 -1.06 -13.01 11.75
C SER D 37 -0.27 -12.21 12.79
N GLN D 38 -0.77 -11.02 13.10
CA GLN D 38 0.02 -10.04 13.84
C GLN D 38 -0.03 -10.15 15.37
N SER D 39 1.09 -9.81 15.99
CA SER D 39 1.27 -9.80 17.45
C SER D 39 1.49 -8.38 18.04
N PRO D 40 1.06 -8.14 19.30
CA PRO D 40 0.41 -9.03 20.25
C PRO D 40 -1.09 -9.09 20.07
N ILE D 41 -1.71 -10.14 20.62
CA ILE D 41 -3.15 -10.26 20.63
C ILE D 41 -3.55 -10.68 22.04
N ASN D 42 -4.86 -10.69 22.30
CA ASN D 42 -5.35 -11.19 23.57
C ASN D 42 -5.71 -12.67 23.41
N ILE D 43 -4.98 -13.51 24.13
CA ILE D 43 -5.19 -14.96 24.09
C ILE D 43 -6.28 -15.39 25.04
N GLU D 44 -7.46 -15.74 24.56
CA GLU D 44 -8.45 -16.18 25.53
C GLU D 44 -9.22 -17.42 25.05
N HIS D 45 -9.36 -17.61 23.74
CA HIS D 45 -9.91 -18.89 23.29
C HIS D 45 -8.95 -19.76 22.50
N TYR D 46 -8.78 -20.96 23.02
CA TYR D 46 -7.82 -21.94 22.57
C TYR D 46 -8.40 -23.36 22.71
N TYR D 47 -7.57 -24.34 22.38
CA TYR D 47 -7.93 -25.74 22.44
C TYR D 47 -7.06 -26.43 23.50
N HIS D 48 -7.62 -27.41 24.18
CA HIS D 48 -6.85 -28.13 25.18
C HIS D 48 -6.23 -29.37 24.52
N THR D 49 -5.00 -29.70 24.91
CA THR D 49 -4.27 -30.85 24.35
C THR D 49 -3.22 -31.43 25.32
N GLN D 50 -2.18 -32.08 24.75
CA GLN D 50 -1.13 -32.77 25.51
C GLN D 50 0.26 -32.32 25.03
N ASP D 51 1.33 -32.85 25.61
CA ASP D 51 2.66 -32.54 25.09
C ASP D 51 3.54 -33.78 25.07
N ALA D 53 4.25 -32.66 20.41
CA ALA D 53 5.27 -32.04 19.58
C ALA D 53 6.66 -32.47 20.02
N ASP D 54 7.67 -32.13 19.22
CA ASP D 54 9.05 -32.47 19.52
C ASP D 54 9.79 -31.28 20.14
N LEU D 55 9.37 -30.88 21.34
CA LEU D 55 10.00 -29.76 22.04
C LEU D 55 11.10 -30.24 22.97
N GLN D 56 12.32 -29.76 22.74
CA GLN D 56 13.45 -30.14 23.56
C GLN D 56 14.31 -28.93 23.89
N PHE D 57 14.88 -28.93 25.10
CA PHE D 57 15.59 -27.78 25.62
C PHE D 57 17.11 -28.12 25.67
N LYS D 58 17.94 -27.29 25.05
CA LYS D 58 19.39 -27.51 25.05
C LYS D 58 20.10 -26.35 25.75
N TYR D 59 20.12 -26.45 27.08
CA TYR D 59 20.62 -25.44 28.03
C TYR D 59 22.10 -25.33 28.33
N ALA D 60 22.50 -24.12 28.71
CA ALA D 60 23.79 -23.93 29.33
C ALA D 60 23.79 -22.64 30.13
N ALA D 61 24.58 -22.60 31.20
CA ALA D 61 24.84 -21.37 31.94
C ALA D 61 25.66 -20.49 31.02
N SER D 62 25.21 -19.28 30.74
CA SER D 62 25.86 -18.54 29.67
C SER D 62 26.26 -17.11 29.92
N LYS D 63 27.45 -16.80 29.41
CA LYS D 63 28.06 -15.48 29.39
C LYS D 63 27.51 -14.67 28.21
N PRO D 64 26.90 -13.49 28.48
CA PRO D 64 26.34 -12.67 27.39
C PRO D 64 27.41 -12.19 26.42
N LYS D 65 27.02 -11.90 25.18
CA LYS D 65 27.92 -11.25 24.25
C LYS D 65 27.78 -9.73 24.37
N ALA D 66 26.57 -9.27 24.68
CA ALA D 66 26.30 -7.86 24.90
C ALA D 66 25.02 -7.73 25.68
N VAL D 67 25.04 -6.89 26.71
CA VAL D 67 23.85 -6.58 27.49
C VAL D 67 23.53 -5.10 27.37
N PHE D 68 22.67 -4.74 26.42
CA PHE D 68 22.48 -3.33 26.17
C PHE D 68 21.07 -2.99 25.75
N PHE D 69 20.71 -1.73 25.98
CA PHE D 69 19.44 -1.20 25.56
C PHE D 69 19.51 -0.85 24.08
N THR D 70 18.58 -1.39 23.31
CA THR D 70 18.49 -1.12 21.90
C THR D 70 17.05 -1.14 21.51
N HIS D 71 16.72 -0.45 20.42
CA HIS D 71 15.37 -0.49 19.83
C HIS D 71 14.29 -0.43 20.90
N HIS D 72 14.44 0.53 21.80
CA HIS D 72 13.48 0.83 22.87
C HIS D 72 13.51 -0.18 24.02
N THR D 73 14.31 -1.23 23.90
CA THR D 73 14.32 -2.33 24.87
C THR D 73 15.73 -2.77 25.29
N LEU D 74 15.83 -3.23 26.53
CA LEU D 74 17.04 -3.89 27.03
C LEU D 74 17.30 -5.27 26.43
N LYS D 75 18.55 -5.55 26.07
CA LYS D 75 18.90 -6.82 25.43
C LYS D 75 20.22 -7.40 25.95
N ALA D 76 20.24 -8.71 26.15
CA ALA D 76 21.46 -9.41 26.44
C ALA D 76 21.63 -10.39 25.30
N SER D 77 22.75 -10.32 24.59
CA SER D 77 22.89 -11.17 23.42
C SER D 77 23.79 -12.34 23.74
N PHE D 78 23.65 -13.43 22.98
CA PHE D 78 24.48 -14.61 23.18
C PHE D 78 24.89 -15.25 21.88
N GLU D 79 25.99 -15.98 21.98
CA GLU D 79 26.50 -16.78 20.90
C GLU D 79 25.81 -18.14 20.90
N PRO D 80 25.80 -18.80 19.74
CA PRO D 80 25.06 -20.06 19.62
C PRO D 80 25.66 -21.26 20.38
N THR D 81 25.60 -21.22 21.71
CA THR D 81 26.05 -22.34 22.52
C THR D 81 24.79 -23.01 23.09
N ASN D 82 23.71 -22.24 23.13
CA ASN D 82 22.41 -22.65 23.69
C ASN D 82 21.32 -22.86 22.61
N HIS D 83 20.61 -23.97 22.68
CA HIS D 83 19.60 -24.29 21.66
C HIS D 83 18.27 -24.82 22.21
N ILE D 84 17.25 -24.80 21.35
CA ILE D 84 15.98 -25.45 21.61
C ILE D 84 15.67 -26.40 20.44
N ASN D 85 15.20 -27.61 20.73
CA ASN D 85 14.90 -28.57 19.66
C ASN D 85 13.39 -28.71 19.41
N TYR D 86 12.94 -28.28 18.24
CA TYR D 86 11.54 -28.36 17.89
C TYR D 86 11.31 -29.02 16.52
N ARG D 87 10.40 -30.00 16.49
CA ARG D 87 10.08 -30.76 15.28
C ARG D 87 11.27 -31.42 14.61
N GLY D 88 12.23 -31.89 15.40
CA GLY D 88 13.40 -32.54 14.84
C GLY D 88 14.38 -31.55 14.26
N HIS D 89 14.15 -30.26 14.53
CA HIS D 89 15.01 -29.17 14.07
C HIS D 89 15.58 -28.34 15.21
N ASP D 90 16.79 -27.83 14.99
CA ASP D 90 17.54 -27.04 15.97
C ASP D 90 17.23 -25.55 15.95
N TYR D 91 16.75 -24.99 17.06
CA TYR D 91 16.50 -23.54 17.17
C TYR D 91 17.36 -22.84 18.24
N VAL D 92 18.22 -21.93 17.76
CA VAL D 92 19.22 -21.28 18.60
C VAL D 92 18.82 -19.96 19.26
N LEU D 93 19.08 -19.83 20.55
CA LEU D 93 18.79 -18.61 21.28
C LEU D 93 19.68 -17.46 20.87
N ASP D 94 19.08 -16.34 20.49
CA ASP D 94 19.84 -15.18 20.07
C ASP D 94 19.90 -14.12 21.16
N ASN D 95 18.80 -13.91 21.86
CA ASN D 95 18.80 -12.93 22.91
C ASN D 95 17.60 -13.11 23.80
N VAL D 96 17.62 -12.38 24.91
CA VAL D 96 16.50 -12.27 25.83
C VAL D 96 16.27 -10.81 26.05
N HIS D 97 15.08 -10.34 25.70
CA HIS D 97 14.80 -8.93 25.86
C HIS D 97 13.50 -8.75 26.61
N PHE D 98 13.20 -7.50 26.94
CA PHE D 98 12.16 -7.25 27.90
C PHE D 98 11.11 -6.30 27.42
N HIS D 99 9.90 -6.53 27.87
CA HIS D 99 8.84 -5.59 27.58
C HIS D 99 8.14 -5.29 28.88
N ALA D 100 7.81 -4.02 29.06
CA ALA D 100 7.09 -3.59 30.22
C ALA D 100 5.99 -2.61 29.83
N PRO D 101 4.73 -2.96 30.16
CA PRO D 101 4.32 -4.24 30.77
C PRO D 101 4.36 -5.40 29.77
N MET D 102 4.11 -6.62 30.25
CA MET D 102 4.10 -7.81 29.41
C MET D 102 3.17 -7.68 28.21
N GLU D 103 3.65 -8.05 27.04
CA GLU D 103 2.92 -7.80 25.78
C GLU D 103 1.74 -8.75 25.48
N PHE D 104 1.95 -10.06 25.51
CA PHE D 104 0.84 -10.95 25.20
C PHE D 104 -0.10 -11.00 26.37
N LEU D 105 -1.38 -11.05 26.08
CA LEU D 105 -2.36 -11.11 27.12
C LEU D 105 -3.06 -12.45 27.11
N ILE D 106 -3.12 -13.11 28.26
CA ILE D 106 -3.88 -14.34 28.36
C ILE D 106 -5.06 -14.23 29.30
N ASN D 107 -6.25 -14.05 28.73
CA ASN D 107 -7.43 -13.81 29.54
C ASN D 107 -7.15 -12.77 30.62
N ASN D 108 -6.78 -11.57 30.17
CA ASN D 108 -6.37 -10.48 31.07
C ASN D 108 -5.25 -10.87 32.04
N LYS D 109 -5.47 -10.60 33.32
CA LYS D 109 -4.50 -10.90 34.36
C LYS D 109 -3.11 -10.47 33.93
N THR D 110 -2.94 -9.18 33.71
CA THR D 110 -1.68 -8.68 33.22
C THR D 110 -0.51 -8.84 34.17
N ARG D 111 0.67 -9.04 33.60
CA ARG D 111 1.88 -9.14 34.39
C ARG D 111 2.75 -7.95 34.07
N PRO D 112 3.47 -7.43 35.08
CA PRO D 112 4.24 -6.20 34.94
C PRO D 112 5.36 -6.24 33.89
N LEU D 113 5.82 -7.43 33.53
CA LEU D 113 7.04 -7.54 32.74
C LEU D 113 7.04 -8.77 31.85
N SER D 114 7.70 -8.70 30.71
CA SER D 114 7.83 -9.90 29.90
C SER D 114 9.27 -10.07 29.40
N ALA D 115 9.69 -11.31 29.18
CA ALA D 115 11.01 -11.60 28.65
C ALA D 115 10.91 -12.51 27.44
N HIS D 116 11.75 -12.28 26.44
CA HIS D 116 11.57 -13.02 25.21
C HIS D 116 12.79 -13.77 24.72
N PHE D 117 12.67 -15.08 24.62
CA PHE D 117 13.77 -15.91 24.16
C PHE D 117 13.68 -16.17 22.66
N VAL D 118 14.55 -15.54 21.90
CA VAL D 118 14.50 -15.49 20.46
C VAL D 118 15.36 -16.56 19.78
N HIS D 119 14.75 -17.34 18.90
CA HIS D 119 15.45 -18.46 18.26
C HIS D 119 15.44 -18.51 16.74
N LYS D 120 16.50 -19.05 16.18
CA LYS D 120 16.57 -19.24 14.74
C LYS D 120 16.83 -20.69 14.44
N ASP D 121 16.46 -21.13 13.26
CA ASP D 121 16.87 -22.44 12.81
C ASP D 121 17.86 -22.27 11.66
N ALA D 122 18.13 -23.33 10.93
CA ALA D 122 19.09 -23.30 9.82
C ALA D 122 18.70 -22.33 8.72
N LYS D 123 17.45 -22.45 8.31
CA LYS D 123 16.87 -21.64 7.27
C LYS D 123 16.40 -20.30 7.87
N GLY D 124 16.51 -20.15 9.19
CA GLY D 124 16.18 -18.88 9.80
C GLY D 124 14.79 -18.68 10.37
N ARG D 125 14.08 -19.77 10.59
CA ARG D 125 12.75 -19.68 11.18
C ARG D 125 12.82 -19.37 12.66
N LEU D 126 11.83 -18.64 13.15
CA LEU D 126 11.90 -18.08 14.50
C LEU D 126 11.05 -18.79 15.51
N LEU D 127 11.59 -18.86 16.72
CA LEU D 127 10.89 -19.42 17.86
C LEU D 127 11.10 -18.52 19.05
N VAL D 128 10.03 -17.88 19.50
CA VAL D 128 10.18 -16.95 20.59
C VAL D 128 9.37 -17.43 21.73
N LEU D 129 9.93 -17.25 22.91
CA LEU D 129 9.33 -17.67 24.14
C LEU D 129 9.00 -16.46 24.99
N ALA D 130 7.78 -16.39 25.51
CA ALA D 130 7.31 -15.27 26.34
C ALA D 130 6.97 -15.68 27.77
N ILE D 131 7.36 -14.89 28.76
CA ILE D 131 6.92 -15.18 30.14
C ILE D 131 6.89 -13.98 31.14
N GLY D 132 5.82 -13.88 31.91
CA GLY D 132 5.64 -12.73 32.78
C GLY D 132 6.21 -12.80 34.20
N PHE D 133 6.39 -11.64 34.82
CA PHE D 133 6.91 -11.55 36.17
C PHE D 133 5.89 -10.91 37.10
N LYS D 137 10.39 -12.70 45.51
CA LYS D 137 10.67 -11.40 44.92
C LYS D 137 11.88 -11.47 44.05
N GLU D 138 13.04 -11.48 44.69
CA GLU D 138 14.31 -11.46 43.99
C GLU D 138 14.53 -12.65 43.09
N ASN D 139 14.94 -12.37 41.86
CA ASN D 139 15.31 -13.40 40.88
C ASN D 139 16.82 -13.44 40.76
N PRO D 140 17.44 -14.54 41.20
CA PRO D 140 18.90 -14.64 41.15
C PRO D 140 19.42 -14.43 39.72
N ASN D 141 18.58 -14.82 38.78
CA ASN D 141 18.90 -14.77 37.37
C ASN D 141 18.79 -13.39 36.76
N LEU D 142 18.17 -12.45 37.47
CA LEU D 142 17.99 -11.10 36.95
C LEU D 142 19.31 -10.36 37.08
N ASP D 143 20.04 -10.74 38.11
CA ASP D 143 21.29 -10.10 38.50
C ASP D 143 22.39 -10.10 37.45
N PRO D 144 22.65 -11.24 36.81
CA PRO D 144 23.67 -11.22 35.76
C PRO D 144 23.32 -10.32 34.58
N ILE D 145 22.04 -10.02 34.41
CA ILE D 145 21.58 -9.16 33.33
C ILE D 145 21.79 -7.68 33.68
N LEU D 146 21.46 -7.31 34.92
CA LEU D 146 21.64 -5.93 35.36
C LEU D 146 23.15 -5.70 35.55
N ASN D 154 34.02 -8.81 28.94
CA ASN D 154 34.17 -9.96 29.83
C ASN D 154 33.00 -10.01 30.79
N PHE D 155 32.00 -10.79 30.39
CA PHE D 155 30.72 -10.89 31.07
C PHE D 155 30.61 -11.99 32.13
N LYS D 156 29.68 -11.82 33.06
CA LYS D 156 29.41 -12.89 33.99
C LYS D 156 28.22 -13.71 33.48
N GLU D 157 28.32 -15.03 33.58
CA GLU D 157 27.32 -15.95 33.05
C GLU D 157 25.93 -15.73 33.59
N VAL D 158 24.92 -15.96 32.76
CA VAL D 158 23.53 -16.04 33.21
C VAL D 158 23.07 -17.49 33.22
N ALA D 159 22.54 -17.95 34.36
CA ALA D 159 22.08 -19.32 34.47
C ALA D 159 20.73 -19.42 33.79
N LEU D 160 20.73 -19.64 32.48
CA LEU D 160 19.46 -19.64 31.76
C LEU D 160 18.50 -20.81 32.11
N ASP D 161 19.00 -21.99 32.50
CA ASP D 161 18.01 -22.99 32.93
C ASP D 161 17.51 -22.76 34.34
N ALA D 162 18.28 -22.06 35.15
CA ALA D 162 17.83 -21.83 36.51
C ALA D 162 16.79 -20.74 36.44
N PHE D 163 16.75 -20.10 35.28
CA PHE D 163 15.92 -18.94 35.06
C PHE D 163 14.45 -19.37 34.92
N LEU D 164 14.22 -20.44 34.18
CA LEU D 164 12.86 -20.91 33.89
C LEU D 164 12.33 -21.99 34.84
N PRO D 165 11.00 -21.98 35.11
CA PRO D 165 10.30 -23.02 35.88
C PRO D 165 10.55 -24.35 35.23
N LYS D 166 10.56 -25.42 36.00
CA LYS D 166 10.97 -26.68 35.43
C LYS D 166 9.86 -27.34 34.61
N SER D 167 8.64 -27.20 35.11
CA SER D 167 7.43 -27.63 34.42
C SER D 167 6.59 -26.40 34.10
N ILE D 168 6.09 -26.30 32.87
CA ILE D 168 5.32 -25.12 32.44
C ILE D 168 4.08 -25.40 31.59
N ASN D 169 3.03 -24.59 31.78
CA ASN D 169 1.86 -24.53 30.88
C ASN D 169 1.99 -23.38 29.88
N TYR D 170 1.82 -23.68 28.61
CA TYR D 170 2.05 -22.66 27.59
C TYR D 170 0.91 -22.59 26.59
N TYR D 171 0.81 -21.46 25.91
CA TYR D 171 -0.09 -21.32 24.76
C TYR D 171 0.77 -21.22 23.54
N HIS D 172 0.47 -22.03 22.54
CA HIS D 172 1.30 -22.08 21.36
C HIS D 172 0.48 -21.76 20.11
N PHE D 173 1.04 -20.91 19.26
CA PHE D 173 0.35 -20.40 18.09
C PHE D 173 1.36 -19.80 17.13
N ASN D 174 0.90 -19.52 15.92
CA ASN D 174 1.74 -18.87 14.94
C ASN D 174 1.45 -17.37 14.89
N GLY D 175 2.48 -16.54 14.94
CA GLY D 175 2.26 -15.10 14.88
C GLY D 175 3.35 -14.32 14.17
N SER D 176 3.61 -13.11 14.68
CA SER D 176 4.59 -12.20 14.10
C SER D 176 5.41 -11.52 15.19
N LEU D 177 6.42 -10.75 14.80
CA LEU D 177 7.14 -9.90 15.74
C LEU D 177 6.28 -8.80 16.33
N THR D 178 6.50 -8.49 17.60
CA THR D 178 5.75 -7.44 18.25
C THR D 178 6.43 -6.11 17.97
N ALA D 179 7.61 -6.15 17.38
CA ALA D 179 8.23 -4.91 16.97
C ALA D 179 8.49 -4.94 15.48
N PRO D 180 8.56 -3.77 14.85
CA PRO D 180 8.90 -3.71 13.44
C PRO D 180 10.18 -4.50 13.19
N PRO D 181 10.30 -5.12 12.02
CA PRO D 181 9.35 -5.05 10.91
C PRO D 181 8.08 -5.91 11.07
N CYS D 182 7.76 -6.33 12.30
CA CYS D 182 6.56 -7.11 12.60
C CYS D 182 6.52 -8.41 11.81
N THR D 183 7.68 -9.04 11.67
CA THR D 183 7.84 -10.24 10.87
C THR D 183 6.97 -11.41 11.34
N GLU D 184 6.29 -12.07 10.42
CA GLU D 184 5.40 -13.17 10.77
C GLU D 184 6.13 -14.49 10.68
N GLY D 185 5.44 -15.58 10.99
CA GLY D 185 6.05 -16.91 10.92
C GLY D 185 6.77 -17.25 12.19
N VAL D 186 6.35 -16.60 13.28
CA VAL D 186 6.96 -16.79 14.58
C VAL D 186 6.26 -17.86 15.39
N ALA D 187 7.00 -18.87 15.79
CA ALA D 187 6.45 -19.86 16.70
C ALA D 187 6.53 -19.26 18.09
N TRP D 188 5.38 -18.90 18.62
CA TRP D 188 5.26 -18.29 19.93
C TRP D 188 4.86 -19.29 21.01
N PHE D 189 5.59 -19.28 22.12
CA PHE D 189 5.16 -20.03 23.29
C PHE D 189 5.03 -19.04 24.41
N VAL D 190 3.81 -18.92 24.91
CA VAL D 190 3.55 -17.96 25.96
C VAL D 190 3.26 -18.63 27.27
N ILE D 191 4.26 -18.67 28.14
CA ILE D 191 4.13 -19.38 29.40
C ILE D 191 3.21 -18.62 30.34
N GLU D 192 2.21 -19.31 30.84
CA GLU D 192 1.28 -18.67 31.74
C GLU D 192 1.92 -18.49 33.11
N GLU D 193 2.76 -19.43 33.52
CA GLU D 193 3.30 -19.39 34.87
C GLU D 193 4.36 -18.31 35.01
N PRO D 194 4.13 -17.37 35.94
CA PRO D 194 5.05 -16.24 36.11
C PRO D 194 6.38 -16.55 36.77
N LEU D 195 7.37 -15.75 36.42
CA LEU D 195 8.56 -15.65 37.22
C LEU D 195 8.34 -14.56 38.20
N GLU D 196 9.36 -14.34 39.02
CA GLU D 196 9.23 -13.42 40.10
C GLU D 196 10.29 -12.36 39.89
N VAL D 197 9.92 -11.10 40.04
CA VAL D 197 10.89 -10.05 39.88
C VAL D 197 10.86 -9.25 41.16
N SER D 198 12.01 -8.72 41.54
CA SER D 198 12.09 -7.85 42.71
C SER D 198 11.42 -6.50 42.50
N ALA D 199 11.16 -5.81 43.59
CA ALA D 199 10.59 -4.48 43.52
C ALA D 199 11.66 -3.50 43.07
N SER D 212 9.29 4.78 30.13
CA SER D 212 8.22 4.73 29.14
C SER D 212 7.98 3.31 28.65
N PRO D 213 6.72 2.85 28.76
CA PRO D 213 6.23 1.53 28.39
C PRO D 213 6.56 1.13 26.95
N ASN D 214 7.10 -0.07 26.78
CA ASN D 214 7.36 -0.60 25.45
C ASN D 214 6.46 -1.80 25.17
N GLN D 215 5.18 -1.61 25.40
CA GLN D 215 4.20 -2.64 25.10
C GLN D 215 3.47 -2.31 23.80
N ARG D 216 3.64 -3.14 22.78
CA ARG D 216 2.88 -2.96 21.56
C ARG D 216 1.44 -3.33 21.88
N PRO D 217 0.49 -2.50 21.44
CA PRO D 217 -0.93 -2.79 21.64
C PRO D 217 -1.39 -4.09 20.97
N VAL D 218 -2.45 -4.66 21.53
CA VAL D 218 -3.08 -5.85 21.02
C VAL D 218 -3.54 -5.73 19.58
N GLN D 219 -3.19 -6.74 18.78
CA GLN D 219 -3.57 -6.75 17.37
C GLN D 219 -4.87 -7.54 17.09
N PRO D 220 -5.52 -7.27 15.94
CA PRO D 220 -6.68 -8.08 15.53
C PRO D 220 -6.35 -9.57 15.31
N ASP D 221 -7.21 -10.45 15.79
CA ASP D 221 -7.06 -11.90 15.64
C ASP D 221 -7.97 -12.36 14.53
N TYR D 222 -7.43 -13.19 13.65
CA TYR D 222 -8.22 -13.76 12.58
C TYR D 222 -8.39 -15.26 12.86
N ASN D 223 -8.98 -15.56 14.01
CA ASN D 223 -9.24 -16.91 14.45
C ASN D 223 -7.96 -17.71 14.57
N THR D 224 -6.99 -17.13 15.25
CA THR D 224 -5.73 -17.80 15.48
C THR D 224 -5.95 -19.12 16.17
N VAL D 225 -5.33 -20.16 15.64
CA VAL D 225 -5.36 -21.45 16.28
C VAL D 225 -4.36 -21.50 17.43
N ILE D 226 -4.88 -21.51 18.65
CA ILE D 226 -4.03 -21.60 19.84
C ILE D 226 -4.36 -22.91 20.54
N ILE D 227 -3.33 -23.64 20.95
CA ILE D 227 -3.46 -24.88 21.73
C ILE D 227 -2.87 -24.70 23.13
N LYS D 228 -3.44 -25.34 24.15
CA LYS D 228 -2.88 -25.31 25.51
C LYS D 228 -2.22 -26.61 25.90
N SER D 229 -1.00 -26.51 26.41
CA SER D 229 -0.28 -27.70 26.79
C SER D 229 0.77 -27.35 27.86
N SER D 230 1.62 -28.32 28.15
CA SER D 230 2.58 -28.20 29.22
C SER D 230 3.91 -28.81 28.82
N ALA D 231 5.01 -28.25 29.28
CA ALA D 231 6.29 -28.76 28.83
C ALA D 231 7.36 -28.84 29.89
N GLU D 232 8.34 -29.68 29.56
CA GLU D 232 9.59 -29.86 30.29
C GLU D 232 10.54 -28.69 30.11
N THR D 233 11.48 -28.53 31.03
CA THR D 233 12.49 -27.50 30.87
C THR D 233 13.82 -28.08 31.35
N LYS E 9 16.52 75.38 -35.35
CA LYS E 9 15.78 76.24 -34.43
C LYS E 9 14.74 75.48 -33.58
N TRP E 10 15.02 74.26 -33.12
CA TRP E 10 13.96 73.46 -32.46
C TRP E 10 14.21 73.32 -30.98
N ASP E 11 13.11 73.39 -30.23
CA ASP E 11 13.09 73.29 -28.78
C ASP E 11 11.81 72.58 -28.36
N TYR E 12 11.57 72.59 -27.05
CA TYR E 12 10.44 71.93 -26.46
C TYR E 12 9.50 72.98 -25.84
N LYS E 13 9.21 74.07 -26.55
CA LYS E 13 8.45 75.19 -25.95
C LYS E 13 6.95 75.21 -26.27
N ASN E 14 6.51 74.40 -27.24
CA ASN E 14 5.13 74.39 -27.70
C ASN E 14 4.59 75.79 -28.03
N LYS E 15 5.50 76.68 -28.41
CA LYS E 15 5.15 78.05 -28.75
C LYS E 15 5.44 78.41 -30.21
N GLU E 16 6.64 78.90 -30.48
CA GLU E 16 7.01 79.29 -31.83
C GLU E 16 7.76 78.14 -32.47
N ASN E 17 8.83 77.73 -31.80
CA ASN E 17 9.57 76.55 -32.18
C ASN E 17 9.31 75.38 -31.24
N GLY E 18 8.67 74.32 -31.74
CA GLY E 18 8.33 73.24 -30.85
C GLY E 18 7.99 71.95 -31.54
N PRO E 19 7.89 70.88 -30.75
CA PRO E 19 7.74 69.48 -31.17
C PRO E 19 6.53 69.30 -32.07
N HIS E 20 5.46 69.99 -31.71
CA HIS E 20 4.22 69.97 -32.45
C HIS E 20 4.44 70.48 -33.87
N ARG E 21 5.45 71.33 -34.03
CA ARG E 21 5.72 71.96 -35.32
C ARG E 21 7.10 71.60 -35.84
N TRP E 22 7.76 70.66 -35.16
CA TRP E 22 9.08 70.21 -35.58
C TRP E 22 9.08 69.82 -37.03
N ASP E 23 8.00 69.19 -37.46
CA ASP E 23 7.92 68.72 -38.81
C ASP E 23 7.86 69.86 -39.82
N LYS E 24 7.37 71.02 -39.38
CA LYS E 24 7.22 72.18 -40.25
C LYS E 24 8.42 73.13 -40.30
N LEU E 25 9.31 73.01 -39.32
CA LEU E 25 10.50 73.86 -39.21
C LEU E 25 11.50 73.58 -40.32
N HIS E 26 11.57 72.31 -40.66
CA HIS E 26 12.45 71.81 -41.71
C HIS E 26 11.70 70.63 -42.31
N LYS E 27 12.00 70.25 -43.54
CA LYS E 27 11.34 69.08 -44.12
C LYS E 27 11.97 67.75 -43.68
N ASP E 28 13.23 67.74 -43.23
CA ASP E 28 13.86 66.51 -42.72
C ASP E 28 13.03 65.96 -41.56
N PHE E 29 12.31 66.86 -40.94
CA PHE E 29 11.54 66.53 -39.80
C PHE E 29 10.16 66.07 -40.28
N GLU E 30 10.03 65.69 -41.54
CA GLU E 30 8.72 65.26 -42.01
C GLU E 30 8.22 64.00 -41.35
N VAL E 31 9.14 63.05 -41.21
CA VAL E 31 8.75 61.79 -40.66
C VAL E 31 8.32 62.04 -39.22
N CYS E 32 8.77 63.15 -38.63
CA CYS E 32 8.28 63.53 -37.30
C CYS E 32 6.73 63.67 -37.35
N LYS E 33 6.13 63.82 -38.53
CA LYS E 33 4.67 63.68 -38.57
C LYS E 33 4.24 62.49 -39.43
N SER E 34 4.92 62.22 -40.54
CA SER E 34 4.47 61.17 -41.46
C SER E 34 4.78 59.74 -41.02
N GLY E 35 5.66 59.57 -40.04
CA GLY E 35 6.09 58.26 -39.61
C GLY E 35 5.03 57.45 -38.90
N LYS E 36 5.04 56.14 -39.07
CA LYS E 36 3.98 55.33 -38.45
C LYS E 36 4.47 54.62 -37.18
N SER E 37 5.76 54.73 -36.88
CA SER E 37 6.37 54.05 -35.75
CA SER E 37 6.32 54.06 -35.72
C SER E 37 7.12 55.05 -34.92
N GLN E 38 6.43 56.14 -34.60
CA GLN E 38 7.03 57.28 -33.93
C GLN E 38 7.08 57.04 -32.43
N SER E 39 8.17 57.48 -31.83
CA SER E 39 8.37 57.37 -30.40
C SER E 39 8.54 58.78 -29.81
N PRO E 40 8.28 58.95 -28.50
CA PRO E 40 7.95 57.97 -27.45
C PRO E 40 6.49 57.55 -27.43
N ILE E 41 6.23 56.41 -26.79
CA ILE E 41 4.85 55.96 -26.58
C ILE E 41 4.64 55.50 -25.15
N ASN E 42 3.39 55.24 -24.82
CA ASN E 42 3.06 54.72 -23.52
C ASN E 42 3.05 53.20 -23.65
N ILE E 43 3.91 52.55 -22.89
CA ILE E 43 4.03 51.09 -22.96
C ILE E 43 3.01 50.42 -22.02
N GLU E 44 1.97 49.86 -22.59
CA GLU E 44 0.92 49.28 -21.78
C GLU E 44 0.64 47.91 -22.32
N HIS E 45 0.90 47.71 -23.60
CA HIS E 45 0.75 46.37 -24.18
C HIS E 45 2.03 45.68 -24.57
N TYR E 46 2.26 44.54 -23.95
CA TYR E 46 3.46 43.83 -24.27
C TYR E 46 3.28 42.33 -24.24
N TYR E 47 4.29 41.66 -24.76
CA TYR E 47 4.36 40.22 -24.84
C TYR E 47 5.57 39.76 -24.03
N HIS E 48 5.44 38.63 -23.33
CA HIS E 48 6.53 38.05 -22.55
C HIS E 48 7.32 36.96 -23.27
N THR E 49 8.61 36.92 -23.00
CA THR E 49 9.56 35.96 -23.56
C THR E 49 10.71 35.86 -22.55
N GLN E 50 11.89 35.36 -22.93
CA GLN E 50 12.96 35.17 -21.95
C GLN E 50 14.29 35.79 -22.42
N ASP E 51 15.32 35.76 -21.56
CA ASP E 51 16.64 36.28 -21.95
C ASP E 51 17.15 35.58 -23.15
N LYS E 52 17.45 36.30 -24.23
CA LYS E 52 18.06 35.66 -25.38
C LYS E 52 19.46 36.18 -25.51
N LEU E 55 21.69 39.95 -26.46
CA LEU E 55 22.12 41.28 -26.04
C LEU E 55 23.35 41.08 -25.13
N GLN E 56 24.45 41.75 -25.44
CA GLN E 56 25.70 41.59 -24.68
C GLN E 56 26.40 42.91 -24.53
N PHE E 57 27.09 43.10 -23.41
CA PHE E 57 27.63 44.41 -23.12
C PHE E 57 29.14 44.40 -23.19
N LYS E 58 29.72 45.33 -23.93
CA LYS E 58 31.17 45.53 -23.85
C LYS E 58 31.48 47.00 -23.54
N TYR E 59 31.04 47.46 -22.37
CA TYR E 59 31.34 48.80 -21.86
C TYR E 59 32.64 48.86 -21.04
N ALA E 60 33.23 50.03 -20.93
CA ALA E 60 34.38 50.22 -20.06
C ALA E 60 34.39 51.62 -19.51
N ALA E 61 35.11 51.84 -18.42
CA ALA E 61 35.22 53.18 -17.86
C ALA E 61 35.85 54.05 -18.91
N SER E 62 35.20 55.16 -19.24
CA SER E 62 35.65 55.92 -20.37
C SER E 62 35.75 57.40 -20.12
N LYS E 63 36.85 57.98 -20.57
CA LYS E 63 36.98 59.41 -20.50
C LYS E 63 36.23 59.88 -21.72
N PRO E 64 35.26 60.77 -21.50
CA PRO E 64 34.43 61.16 -22.64
C PRO E 64 35.28 61.75 -23.75
N LYS E 65 34.75 61.69 -24.97
CA LYS E 65 35.40 62.26 -26.12
C LYS E 65 35.08 63.71 -26.01
N ALA E 66 33.89 63.96 -25.51
CA ALA E 66 33.39 65.30 -25.28
C ALA E 66 32.31 65.25 -24.25
N VAL E 67 32.31 66.21 -23.34
CA VAL E 67 31.23 66.36 -22.39
C VAL E 67 30.63 67.69 -22.71
N PHE E 68 29.44 67.68 -23.30
CA PHE E 68 28.87 68.91 -23.77
C PHE E 68 27.36 68.95 -23.73
N PHE E 69 26.86 70.18 -23.67
CA PHE E 69 25.45 70.48 -23.82
C PHE E 69 25.23 70.60 -25.32
N THR E 70 24.23 69.91 -25.84
CA THR E 70 23.88 70.05 -27.25
C THR E 70 22.38 69.86 -27.40
N HIS E 71 21.75 70.69 -28.21
CA HIS E 71 20.31 70.60 -28.46
C HIS E 71 19.49 70.34 -27.23
N HIS E 72 19.70 71.16 -26.19
CA HIS E 72 18.87 71.23 -24.97
C HIS E 72 19.17 70.16 -23.93
N THR E 73 20.14 69.32 -24.24
CA THR E 73 20.45 68.11 -23.50
C THR E 73 21.93 68.02 -23.12
N LEU E 74 22.24 67.54 -21.93
CA LEU E 74 23.63 67.22 -21.64
C LEU E 74 23.97 65.92 -22.36
N LYS E 75 25.11 65.89 -23.02
CA LYS E 75 25.49 64.75 -23.83
C LYS E 75 26.99 64.56 -23.71
N ALA E 76 27.40 63.32 -23.62
CA ALA E 76 28.81 63.04 -23.63
C ALA E 76 29.12 62.09 -24.76
N SER E 77 30.10 62.42 -25.59
CA SER E 77 30.37 61.56 -26.72
C SER E 77 31.58 60.74 -26.40
N PHE E 78 31.73 59.61 -27.08
CA PHE E 78 32.85 58.74 -26.84
C PHE E 78 33.46 58.16 -28.09
N GLU E 79 34.69 57.73 -27.93
CA GLU E 79 35.39 57.01 -28.96
C GLU E 79 34.81 55.62 -28.99
N PRO E 80 34.83 54.98 -30.16
CA PRO E 80 34.23 53.65 -30.39
C PRO E 80 34.97 52.46 -29.81
N THR E 81 35.04 52.43 -28.50
CA THR E 81 35.65 51.33 -27.79
C THR E 81 34.57 50.57 -27.10
N ASN E 82 33.43 51.21 -26.90
CA ASN E 82 32.32 50.60 -26.20
C ASN E 82 31.20 50.15 -27.15
N HIS E 83 30.79 48.90 -27.01
CA HIS E 83 29.84 48.29 -27.91
C HIS E 83 28.70 47.47 -27.27
N ILE E 84 27.65 47.26 -28.06
CA ILE E 84 26.57 46.35 -27.66
C ILE E 84 26.44 45.28 -28.73
N ASN E 85 26.33 44.04 -28.29
CA ASN E 85 26.19 42.91 -29.18
C ASN E 85 24.74 42.46 -29.14
N TYR E 86 24.04 42.57 -30.26
CA TYR E 86 22.64 42.19 -30.29
C TYR E 86 22.37 41.24 -31.40
N ARG E 87 21.83 40.08 -31.04
CA ARG E 87 21.54 39.02 -32.00
C ARG E 87 22.73 38.80 -32.91
N GLY E 88 23.93 38.88 -32.33
CA GLY E 88 25.12 38.63 -33.11
C GLY E 88 25.49 39.82 -33.96
N HIS E 89 24.91 40.98 -33.67
CA HIS E 89 25.26 42.18 -34.42
C HIS E 89 25.83 43.23 -33.45
N ASP E 90 26.96 43.82 -33.80
CA ASP E 90 27.64 44.82 -32.98
C ASP E 90 27.28 46.30 -33.23
N TYR E 91 26.71 46.94 -32.21
CA TYR E 91 26.35 48.35 -32.27
C TYR E 91 27.23 49.11 -31.31
N VAL E 92 27.98 50.08 -31.82
CA VAL E 92 28.97 50.77 -31.01
C VAL E 92 28.33 51.94 -30.34
N LEU E 93 28.67 52.13 -29.08
CA LEU E 93 28.18 53.27 -28.33
C LEU E 93 28.78 54.55 -28.89
N ASP E 94 27.92 55.52 -29.17
CA ASP E 94 28.32 56.82 -29.68
C ASP E 94 28.34 57.90 -28.60
N ASN E 95 27.27 57.94 -27.81
CA ASN E 95 27.12 58.93 -26.76
C ASN E 95 26.07 58.55 -25.76
N VAL E 96 26.06 59.27 -24.65
CA VAL E 96 25.01 59.15 -23.64
C VAL E 96 24.47 60.51 -23.27
N HIS E 97 23.17 60.70 -23.44
CA HIS E 97 22.60 62.00 -23.19
C HIS E 97 21.40 61.90 -22.25
N PHE E 98 20.87 63.04 -21.83
CA PHE E 98 19.88 63.09 -20.77
C PHE E 98 18.60 63.81 -21.18
N HIS E 99 17.49 63.36 -20.63
CA HIS E 99 16.16 63.91 -20.91
C HIS E 99 15.45 64.19 -19.57
N ALA E 100 14.72 65.28 -19.42
CA ALA E 100 13.98 65.46 -18.17
C ALA E 100 12.62 66.09 -18.43
N PRO E 101 11.53 65.43 -18.06
CA PRO E 101 11.30 64.12 -17.44
C PRO E 101 11.64 62.97 -18.37
N MET E 102 11.54 61.74 -17.86
CA MET E 102 11.74 60.53 -18.65
C MET E 102 10.77 60.56 -19.83
N GLU E 103 11.26 60.27 -21.02
CA GLU E 103 10.44 60.42 -22.23
C GLU E 103 9.43 59.26 -22.44
N PHE E 104 9.89 58.03 -22.34
CA PHE E 104 9.03 56.87 -22.52
C PHE E 104 8.11 56.59 -21.33
N LEU E 105 6.89 56.14 -21.59
CA LEU E 105 5.96 55.84 -20.50
C LEU E 105 5.58 54.37 -20.40
N ILE E 106 5.66 53.83 -19.18
CA ILE E 106 5.23 52.48 -18.90
C ILE E 106 3.90 52.56 -18.13
N ASN E 107 2.81 52.28 -18.84
CA ASN E 107 1.45 52.42 -18.33
C ASN E 107 1.25 53.70 -17.56
N ASN E 108 1.43 54.83 -18.25
CA ASN E 108 1.30 56.17 -17.67
C ASN E 108 2.12 56.47 -16.43
N LYS E 109 3.08 55.61 -16.09
CA LYS E 109 3.90 55.93 -14.94
C LYS E 109 5.19 56.63 -15.37
N THR E 110 5.35 57.83 -14.83
CA THR E 110 6.49 58.72 -15.04
C THR E 110 7.71 58.64 -14.10
N ARG E 111 8.88 58.96 -14.65
CA ARG E 111 10.10 59.15 -13.87
C ARG E 111 10.59 60.60 -14.10
N PRO E 112 11.20 61.24 -13.08
CA PRO E 112 11.74 62.61 -13.22
C PRO E 112 12.84 62.79 -14.24
N LEU E 113 13.49 61.70 -14.61
CA LEU E 113 14.69 61.80 -15.42
C LEU E 113 14.93 60.54 -16.25
N SER E 114 15.51 60.69 -17.43
CA SER E 114 15.90 59.57 -18.28
C SER E 114 17.32 59.67 -18.80
N ALA E 115 17.88 58.53 -19.20
CA ALA E 115 19.20 58.50 -19.82
C ALA E 115 19.12 57.73 -21.13
N HIS E 116 19.88 58.17 -22.14
CA HIS E 116 19.83 57.52 -23.43
C HIS E 116 21.22 57.09 -23.91
N PHE E 117 21.39 55.79 -24.12
CA PHE E 117 22.61 55.22 -24.67
C PHE E 117 22.45 54.99 -26.17
N VAL E 118 23.10 55.83 -26.97
CA VAL E 118 22.91 55.86 -28.43
C VAL E 118 23.98 55.06 -29.17
N HIS E 119 23.58 54.04 -29.95
CA HIS E 119 24.50 53.13 -30.67
C HIS E 119 24.31 53.05 -32.19
N LYS E 120 25.39 52.80 -32.91
CA LYS E 120 25.37 52.72 -34.38
C LYS E 120 26.24 51.56 -34.85
N ASP E 121 25.85 50.91 -35.95
CA ASP E 121 26.68 49.84 -36.48
C ASP E 121 27.48 50.29 -37.69
N ALA E 122 28.04 49.29 -38.36
CA ALA E 122 28.78 49.49 -39.60
C ALA E 122 27.84 50.08 -40.63
N LYS E 123 26.64 49.54 -40.70
CA LYS E 123 25.68 49.97 -41.70
C LYS E 123 25.06 51.32 -41.37
N GLY E 124 25.25 51.81 -40.15
CA GLY E 124 24.63 53.08 -39.78
C GLY E 124 23.25 52.89 -39.16
N ARG E 125 22.91 51.64 -38.84
CA ARG E 125 21.66 51.26 -38.19
C ARG E 125 21.66 51.66 -36.73
N LEU E 126 20.48 51.97 -36.19
CA LEU E 126 20.38 52.57 -34.86
C LEU E 126 19.83 51.68 -33.76
N LEU E 127 20.43 51.79 -32.56
CA LEU E 127 19.96 51.10 -31.36
C LEU E 127 20.06 52.02 -30.15
N VAL E 128 18.95 52.29 -29.50
CA VAL E 128 19.00 53.17 -28.36
C VAL E 128 18.42 52.52 -27.07
N LEU E 129 19.00 52.87 -25.93
CA LEU E 129 18.62 52.31 -24.65
C LEU E 129 17.95 53.38 -23.81
N ALA E 130 16.81 53.10 -23.21
CA ALA E 130 16.15 54.09 -22.35
C ALA E 130 16.11 53.61 -20.91
N ILE E 131 16.35 54.50 -19.93
CA ILE E 131 16.13 54.13 -18.52
C ILE E 131 15.80 55.31 -17.59
N GLY E 132 14.81 55.17 -16.73
CA GLY E 132 14.42 56.28 -15.91
C GLY E 132 15.20 56.38 -14.62
N PHE E 133 15.16 57.54 -13.98
CA PHE E 133 15.80 57.80 -12.68
C PHE E 133 14.76 58.15 -11.62
N GLU E 134 14.98 57.71 -10.40
CA GLU E 134 14.17 58.17 -9.30
C GLU E 134 15.06 58.94 -8.34
N GLU E 135 14.50 59.91 -7.61
CA GLU E 135 15.28 60.61 -6.58
C GLU E 135 15.57 59.73 -5.36
N GLY E 136 16.83 59.66 -4.95
CA GLY E 136 17.25 58.80 -3.87
C GLY E 136 18.70 59.09 -3.51
N LYS E 137 19.52 58.05 -3.42
CA LYS E 137 20.90 58.28 -3.07
C LYS E 137 21.70 58.95 -4.18
N GLU E 138 22.89 59.43 -3.83
CA GLU E 138 23.74 60.14 -4.77
C GLU E 138 24.18 59.16 -5.82
N ASN E 139 24.20 59.57 -7.08
CA ASN E 139 24.66 58.71 -8.13
C ASN E 139 26.09 59.08 -8.50
N PRO E 140 27.04 58.23 -8.12
CA PRO E 140 28.48 58.41 -8.39
C PRO E 140 28.81 58.43 -9.85
N ASN E 141 28.00 57.77 -10.66
CA ASN E 141 28.31 57.64 -12.08
C ASN E 141 28.04 58.90 -12.82
N LEU E 142 27.26 59.75 -12.18
CA LEU E 142 26.89 61.00 -12.78
C LEU E 142 27.98 62.03 -12.59
N ASP E 143 28.70 61.94 -11.49
CA ASP E 143 29.66 62.99 -11.15
C ASP E 143 30.83 63.20 -12.13
N PRO E 144 31.44 62.13 -12.69
CA PRO E 144 32.48 62.37 -13.72
C PRO E 144 31.95 63.07 -14.96
N ILE E 145 30.63 63.02 -15.17
CA ILE E 145 29.94 63.71 -16.26
C ILE E 145 29.73 65.18 -15.87
N LEU E 146 29.40 65.38 -14.60
CA LEU E 146 29.09 66.69 -14.07
C LEU E 146 30.33 67.59 -13.93
N GLU E 147 31.43 67.03 -13.44
CA GLU E 147 32.66 67.80 -13.31
C GLU E 147 33.43 68.00 -14.60
N GLY E 148 32.81 67.68 -15.72
CA GLY E 148 33.55 67.51 -16.95
C GLY E 148 32.85 68.43 -17.91
N ILE E 149 31.75 69.01 -17.43
CA ILE E 149 31.11 70.06 -18.19
C ILE E 149 31.59 71.40 -17.61
N GLN E 150 32.42 71.35 -16.56
CA GLN E 150 32.97 72.58 -15.97
C GLN E 150 34.47 72.64 -16.23
N LYS E 151 34.94 71.68 -17.01
CA LYS E 151 36.29 71.68 -17.53
C LYS E 151 36.13 71.04 -18.89
N LYS E 152 36.77 71.59 -19.92
CA LYS E 152 36.56 71.06 -21.26
C LYS E 152 37.81 70.57 -22.00
N GLN E 153 38.84 70.15 -21.28
CA GLN E 153 40.01 69.57 -21.91
C GLN E 153 40.22 68.13 -21.42
N ASN E 154 40.56 67.96 -20.15
CA ASN E 154 40.73 66.62 -19.57
C ASN E 154 39.50 66.28 -18.72
N PHE E 155 38.63 65.46 -19.30
CA PHE E 155 37.33 65.12 -18.75
C PHE E 155 37.58 64.00 -17.73
N LYS E 156 36.73 63.82 -16.74
CA LYS E 156 37.00 62.68 -15.86
C LYS E 156 36.30 61.44 -16.40
N GLU E 157 36.92 60.28 -16.27
CA GLU E 157 36.39 59.04 -16.84
C GLU E 157 34.99 58.70 -16.30
N VAL E 158 34.12 58.24 -17.19
CA VAL E 158 32.79 57.74 -16.83
C VAL E 158 32.75 56.24 -16.80
N ALA E 159 32.29 55.71 -15.69
CA ALA E 159 32.24 54.26 -15.52
C ALA E 159 31.06 53.66 -16.27
N LEU E 160 31.24 53.37 -17.56
CA LEU E 160 30.14 52.87 -18.39
C LEU E 160 29.68 51.46 -18.04
N ASP E 161 30.58 50.61 -17.54
CA ASP E 161 30.17 49.25 -17.17
C ASP E 161 29.46 49.32 -15.83
N ALA E 162 29.60 50.43 -15.13
CA ALA E 162 29.00 50.57 -13.82
C ALA E 162 27.66 51.28 -13.82
N PHE E 163 27.30 51.86 -14.96
CA PHE E 163 26.11 52.70 -15.05
C PHE E 163 24.84 51.87 -14.93
N LEU E 164 24.81 50.71 -15.53
CA LEU E 164 23.58 49.94 -15.52
C LEU E 164 23.50 48.94 -14.39
N PRO E 165 22.28 48.70 -13.88
CA PRO E 165 21.98 47.63 -12.91
C PRO E 165 22.48 46.25 -13.38
N LYS E 166 22.74 45.34 -12.45
CA LYS E 166 23.33 44.06 -12.84
C LYS E 166 22.33 43.19 -13.56
N SER E 167 21.10 43.18 -13.07
CA SER E 167 20.07 42.45 -13.77
C SER E 167 19.03 43.44 -14.26
N ILE E 168 18.66 43.33 -15.52
CA ILE E 168 17.71 44.28 -16.06
C ILE E 168 16.61 43.61 -16.83
N ASN E 169 15.43 44.19 -16.67
CA ASN E 169 14.30 43.89 -17.52
C ASN E 169 14.09 45.01 -18.49
N TYR E 170 13.87 44.68 -19.77
CA TYR E 170 13.71 45.71 -20.79
C TYR E 170 12.47 45.52 -21.68
N TYR E 171 12.03 46.60 -22.32
CA TYR E 171 11.01 46.52 -23.36
C TYR E 171 11.69 46.81 -24.68
N HIS E 172 11.46 45.95 -25.64
CA HIS E 172 12.13 46.09 -26.90
C HIS E 172 11.11 46.18 -28.03
N PHE E 173 11.34 47.12 -28.94
CA PHE E 173 10.41 47.44 -30.03
C PHE E 173 11.10 48.29 -31.09
N ASN E 174 10.44 48.43 -32.24
CA ASN E 174 10.93 49.26 -33.30
C ASN E 174 10.24 50.62 -33.25
N GLY E 175 11.03 51.70 -33.25
CA GLY E 175 10.50 53.04 -33.17
C GLY E 175 11.37 54.06 -33.86
N SER E 176 11.43 55.26 -33.31
CA SER E 176 12.15 56.38 -33.93
C SER E 176 12.97 57.16 -32.92
N LEU E 177 13.77 58.11 -33.42
CA LEU E 177 14.43 59.06 -32.55
C LEU E 177 13.42 59.97 -31.89
N THR E 178 13.66 60.38 -30.66
CA THR E 178 12.68 61.23 -30.01
C THR E 178 12.92 62.73 -30.35
N ALA E 179 14.01 63.03 -31.05
CA ALA E 179 14.28 64.39 -31.52
C ALA E 179 14.38 64.41 -33.07
N PRO E 180 14.13 65.57 -33.71
CA PRO E 180 14.29 65.65 -35.17
C PRO E 180 15.66 65.12 -35.64
N PRO E 181 15.74 64.53 -36.84
CA PRO E 181 14.70 64.35 -37.86
C PRO E 181 13.75 63.22 -37.58
N CYS E 182 13.74 62.70 -36.36
CA CYS E 182 12.87 61.59 -35.96
C CYS E 182 13.10 60.34 -36.79
N THR E 183 14.36 60.06 -37.09
CA THR E 183 14.69 58.92 -37.91
C THR E 183 14.15 57.65 -37.25
N GLU E 184 13.49 56.84 -38.07
CA GLU E 184 12.89 55.59 -37.66
C GLU E 184 13.93 54.52 -37.91
N GLY E 185 13.60 53.27 -37.63
CA GLY E 185 14.52 52.17 -37.79
C GLY E 185 15.37 52.04 -36.54
N VAL E 186 14.87 52.60 -35.43
CA VAL E 186 15.59 52.61 -34.17
C VAL E 186 15.25 51.41 -33.30
N ALA E 187 16.23 50.60 -32.95
CA ALA E 187 16.01 49.50 -32.01
C ALA E 187 16.03 50.04 -30.59
N TRP E 188 14.89 49.99 -29.91
CA TRP E 188 14.78 50.52 -28.53
C TRP E 188 14.81 49.48 -27.42
N PHE E 189 15.63 49.72 -26.40
CA PHE E 189 15.52 48.88 -25.23
C PHE E 189 15.30 49.77 -24.07
N VAL E 190 14.15 49.63 -23.43
CA VAL E 190 13.82 50.46 -22.27
C VAL E 190 13.74 49.70 -20.94
N ILE E 191 14.74 49.96 -20.09
CA ILE E 191 14.85 49.31 -18.80
C ILE E 191 13.79 49.80 -17.82
N GLU E 192 13.11 48.83 -17.23
CA GLU E 192 12.06 49.08 -16.27
C GLU E 192 12.65 49.53 -14.92
N GLU E 193 13.86 49.07 -14.66
CA GLU E 193 14.57 49.35 -13.42
C GLU E 193 15.09 50.80 -13.29
N PRO E 194 14.67 51.53 -12.24
CA PRO E 194 15.17 52.89 -12.08
C PRO E 194 16.58 52.99 -11.52
N LEU E 195 17.32 53.98 -11.96
CA LEU E 195 18.53 54.30 -11.28
C LEU E 195 18.12 55.40 -10.30
N GLU E 196 19.06 55.89 -9.49
CA GLU E 196 18.77 56.90 -8.47
C GLU E 196 19.59 58.20 -8.61
N VAL E 197 18.92 59.33 -8.44
CA VAL E 197 19.58 60.62 -8.50
C VAL E 197 19.34 61.38 -7.19
N SER E 198 20.35 62.09 -6.68
CA SER E 198 20.12 62.91 -5.50
C SER E 198 19.34 64.17 -5.84
N ALA E 199 18.80 64.82 -4.82
CA ALA E 199 18.02 66.03 -5.03
C ALA E 199 18.93 67.13 -5.49
N LYS E 200 20.14 67.15 -4.96
CA LYS E 200 21.07 68.15 -5.39
C LYS E 200 21.49 67.87 -6.82
N GLN E 201 21.76 66.60 -7.11
CA GLN E 201 22.15 66.19 -8.46
C GLN E 201 21.01 66.36 -9.49
N LEU E 202 19.77 66.05 -9.14
CA LEU E 202 18.69 66.28 -10.10
C LEU E 202 18.66 67.75 -10.50
N ALA E 203 18.79 68.65 -9.52
CA ALA E 203 18.80 70.08 -9.79
C ALA E 203 20.03 70.45 -10.57
N GLU E 204 21.17 69.87 -10.21
CA GLU E 204 22.45 70.21 -10.84
C GLU E 204 22.46 69.86 -12.32
N ILE E 205 21.81 68.77 -12.73
CA ILE E 205 21.80 68.41 -14.16
C ILE E 205 20.66 69.11 -14.90
N LYS E 206 19.61 69.49 -14.17
CA LYS E 206 18.59 70.35 -14.77
C LYS E 206 19.20 71.73 -14.91
N LYS E 207 20.10 72.06 -14.00
CA LYS E 207 20.83 73.32 -14.08
C LYS E 207 21.82 73.24 -15.26
N ARG E 208 22.29 72.03 -15.57
CA ARG E 208 23.15 71.83 -16.75
C ARG E 208 22.36 71.64 -18.05
N MET E 209 21.06 71.38 -17.95
CA MET E 209 20.21 71.46 -19.14
C MET E 209 19.51 72.81 -19.30
N LYS E 210 19.97 73.81 -18.57
CA LYS E 210 19.42 75.17 -18.61
C LYS E 210 17.96 75.21 -18.14
N ASN E 211 17.63 74.29 -17.23
CA ASN E 211 16.31 74.26 -16.57
C ASN E 211 15.13 74.30 -17.54
N SER E 212 15.37 73.77 -18.74
CA SER E 212 14.31 73.60 -19.74
C SER E 212 14.06 72.13 -19.99
N PRO E 213 12.80 71.70 -19.83
CA PRO E 213 12.37 70.32 -20.10
C PRO E 213 12.72 69.89 -21.53
N ASN E 214 13.40 68.76 -21.69
CA ASN E 214 13.66 68.24 -23.03
C ASN E 214 13.01 66.85 -23.22
N GLN E 215 11.73 66.77 -22.89
CA GLN E 215 10.97 65.55 -23.05
C GLN E 215 9.96 65.64 -24.21
N ARG E 216 10.13 64.85 -25.27
CA ARG E 216 9.14 64.78 -26.37
C ARG E 216 7.84 64.09 -26.00
N PRO E 217 6.69 64.70 -26.34
CA PRO E 217 5.41 64.09 -26.01
C PRO E 217 5.25 62.72 -26.63
N VAL E 218 4.35 61.95 -26.04
CA VAL E 218 3.96 60.64 -26.55
C VAL E 218 3.26 60.71 -27.89
N GLN E 219 3.74 59.90 -28.82
CA GLN E 219 3.19 59.77 -30.16
C GLN E 219 2.13 58.69 -30.25
N PRO E 220 1.28 58.75 -31.26
CA PRO E 220 0.30 57.70 -31.52
C PRO E 220 0.95 56.36 -31.74
N ASP E 221 0.40 55.31 -31.15
CA ASP E 221 0.98 53.99 -31.29
C ASP E 221 0.13 53.22 -32.30
N TYR E 222 0.77 52.56 -33.25
CA TYR E 222 0.01 51.79 -34.23
C TYR E 222 0.18 50.31 -33.97
N ASN E 223 -0.17 49.89 -32.76
CA ASN E 223 -0.06 48.51 -32.32
C ASN E 223 1.35 47.98 -32.46
N THR E 224 2.28 48.76 -31.91
CA THR E 224 3.67 48.41 -31.91
C THR E 224 3.89 47.06 -31.26
N VAL E 225 4.67 46.23 -31.94
CA VAL E 225 5.06 44.96 -31.42
C VAL E 225 6.20 45.15 -30.43
N ILE E 226 5.90 44.86 -29.17
CA ILE E 226 6.84 45.00 -28.06
C ILE E 226 7.10 43.64 -27.35
N ILE E 227 8.35 43.36 -27.04
CA ILE E 227 8.66 42.19 -26.24
C ILE E 227 9.23 42.62 -24.89
N LYS E 228 8.97 41.85 -23.85
CA LYS E 228 9.57 42.12 -22.55
C LYS E 228 10.58 41.01 -22.34
N SER E 229 11.76 41.35 -21.84
CA SER E 229 12.80 40.35 -21.71
C SER E 229 13.76 40.75 -20.62
N SER E 230 14.88 40.07 -20.55
CA SER E 230 15.82 40.32 -19.47
C SER E 230 17.24 40.15 -19.94
N ALA E 231 18.18 40.87 -19.32
CA ALA E 231 19.60 40.64 -19.61
C ALA E 231 20.52 40.94 -18.43
N GLU E 232 21.73 40.38 -18.51
CA GLU E 232 22.81 40.69 -17.57
C GLU E 232 23.62 41.79 -18.18
N THR E 233 24.07 42.74 -17.37
CA THR E 233 24.75 43.86 -17.97
C THR E 233 26.25 43.78 -17.80
N ARG E 234 26.71 42.73 -17.13
CA ARG E 234 28.13 42.41 -17.12
C ARG E 234 28.43 41.02 -16.56
N TRP F 10 3.18 51.21 -62.04
CA TRP F 10 4.15 50.35 -61.36
C TRP F 10 3.86 48.88 -61.67
N ASP F 11 4.90 48.10 -61.89
CA ASP F 11 4.72 46.69 -62.24
C ASP F 11 5.80 45.86 -61.59
N TYR F 12 5.87 44.61 -62.02
CA TYR F 12 6.91 43.76 -61.54
C TYR F 12 7.82 43.34 -62.70
N LYS F 13 8.12 44.25 -63.62
CA LYS F 13 8.97 43.87 -64.74
C LYS F 13 10.37 44.40 -64.51
N ASN F 14 11.12 44.52 -65.58
CA ASN F 14 12.49 44.96 -65.46
C ASN F 14 12.62 46.44 -65.83
N LYS F 15 13.59 47.11 -65.22
CA LYS F 15 13.80 48.51 -65.51
C LYS F 15 12.61 49.37 -65.09
N GLU F 16 12.43 50.48 -65.79
CA GLU F 16 11.71 51.65 -65.28
C GLU F 16 10.27 51.60 -64.74
N ASN F 17 9.52 50.50 -64.78
CA ASN F 17 8.35 50.42 -63.87
C ASN F 17 8.44 49.30 -62.83
N GLY F 18 9.59 49.12 -62.20
CA GLY F 18 9.77 47.95 -61.35
C GLY F 18 9.89 48.21 -59.86
N PRO F 19 9.95 47.12 -59.07
CA PRO F 19 9.91 47.15 -57.61
C PRO F 19 10.99 48.06 -57.03
N HIS F 20 12.20 48.05 -57.58
CA HIS F 20 13.23 49.01 -57.19
C HIS F 20 12.87 50.46 -57.46
N ARG F 21 11.97 50.67 -58.42
CA ARG F 21 11.72 52.02 -58.92
C ARG F 21 10.32 52.55 -58.63
N TRP F 22 9.58 51.80 -57.83
CA TRP F 22 8.24 52.18 -57.43
C TRP F 22 8.20 53.58 -56.86
N ASP F 23 9.24 53.95 -56.13
CA ASP F 23 9.29 55.23 -55.42
C ASP F 23 9.43 56.53 -56.21
N LYS F 24 10.09 56.49 -57.35
CA LYS F 24 10.27 57.73 -58.14
C LYS F 24 9.25 57.83 -59.25
N LEU F 25 8.39 56.83 -59.32
CA LEU F 25 7.32 56.76 -60.31
C LEU F 25 6.33 57.88 -59.93
N HIS F 26 6.14 58.08 -58.62
CA HIS F 26 5.29 59.12 -58.08
C HIS F 26 5.92 59.48 -56.74
N LYS F 27 5.67 60.65 -56.18
CA LYS F 27 6.31 60.95 -54.90
C LYS F 27 5.67 60.29 -53.67
N ASP F 28 4.39 59.91 -53.75
CA ASP F 28 3.71 59.23 -52.66
C ASP F 28 4.42 57.91 -52.34
N PHE F 29 5.13 57.37 -53.32
CA PHE F 29 5.70 56.05 -53.16
C PHE F 29 7.07 56.18 -52.56
N GLU F 30 7.33 57.33 -51.93
CA GLU F 30 8.61 57.60 -51.29
C GLU F 30 8.85 56.62 -50.18
N VAL F 31 7.76 56.31 -49.49
CA VAL F 31 7.84 55.41 -48.37
C VAL F 31 8.22 54.02 -48.83
N CYS F 32 7.95 53.68 -50.09
CA CYS F 32 8.39 52.39 -50.65
C CYS F 32 9.89 52.28 -50.64
N LYS F 33 10.58 53.41 -50.59
CA LYS F 33 12.04 53.35 -50.56
C LYS F 33 12.63 53.87 -49.25
N SER F 34 12.08 54.96 -48.72
CA SER F 34 12.62 55.61 -47.53
C SER F 34 12.19 54.94 -46.25
N GLY F 35 11.20 54.04 -46.34
CA GLY F 35 10.58 53.41 -45.19
C GLY F 35 11.38 52.43 -44.33
N LYS F 36 11.08 52.45 -43.03
CA LYS F 36 11.87 51.68 -42.12
C LYS F 36 11.12 50.42 -41.68
N SER F 37 9.91 50.23 -42.21
CA SER F 37 9.06 49.07 -41.91
C SER F 37 8.55 48.43 -43.20
N GLN F 38 9.40 48.26 -44.21
CA GLN F 38 8.92 47.82 -45.52
C GLN F 38 8.85 46.31 -45.63
N SER F 39 7.79 45.81 -46.24
CA SER F 39 7.59 44.39 -46.49
C SER F 39 7.53 44.05 -48.00
N PRO F 40 7.82 42.79 -48.37
CA PRO F 40 8.06 41.60 -47.56
C PRO F 40 9.47 41.45 -47.04
N ILE F 41 9.61 40.60 -46.04
CA ILE F 41 10.91 40.25 -45.51
C ILE F 41 11.12 38.74 -45.31
N ASN F 42 12.36 38.39 -45.00
CA ASN F 42 12.74 37.04 -44.66
C ASN F 42 12.66 36.88 -43.15
N ILE F 43 11.77 36.02 -42.68
CA ILE F 43 11.63 35.79 -41.26
C ILE F 43 12.60 34.72 -40.80
N GLU F 44 13.65 35.15 -40.11
CA GLU F 44 14.66 34.22 -39.67
C GLU F 44 15.07 34.54 -38.24
N HIS F 45 14.94 35.81 -37.86
CA HIS F 45 15.15 36.16 -36.47
C HIS F 45 13.81 36.55 -35.91
N TYR F 46 13.37 35.79 -34.91
CA TYR F 46 12.09 36.02 -34.26
C TYR F 46 12.21 35.61 -32.81
N TYR F 47 11.14 35.87 -32.07
CA TYR F 47 11.06 35.59 -30.65
C TYR F 47 9.97 34.57 -30.39
N HIS F 48 10.17 33.72 -29.38
CA HIS F 48 9.16 32.76 -29.00
C HIS F 48 8.31 33.32 -27.87
N THR F 49 7.00 33.07 -27.87
CA THR F 49 6.18 33.50 -26.74
C THR F 49 4.97 32.60 -26.50
N GLN F 50 4.29 32.89 -25.39
CA GLN F 50 3.17 32.09 -24.91
C GLN F 50 1.99 32.96 -24.53
N ASP F 54 -5.75 37.34 -27.84
CA ASP F 54 -5.68 38.71 -28.34
C ASP F 54 -6.22 38.72 -29.74
N LEU F 55 -6.63 37.54 -30.15
CA LEU F 55 -7.05 37.27 -31.51
C LEU F 55 -8.41 36.56 -31.57
N GLN F 56 -9.30 37.01 -32.45
CA GLN F 56 -10.58 36.32 -32.65
C GLN F 56 -11.06 36.18 -34.09
N PHE F 57 -11.64 35.02 -34.39
CA PHE F 57 -12.22 34.80 -35.70
C PHE F 57 -13.72 34.59 -35.67
N LYS F 58 -14.42 35.47 -36.37
CA LYS F 58 -15.83 35.28 -36.69
C LYS F 58 -16.00 35.49 -38.20
N TYR F 59 -15.32 34.64 -38.97
CA TYR F 59 -15.44 34.61 -40.40
C TYR F 59 -16.64 33.83 -40.82
N ALA F 60 -17.11 34.14 -42.00
CA ALA F 60 -18.21 33.35 -42.51
C ALA F 60 -17.96 33.08 -43.97
N ALA F 61 -18.51 31.95 -44.44
CA ALA F 61 -18.46 31.60 -45.84
C ALA F 61 -19.20 32.69 -46.57
N SER F 62 -18.54 33.31 -47.53
CA SER F 62 -19.12 34.49 -48.12
C SER F 62 -19.00 34.49 -49.62
N LYS F 63 -20.05 34.99 -50.27
CA LYS F 63 -20.06 35.17 -51.71
C LYS F 63 -19.30 36.45 -51.98
N PRO F 64 -18.26 36.37 -52.81
CA PRO F 64 -17.40 37.53 -53.05
C PRO F 64 -18.20 38.69 -53.63
N LYS F 65 -17.69 39.90 -53.45
CA LYS F 65 -18.36 41.06 -54.01
C LYS F 65 -17.97 41.19 -55.46
N ALA F 66 -16.71 40.89 -55.74
CA ALA F 66 -16.22 40.90 -57.10
C ALA F 66 -14.97 40.09 -57.17
N VAL F 67 -14.89 39.22 -58.16
CA VAL F 67 -13.67 38.48 -58.37
C VAL F 67 -13.10 38.87 -59.72
N PHE F 68 -12.02 39.65 -59.71
CA PHE F 68 -11.45 40.15 -60.97
C PHE F 68 -9.96 40.37 -60.79
N PHE F 69 -9.23 40.40 -61.89
CA PHE F 69 -7.81 40.73 -61.87
C PHE F 69 -7.53 42.26 -61.83
N THR F 70 -6.70 42.69 -60.89
CA THR F 70 -6.33 44.10 -60.79
C THR F 70 -4.90 44.25 -60.30
N HIS F 71 -4.21 45.27 -60.82
CA HIS F 71 -2.83 45.59 -60.44
C HIS F 71 -1.93 44.36 -60.36
N HIS F 72 -1.89 43.54 -61.43
CA HIS F 72 -0.95 42.40 -61.54
C HIS F 72 -1.36 41.19 -60.68
N THR F 73 -2.52 41.26 -60.04
CA THR F 73 -2.92 40.25 -59.05
C THR F 73 -4.35 39.70 -59.20
N LEU F 74 -4.51 38.40 -58.90
CA LEU F 74 -5.81 37.77 -58.81
C LEU F 74 -6.49 38.24 -57.55
N LYS F 75 -7.74 38.69 -57.64
CA LYS F 75 -8.39 39.22 -56.44
C LYS F 75 -9.89 38.97 -56.26
N ALA F 76 -10.27 38.64 -55.03
CA ALA F 76 -11.68 38.55 -54.64
C ALA F 76 -12.00 39.51 -53.51
N SER F 77 -13.01 40.36 -53.68
CA SER F 77 -13.34 41.38 -52.69
C SER F 77 -14.55 40.92 -51.91
N PHE F 78 -14.81 41.54 -50.76
CA PHE F 78 -15.95 41.12 -49.94
C PHE F 78 -16.72 42.30 -49.38
N GLU F 79 -17.98 42.05 -49.03
CA GLU F 79 -18.77 43.01 -48.28
C GLU F 79 -18.25 42.98 -46.86
N PRO F 80 -18.43 44.09 -46.11
CA PRO F 80 -17.86 44.15 -44.76
C PRO F 80 -18.58 43.31 -43.69
N THR F 81 -18.58 41.98 -43.83
CA THR F 81 -19.18 41.10 -42.82
C THR F 81 -18.14 40.23 -42.09
N ASN F 82 -16.95 40.11 -42.67
CA ASN F 82 -15.93 39.24 -42.10
C ASN F 82 -14.91 40.05 -41.35
N HIS F 83 -14.66 39.67 -40.09
CA HIS F 83 -13.84 40.50 -39.24
C HIS F 83 -12.75 39.75 -38.52
N ILE F 84 -11.74 40.50 -38.07
CA ILE F 84 -10.76 40.01 -37.12
C ILE F 84 -10.66 41.01 -35.96
N ASN F 85 -10.67 40.51 -34.74
CA ASN F 85 -10.57 41.33 -33.55
C ASN F 85 -9.23 41.22 -32.86
N TYR F 86 -8.52 42.35 -32.82
CA TYR F 86 -7.21 42.47 -32.21
C TYR F 86 -7.23 43.68 -31.27
N ARG F 87 -6.90 43.43 -29.99
CA ARG F 87 -6.88 44.47 -28.95
C ARG F 87 -8.16 45.28 -28.89
N GLY F 88 -9.30 44.61 -29.05
CA GLY F 88 -10.56 45.32 -28.94
C GLY F 88 -10.97 46.18 -30.13
N HIS F 89 -10.29 46.05 -31.26
CA HIS F 89 -10.74 46.70 -32.50
C HIS F 89 -11.00 45.67 -33.62
N ASP F 90 -12.05 45.88 -34.39
CA ASP F 90 -12.44 45.01 -35.50
C ASP F 90 -11.71 45.37 -36.78
N TYR F 91 -11.01 44.41 -37.37
CA TYR F 91 -10.34 44.69 -38.64
C TYR F 91 -11.05 43.87 -39.69
N VAL F 92 -11.72 44.60 -40.58
CA VAL F 92 -12.68 44.01 -41.51
C VAL F 92 -12.01 43.55 -42.78
N LEU F 93 -12.29 42.32 -43.19
CA LEU F 93 -11.68 41.77 -44.38
C LEU F 93 -12.18 42.53 -45.58
N ASP F 94 -11.25 42.95 -46.42
CA ASP F 94 -11.60 43.63 -47.63
C ASP F 94 -11.48 42.69 -48.81
N ASN F 95 -10.38 41.96 -48.87
CA ASN F 95 -10.19 41.06 -49.99
C ASN F 95 -9.16 40.03 -49.70
N VAL F 96 -9.12 39.03 -50.58
CA VAL F 96 -8.11 38.02 -50.57
C VAL F 96 -7.57 37.90 -51.96
N HIS F 97 -6.28 38.16 -52.06
CA HIS F 97 -5.60 38.15 -53.32
C HIS F 97 -4.35 37.38 -53.11
N PHE F 98 -3.64 37.08 -54.19
CA PHE F 98 -2.56 36.11 -54.12
C PHE F 98 -1.26 36.69 -54.65
N HIS F 99 -0.14 36.21 -54.11
CA HIS F 99 1.17 36.64 -54.59
C HIS F 99 1.94 35.35 -54.91
N ALA F 100 2.56 35.32 -56.10
CA ALA F 100 3.33 34.15 -56.55
C ALA F 100 4.62 34.54 -57.29
N PRO F 101 5.77 34.05 -56.81
CA PRO F 101 5.93 33.17 -55.64
C PRO F 101 5.63 33.86 -54.31
N MET F 102 5.53 33.09 -53.23
CA MET F 102 5.20 33.68 -51.95
C MET F 102 6.19 34.79 -51.62
N GLU F 103 5.66 35.94 -51.24
CA GLU F 103 6.46 37.14 -51.05
C GLU F 103 7.29 37.08 -49.78
N PHE F 104 6.68 36.70 -48.67
CA PHE F 104 7.40 36.60 -47.41
C PHE F 104 8.27 35.38 -47.31
N LEU F 105 9.41 35.57 -46.69
CA LEU F 105 10.34 34.47 -46.55
C LEU F 105 10.49 34.01 -45.10
N ILE F 106 10.36 32.70 -44.89
CA ILE F 106 10.58 32.09 -43.59
C ILE F 106 11.86 31.27 -43.69
N ASN F 107 12.93 31.69 -43.01
CA ASN F 107 14.23 31.01 -43.14
C ASN F 107 14.55 30.71 -44.59
N ASN F 108 14.54 31.76 -45.40
CA ASN F 108 14.73 31.68 -46.85
C ASN F 108 13.82 30.69 -47.59
N LYS F 109 12.85 30.12 -46.89
CA LYS F 109 11.97 29.11 -47.47
C LYS F 109 10.68 29.68 -48.08
N THR F 110 10.66 29.72 -49.40
CA THR F 110 9.56 30.24 -50.18
C THR F 110 8.44 29.22 -50.38
N ARG F 111 7.21 29.70 -50.53
CA ARG F 111 6.10 28.84 -50.94
C ARG F 111 5.72 29.22 -52.34
N PRO F 112 5.29 28.23 -53.14
CA PRO F 112 4.97 28.49 -54.56
C PRO F 112 3.87 29.55 -54.70
N LEU F 113 3.04 29.69 -53.67
CA LEU F 113 1.91 30.59 -53.69
C LEU F 113 1.53 31.04 -52.29
N SER F 114 1.08 32.28 -52.16
CA SER F 114 0.53 32.81 -50.91
C SER F 114 -0.72 33.64 -51.20
N ALA F 115 -1.58 33.80 -50.19
CA ALA F 115 -2.77 34.65 -50.32
C ALA F 115 -2.82 35.65 -49.21
N HIS F 116 -3.25 36.87 -49.51
CA HIS F 116 -3.20 37.95 -48.51
C HIS F 116 -4.54 38.59 -48.23
N PHE F 117 -4.98 38.41 -47.00
CA PHE F 117 -6.27 38.83 -46.52
C PHE F 117 -6.25 40.18 -45.88
N VAL F 118 -6.79 41.19 -46.55
CA VAL F 118 -6.65 42.56 -46.08
C VAL F 118 -7.80 43.01 -45.23
N HIS F 119 -7.46 43.48 -44.05
CA HIS F 119 -8.44 43.88 -43.05
C HIS F 119 -8.29 45.34 -42.70
N LYS F 120 -9.40 45.92 -42.27
CA LYS F 120 -9.40 47.31 -41.96
C LYS F 120 -10.21 47.61 -40.70
N ASP F 121 -9.79 48.55 -39.86
CA ASP F 121 -10.67 48.87 -38.74
C ASP F 121 -11.34 50.23 -38.97
N ALA F 122 -11.99 50.74 -37.94
CA ALA F 122 -12.62 52.04 -38.03
C ALA F 122 -11.65 53.22 -38.23
N LYS F 123 -10.58 53.21 -37.45
CA LYS F 123 -9.66 54.35 -37.37
C LYS F 123 -8.66 54.48 -38.51
N GLY F 124 -8.63 53.52 -39.42
CA GLY F 124 -7.66 53.58 -40.48
C GLY F 124 -6.42 52.70 -40.32
N ARG F 125 -6.45 51.83 -39.32
CA ARG F 125 -5.38 50.87 -39.13
C ARG F 125 -5.46 49.62 -40.02
N LEU F 126 -4.29 49.07 -40.33
CA LEU F 126 -4.19 48.03 -41.34
C LEU F 126 -3.87 46.65 -40.77
N LEU F 127 -4.53 45.61 -41.27
CA LEU F 127 -4.21 44.25 -40.84
C LEU F 127 -4.22 43.27 -41.99
N VAL F 128 -3.08 42.64 -42.23
CA VAL F 128 -3.00 41.68 -43.31
C VAL F 128 -2.52 40.32 -42.76
N LEU F 129 -3.10 39.25 -43.30
CA LEU F 129 -2.79 37.89 -42.91
C LEU F 129 -2.09 37.13 -44.03
N ALA F 130 -0.99 36.46 -43.72
CA ALA F 130 -0.28 35.70 -44.75
C ALA F 130 -0.23 34.22 -44.45
N ILE F 131 -0.44 33.44 -45.49
CA ILE F 131 -0.28 31.98 -45.45
C ILE F 131 0.06 31.44 -46.84
N GLY F 132 1.06 30.55 -46.89
CA GLY F 132 1.58 30.03 -48.15
C GLY F 132 0.86 28.78 -48.60
N PHE F 133 1.01 28.42 -49.88
CA PHE F 133 0.36 27.20 -50.35
C PHE F 133 1.35 26.16 -50.84
N GLU F 134 1.10 24.90 -50.52
CA GLU F 134 1.98 23.84 -50.96
C GLU F 134 1.32 22.87 -51.95
N GLU F 135 2.13 22.38 -52.90
CA GLU F 135 1.63 21.45 -53.91
C GLU F 135 1.29 20.13 -53.24
N GLY F 136 0.04 19.70 -53.40
CA GLY F 136 -0.43 18.50 -52.75
C GLY F 136 -1.83 18.22 -53.24
N LYS F 137 -2.75 17.94 -52.32
CA LYS F 137 -4.11 17.68 -52.76
C LYS F 137 -4.78 19.02 -53.13
N GLU F 138 -5.76 18.94 -54.02
CA GLU F 138 -6.46 20.11 -54.52
C GLU F 138 -7.30 20.76 -53.41
N ASN F 139 -7.29 22.08 -53.34
CA ASN F 139 -8.01 22.82 -52.31
C ASN F 139 -9.37 23.27 -52.78
N PRO F 140 -10.42 22.65 -52.23
CA PRO F 140 -11.81 22.93 -52.57
C PRO F 140 -12.14 24.40 -52.34
N ASN F 141 -11.43 25.03 -51.42
CA ASN F 141 -11.76 26.38 -51.06
C ASN F 141 -11.39 27.31 -52.20
N LEU F 142 -10.54 26.81 -53.10
CA LEU F 142 -10.12 27.59 -54.26
C LEU F 142 -11.14 27.55 -55.37
N ASP F 143 -11.91 26.48 -55.45
CA ASP F 143 -12.85 26.29 -56.54
C ASP F 143 -13.87 27.48 -56.68
N PRO F 144 -14.39 28.02 -55.56
CA PRO F 144 -15.28 29.20 -55.74
C PRO F 144 -14.64 30.42 -56.42
N ILE F 145 -13.32 30.46 -56.46
CA ILE F 145 -12.63 31.57 -57.11
C ILE F 145 -12.41 31.49 -58.63
N LEU F 146 -11.92 30.35 -59.13
CA LEU F 146 -11.55 30.26 -60.54
C LEU F 146 -12.77 30.23 -61.44
N GLU F 147 -13.74 29.42 -61.04
CA GLU F 147 -15.02 29.35 -61.70
C GLU F 147 -15.86 30.54 -61.31
N GLY F 148 -15.18 31.66 -61.16
CA GLY F 148 -15.70 32.81 -60.45
C GLY F 148 -15.52 34.01 -61.34
N ILE F 149 -14.35 34.13 -61.97
CA ILE F 149 -14.08 35.26 -62.86
C ILE F 149 -14.61 34.92 -64.26
N GLN F 150 -15.41 33.86 -64.35
CA GLN F 150 -15.96 33.48 -65.64
C GLN F 150 -17.41 33.90 -65.57
N LYS F 151 -17.69 34.67 -64.53
CA LYS F 151 -18.96 35.35 -64.35
C LYS F 151 -18.67 36.69 -63.70
N LYS F 152 -19.40 37.70 -64.11
CA LYS F 152 -19.27 39.01 -63.52
C LYS F 152 -20.63 39.32 -62.92
N GLN F 153 -21.36 38.23 -62.67
CA GLN F 153 -22.70 38.29 -62.08
C GLN F 153 -22.79 37.56 -60.73
N ASN F 154 -23.85 36.76 -60.57
CA ASN F 154 -24.15 36.03 -59.33
C ASN F 154 -23.10 35.01 -58.88
N PHE F 155 -22.29 35.37 -57.90
CA PHE F 155 -21.19 34.52 -57.43
C PHE F 155 -21.56 33.52 -56.32
N LYS F 156 -20.81 32.42 -56.25
CA LYS F 156 -20.96 31.42 -55.19
C LYS F 156 -20.06 31.71 -53.99
N GLU F 157 -20.54 31.34 -52.81
CA GLU F 157 -19.81 31.53 -51.59
C GLU F 157 -18.47 30.82 -51.62
N VAL F 158 -17.47 31.49 -51.09
CA VAL F 158 -16.18 30.85 -50.83
C VAL F 158 -16.17 30.64 -49.31
N ALA F 159 -15.81 29.44 -48.88
CA ALA F 159 -15.86 29.09 -47.46
C ALA F 159 -14.75 29.74 -46.61
N LEU F 160 -15.00 30.96 -46.15
CA LEU F 160 -13.99 31.70 -45.37
C LEU F 160 -13.74 31.12 -44.00
N ASP F 161 -14.74 30.46 -43.42
CA ASP F 161 -14.57 29.79 -42.12
C ASP F 161 -13.88 28.42 -42.25
N ALA F 162 -13.92 27.83 -43.45
CA ALA F 162 -13.28 26.53 -43.72
C ALA F 162 -11.92 26.67 -44.41
N PHE F 163 -11.62 27.87 -44.87
CA PHE F 163 -10.48 28.10 -45.73
C PHE F 163 -9.15 28.00 -44.98
N LEU F 164 -9.11 28.60 -43.79
CA LEU F 164 -7.89 28.63 -43.00
C LEU F 164 -7.84 27.44 -42.06
N PRO F 165 -6.62 27.00 -41.76
CA PRO F 165 -6.38 26.00 -40.73
C PRO F 165 -6.99 26.45 -39.43
N LYS F 166 -7.47 25.51 -38.61
CA LYS F 166 -8.16 25.93 -37.41
C LYS F 166 -7.16 26.39 -36.39
N SER F 167 -6.03 25.70 -36.33
CA SER F 167 -4.95 26.13 -35.46
C SER F 167 -3.74 26.57 -36.27
N ILE F 168 -3.18 27.71 -35.90
CA ILE F 168 -2.04 28.25 -36.63
C ILE F 168 -0.94 28.78 -35.72
N ASN F 169 0.30 28.53 -36.14
CA ASN F 169 1.43 29.28 -35.61
C ASN F 169 1.79 30.32 -36.64
N TYR F 170 1.93 31.55 -36.17
CA TYR F 170 2.12 32.70 -37.05
C TYR F 170 3.28 33.57 -36.62
N TYR F 171 3.76 34.40 -37.54
CA TYR F 171 4.73 35.42 -37.20
C TYR F 171 4.06 36.79 -37.25
N HIS F 172 4.18 37.59 -36.19
CA HIS F 172 3.50 38.88 -36.14
C HIS F 172 4.46 40.06 -35.87
N PHE F 173 4.32 41.10 -36.65
CA PHE F 173 5.25 42.22 -36.64
C PHE F 173 4.66 43.41 -37.34
N ASN F 174 5.29 44.55 -37.15
CA ASN F 174 4.87 45.72 -37.89
C ASN F 174 5.72 45.89 -39.12
N GLY F 175 5.04 46.08 -40.25
CA GLY F 175 5.68 46.27 -41.53
C GLY F 175 4.91 47.17 -42.48
N SER F 176 4.94 46.84 -43.78
CA SER F 176 4.32 47.66 -44.82
C SER F 176 3.59 46.85 -45.88
N LEU F 177 2.86 47.55 -46.73
CA LEU F 177 2.29 46.95 -47.93
C LEU F 177 3.35 46.50 -48.87
N THR F 178 3.04 45.43 -49.58
CA THR F 178 3.95 44.88 -50.54
C THR F 178 3.73 45.58 -51.90
N ALA F 179 2.66 46.39 -52.00
CA ALA F 179 2.42 47.20 -53.21
C ALA F 179 2.33 48.71 -52.93
N PRO F 180 2.73 49.53 -53.91
CA PRO F 180 2.63 50.99 -53.78
C PRO F 180 1.23 51.44 -53.40
N PRO F 181 1.12 52.52 -52.61
CA PRO F 181 2.18 53.41 -52.15
C PRO F 181 3.05 52.82 -51.01
N CYS F 182 2.94 51.52 -50.78
CA CYS F 182 3.74 50.80 -49.81
C CYS F 182 3.58 51.36 -48.42
N THR F 183 2.35 51.74 -48.12
CA THR F 183 1.99 52.40 -46.87
C THR F 183 2.38 51.58 -45.66
N GLU F 184 3.03 52.23 -44.68
CA GLU F 184 3.47 51.54 -43.46
C GLU F 184 2.43 51.64 -42.36
N GLY F 185 2.73 51.02 -41.22
CA GLY F 185 1.84 50.90 -40.09
C GLY F 185 1.00 49.64 -40.16
N VAL F 186 1.50 48.64 -40.88
CA VAL F 186 0.76 47.39 -41.07
C VAL F 186 1.03 46.30 -40.04
N ALA F 187 -0.02 45.82 -39.39
CA ALA F 187 0.09 44.67 -38.50
C ALA F 187 0.08 43.39 -39.33
N TRP F 188 1.25 42.79 -39.47
CA TRP F 188 1.41 41.64 -40.33
C TRP F 188 1.33 40.29 -39.66
N PHE F 189 0.51 39.37 -40.19
CA PHE F 189 0.52 38.02 -39.67
C PHE F 189 0.83 37.01 -40.75
N VAL F 190 1.95 36.34 -40.55
CA VAL F 190 2.42 35.34 -41.46
C VAL F 190 2.37 33.97 -40.84
N ILE F 191 1.37 33.21 -41.24
CA ILE F 191 1.18 31.85 -40.79
C ILE F 191 2.21 30.96 -41.51
N GLU F 192 2.97 30.17 -40.77
CA GLU F 192 3.97 29.30 -41.37
C GLU F 192 3.39 28.04 -42.03
N GLU F 193 2.25 27.59 -41.51
CA GLU F 193 1.62 26.38 -42.05
C GLU F 193 1.04 26.70 -43.42
N PRO F 194 1.45 25.97 -44.47
CA PRO F 194 0.95 26.16 -45.83
C PRO F 194 -0.44 25.58 -46.06
N LEU F 195 -1.23 26.12 -46.96
CA LEU F 195 -2.41 25.38 -47.38
C LEU F 195 -2.01 24.48 -48.52
N GLU F 196 -2.96 23.68 -48.98
CA GLU F 196 -2.62 22.67 -49.95
C GLU F 196 -3.37 23.07 -51.17
N VAL F 197 -2.66 23.10 -52.28
CA VAL F 197 -3.24 23.55 -53.54
C VAL F 197 -2.98 22.51 -54.62
N SER F 198 -3.68 22.63 -55.75
CA SER F 198 -3.45 21.78 -56.91
C SER F 198 -2.11 22.05 -57.62
N ALA F 199 -1.69 21.07 -58.42
CA ALA F 199 -0.56 21.25 -59.33
C ALA F 199 -1.12 22.06 -60.49
N LYS F 200 -2.33 21.65 -60.88
CA LYS F 200 -3.12 22.26 -61.95
C LYS F 200 -3.66 23.64 -61.59
N LYS F 207 -2.18 31.67 -63.60
CA LYS F 207 -2.51 31.97 -65.00
C LYS F 207 -3.35 33.23 -65.09
N ARG F 208 -4.09 33.51 -64.02
CA ARG F 208 -4.96 34.68 -63.97
C ARG F 208 -4.20 35.96 -63.66
N MET F 209 -2.94 35.81 -63.27
CA MET F 209 -1.99 36.91 -63.09
C MET F 209 -1.11 37.13 -64.30
N LYS F 210 -1.49 36.53 -65.42
CA LYS F 210 -0.72 36.61 -66.66
C LYS F 210 0.60 35.85 -66.53
N ASN F 211 0.64 34.78 -65.73
CA ASN F 211 1.83 33.92 -65.57
C ASN F 211 3.09 34.73 -65.30
N SER F 212 2.86 35.93 -64.80
CA SER F 212 3.93 36.83 -64.47
C SER F 212 3.99 36.95 -62.99
N PRO F 213 5.17 36.65 -62.44
CA PRO F 213 5.45 36.73 -61.00
C PRO F 213 5.14 38.13 -60.46
N ASN F 214 4.33 38.20 -59.41
CA ASN F 214 4.06 39.49 -58.79
C ASN F 214 4.59 39.46 -57.34
N GLN F 215 5.82 39.01 -57.17
CA GLN F 215 6.44 38.96 -55.84
C GLN F 215 7.44 40.11 -55.64
N ARG F 216 7.14 40.99 -54.70
CA ARG F 216 8.05 42.07 -54.37
C ARG F 216 9.30 41.56 -53.67
N PRO F 217 10.48 41.98 -54.16
CA PRO F 217 11.71 41.52 -53.52
C PRO F 217 11.75 41.92 -52.06
N VAL F 218 12.46 41.11 -51.28
CA VAL F 218 12.63 41.36 -49.87
C VAL F 218 13.27 42.71 -49.63
N GLN F 219 12.68 43.44 -48.69
CA GLN F 219 13.14 44.76 -48.31
C GLN F 219 14.21 44.68 -47.23
N PRO F 220 15.01 45.74 -47.09
CA PRO F 220 16.00 45.83 -46.03
C PRO F 220 15.32 45.72 -44.69
N ASP F 221 15.94 44.97 -43.78
CA ASP F 221 15.36 44.73 -42.46
C ASP F 221 16.08 45.60 -41.44
N TYR F 222 15.29 46.22 -40.55
CA TYR F 222 15.79 47.02 -39.45
C TYR F 222 15.52 46.34 -38.12
N ASN F 223 16.01 45.11 -37.96
CA ASN F 223 15.85 44.39 -36.72
C ASN F 223 14.39 44.32 -36.33
N THR F 224 13.55 43.92 -37.27
CA THR F 224 12.13 43.87 -36.97
C THR F 224 11.90 42.94 -35.76
N VAL F 225 11.17 43.44 -34.78
CA VAL F 225 10.79 42.62 -33.64
C VAL F 225 9.60 41.76 -34.01
N ILE F 226 9.89 40.47 -34.14
CA ILE F 226 8.91 39.48 -34.57
C ILE F 226 8.57 38.51 -33.46
N ILE F 227 7.29 38.26 -33.28
CA ILE F 227 6.88 37.27 -32.34
C ILE F 227 6.29 36.11 -33.13
N LYS F 228 6.52 34.90 -32.63
CA LYS F 228 5.91 33.69 -33.18
C LYS F 228 4.89 33.22 -32.16
N SER F 229 3.66 32.95 -32.60
CA SER F 229 2.61 32.67 -31.63
C SER F 229 1.48 31.83 -32.25
N SER F 230 0.39 31.63 -31.53
CA SER F 230 -0.68 30.78 -32.02
C SER F 230 -2.09 31.27 -31.68
N ALA F 231 -3.01 30.99 -32.61
CA ALA F 231 -4.42 31.37 -32.50
C ALA F 231 -5.40 30.39 -33.16
N GLU F 232 -6.66 30.42 -32.76
CA GLU F 232 -7.72 29.65 -33.43
C GLU F 232 -8.49 30.45 -34.48
N THR F 233 -8.75 29.82 -35.62
CA THR F 233 -9.33 30.49 -36.78
C THR F 233 -10.79 30.18 -37.04
N ARG F 234 -11.50 29.75 -36.01
CA ARG F 234 -12.94 29.56 -36.13
C ARG F 234 -13.64 29.57 -34.78
N ASN G 7 -0.80 -47.54 65.41
CA ASN G 7 -2.12 -47.80 65.97
C ASN G 7 -2.53 -49.24 65.68
N THR G 8 -2.12 -49.74 64.53
CA THR G 8 -2.44 -51.12 64.13
C THR G 8 -1.59 -51.56 62.95
N LYS G 9 -2.05 -52.62 62.27
CA LYS G 9 -1.35 -53.15 61.13
C LYS G 9 -1.64 -52.74 59.68
N TRP G 10 -1.71 -51.43 59.42
CA TRP G 10 -1.75 -51.01 58.00
C TRP G 10 -0.63 -50.08 57.60
N ASP G 11 -0.09 -50.31 56.42
CA ASP G 11 0.96 -49.49 55.85
C ASP G 11 1.03 -49.51 54.33
N TYR G 12 2.07 -48.89 53.79
CA TYR G 12 2.16 -48.68 52.35
C TYR G 12 3.31 -49.53 51.85
N LYS G 13 3.40 -50.73 52.37
CA LYS G 13 4.51 -51.57 52.04
C LYS G 13 4.06 -52.73 51.14
N ASN G 14 5.02 -53.31 50.45
CA ASN G 14 4.80 -54.50 49.63
C ASN G 14 4.17 -55.68 50.39
N LYS G 15 4.40 -55.78 51.71
CA LYS G 15 3.98 -56.97 52.48
C LYS G 15 2.48 -57.17 52.65
N GLU G 16 2.15 -58.08 53.57
CA GLU G 16 0.77 -58.39 53.87
C GLU G 16 0.08 -57.17 54.39
N ASN G 17 0.84 -56.32 55.09
CA ASN G 17 0.13 -55.29 55.78
C ASN G 17 0.18 -54.04 54.92
N GLY G 18 0.14 -54.28 53.61
CA GLY G 18 0.30 -53.24 52.61
C GLY G 18 -0.98 -53.08 51.82
N PRO G 19 -1.04 -52.03 50.98
CA PRO G 19 -2.25 -51.55 50.32
C PRO G 19 -3.01 -52.62 49.56
N HIS G 20 -2.30 -53.46 48.85
CA HIS G 20 -2.90 -54.58 48.15
C HIS G 20 -3.63 -55.51 49.12
N ARG G 21 -3.23 -55.50 50.39
CA ARG G 21 -3.94 -56.35 51.33
C ARG G 21 -4.55 -55.58 52.49
N TRP G 22 -4.55 -54.25 52.43
CA TRP G 22 -5.20 -53.44 53.45
C TRP G 22 -6.58 -53.98 53.72
N ASP G 23 -7.19 -54.46 52.66
CA ASP G 23 -8.53 -55.01 52.67
C ASP G 23 -8.64 -56.28 53.51
N LYS G 24 -7.53 -56.98 53.74
CA LYS G 24 -7.59 -58.23 54.49
C LYS G 24 -7.34 -58.15 56.01
N LEU G 25 -6.74 -57.06 56.49
CA LEU G 25 -6.38 -56.93 57.91
C LEU G 25 -7.57 -56.75 58.83
N HIS G 26 -8.58 -56.03 58.37
CA HIS G 26 -9.79 -55.81 59.15
C HIS G 26 -10.93 -55.71 58.18
N LYS G 27 -12.15 -55.98 58.63
CA LYS G 27 -13.27 -55.83 57.75
C LYS G 27 -13.74 -54.38 57.68
N ASP G 28 -13.26 -53.52 58.57
CA ASP G 28 -13.57 -52.09 58.38
C ASP G 28 -12.98 -51.57 57.06
N PHE G 29 -11.92 -52.25 56.62
CA PHE G 29 -11.16 -51.89 55.42
C PHE G 29 -11.79 -52.60 54.21
N GLU G 30 -13.09 -52.90 54.34
CA GLU G 30 -13.89 -53.64 53.35
C GLU G 30 -13.96 -52.96 52.00
N VAL G 31 -14.39 -51.71 52.03
CA VAL G 31 -14.58 -50.88 50.87
C VAL G 31 -13.25 -50.52 50.20
N CYS G 32 -12.15 -50.65 50.94
CA CYS G 32 -10.83 -50.36 50.39
C CYS G 32 -10.51 -51.14 49.11
N LYS G 33 -11.12 -52.30 48.93
CA LYS G 33 -10.95 -53.01 47.67
C LYS G 33 -12.30 -53.15 46.95
N SER G 34 -13.38 -53.27 47.72
CA SER G 34 -14.71 -53.52 47.16
C SER G 34 -15.39 -52.27 46.58
N GLY G 35 -14.86 -51.10 46.93
CA GLY G 35 -15.46 -49.85 46.53
C GLY G 35 -15.42 -49.54 45.04
N LYS G 36 -16.45 -48.84 44.59
CA LYS G 36 -16.61 -48.47 43.18
C LYS G 36 -16.26 -47.00 42.95
N SER G 37 -15.76 -46.35 44.00
CA SER G 37 -15.25 -44.99 43.91
CA SER G 37 -15.23 -45.00 43.90
C SER G 37 -13.98 -44.83 44.74
N GLN G 38 -13.01 -45.71 44.52
CA GLN G 38 -11.78 -45.68 45.31
C GLN G 38 -10.73 -44.70 44.82
N SER G 39 -10.12 -44.00 45.76
CA SER G 39 -9.07 -43.01 45.49
C SER G 39 -7.74 -43.51 46.05
N PRO G 40 -6.60 -43.05 45.49
CA PRO G 40 -6.45 -42.03 44.45
C PRO G 40 -6.66 -42.60 43.07
N ILE G 41 -6.88 -41.69 42.12
CA ILE G 41 -6.99 -42.04 40.72
C ILE G 41 -6.13 -41.08 39.91
N ASN G 42 -6.02 -41.39 38.62
CA ASN G 42 -5.34 -40.53 37.64
C ASN G 42 -6.29 -39.52 36.98
N ILE G 43 -6.04 -38.24 37.21
CA ILE G 43 -6.90 -37.24 36.63
C ILE G 43 -6.44 -36.78 35.26
N GLU G 44 -7.06 -37.33 34.22
CA GLU G 44 -6.76 -37.01 32.83
C GLU G 44 -8.07 -36.88 32.06
N HIS G 45 -9.10 -37.53 32.58
CA HIS G 45 -10.43 -37.41 32.01
C HIS G 45 -11.28 -36.54 32.90
N TYR G 46 -11.53 -35.32 32.41
CA TYR G 46 -12.29 -34.32 33.13
C TYR G 46 -13.09 -33.43 32.18
N TYR G 47 -14.02 -32.68 32.78
CA TYR G 47 -14.90 -31.78 32.05
C TYR G 47 -14.68 -30.34 32.50
N HIS G 48 -14.68 -29.42 31.55
CA HIS G 48 -14.46 -28.02 31.84
C HIS G 48 -15.80 -27.34 32.09
N THR G 49 -15.84 -26.40 33.02
CA THR G 49 -17.08 -25.71 33.35
C THR G 49 -16.85 -24.27 33.80
N GLN G 50 -17.92 -23.62 34.28
CA GLN G 50 -17.84 -22.22 34.70
C GLN G 50 -18.93 -21.85 35.72
N ASP G 54 -19.39 -21.95 43.50
CA ASP G 54 -19.88 -23.01 44.37
C ASP G 54 -19.16 -23.00 45.73
N LEU G 55 -17.83 -23.16 45.66
CA LEU G 55 -16.90 -23.26 46.79
C LEU G 55 -16.14 -21.98 47.06
N GLN G 56 -15.93 -21.65 48.33
CA GLN G 56 -15.01 -20.57 48.77
C GLN G 56 -14.71 -20.55 50.27
N PHE G 57 -13.71 -19.75 50.65
CA PHE G 57 -12.97 -19.89 51.90
C PHE G 57 -13.17 -18.89 53.01
N LYS G 58 -13.36 -19.39 54.23
CA LYS G 58 -13.35 -18.53 55.40
C LYS G 58 -12.23 -19.05 56.32
N TYR G 59 -10.99 -19.05 55.84
CA TYR G 59 -9.87 -19.44 56.68
C TYR G 59 -9.40 -18.29 57.53
N ALA G 60 -8.75 -18.61 58.65
CA ALA G 60 -8.17 -17.57 59.49
C ALA G 60 -6.90 -18.04 60.17
N ALA G 61 -6.05 -17.09 60.53
CA ALA G 61 -4.86 -17.39 61.29
C ALA G 61 -5.32 -17.91 62.65
N SER G 62 -4.86 -19.13 62.96
CA SER G 62 -5.30 -19.83 64.14
C SER G 62 -4.08 -20.52 64.76
N LYS G 63 -3.96 -20.50 66.08
CA LYS G 63 -2.83 -21.18 66.66
C LYS G 63 -3.16 -22.65 66.73
N PRO G 64 -2.28 -23.48 66.15
CA PRO G 64 -2.57 -24.92 66.16
C PRO G 64 -2.66 -25.50 67.56
N LYS G 65 -3.47 -26.52 67.68
CA LYS G 65 -3.63 -27.21 68.94
C LYS G 65 -2.62 -28.31 69.04
N ALA G 66 -2.29 -28.92 67.91
CA ALA G 66 -1.29 -29.98 67.92
C ALA G 66 -0.64 -30.21 66.57
N VAL G 67 0.68 -30.34 66.60
CA VAL G 67 1.47 -30.77 65.44
C VAL G 67 2.23 -32.03 65.81
N PHE G 68 1.83 -33.14 65.23
CA PHE G 68 2.43 -34.39 65.62
C PHE G 68 2.49 -35.37 64.49
N PHE G 69 3.42 -36.29 64.59
CA PHE G 69 3.45 -37.36 63.63
C PHE G 69 2.37 -38.34 63.96
N THR G 70 1.55 -38.66 62.96
CA THR G 70 0.54 -39.69 63.09
C THR G 70 0.31 -40.35 61.73
N HIS G 71 0.07 -41.67 61.75
CA HIS G 71 -0.25 -42.46 60.56
C HIS G 71 0.59 -42.20 59.30
N HIS G 72 1.91 -42.33 59.44
CA HIS G 72 2.85 -42.23 58.33
C HIS G 72 3.00 -40.79 57.88
N THR G 73 2.26 -39.90 58.53
CA THR G 73 2.17 -38.54 58.05
C THR G 73 2.45 -37.57 59.17
N LEU G 74 3.22 -36.54 58.86
CA LEU G 74 3.34 -35.46 59.81
C LEU G 74 2.01 -34.76 59.72
N LYS G 75 1.46 -34.40 60.85
CA LYS G 75 0.11 -33.86 60.88
C LYS G 75 -0.03 -32.67 61.78
N ALA G 76 -0.86 -31.72 61.37
CA ALA G 76 -1.23 -30.60 62.22
C ALA G 76 -2.74 -30.55 62.42
N SER G 77 -3.16 -30.46 63.68
CA SER G 77 -4.57 -30.48 64.01
C SER G 77 -5.06 -29.07 64.32
N PHE G 78 -6.36 -28.82 64.18
CA PHE G 78 -6.89 -27.48 64.47
C PHE G 78 -8.27 -27.48 65.11
N GLU G 79 -8.56 -26.42 65.84
CA GLU G 79 -9.89 -26.21 66.41
C GLU G 79 -10.87 -25.79 65.33
N PRO G 80 -12.15 -26.08 65.54
CA PRO G 80 -13.12 -25.79 64.49
C PRO G 80 -13.47 -24.30 64.31
N THR G 81 -12.52 -23.48 63.88
CA THR G 81 -12.78 -22.07 63.64
C THR G 81 -12.73 -21.70 62.14
N ASN G 82 -12.18 -22.60 61.32
CA ASN G 82 -12.08 -22.39 59.87
C ASN G 82 -13.13 -23.20 59.14
N HIS G 83 -13.80 -22.61 58.18
CA HIS G 83 -14.90 -23.30 57.55
C HIS G 83 -14.82 -23.26 56.02
N ILE G 84 -15.46 -24.23 55.37
CA ILE G 84 -15.60 -24.19 53.92
C ILE G 84 -17.08 -24.43 53.56
N ASN G 85 -17.62 -23.64 52.64
CA ASN G 85 -19.01 -23.80 52.25
C ASN G 85 -19.20 -24.39 50.85
N TYR G 86 -19.79 -25.58 50.79
CA TYR G 86 -20.09 -26.21 49.50
C TYR G 86 -21.51 -26.81 49.53
N ARG G 87 -22.32 -26.47 48.54
CA ARG G 87 -23.70 -26.94 48.41
C ARG G 87 -24.55 -26.80 49.67
N GLY G 88 -24.40 -25.68 50.36
CA GLY G 88 -25.17 -25.37 51.55
C GLY G 88 -24.72 -26.08 52.80
N HIS G 89 -23.60 -26.75 52.74
CA HIS G 89 -23.08 -27.36 53.94
C HIS G 89 -21.69 -26.83 54.26
N ASP G 90 -21.47 -26.53 55.52
CA ASP G 90 -20.19 -25.99 55.93
C ASP G 90 -19.29 -27.12 56.40
N TYR G 91 -18.08 -27.28 55.87
CA TYR G 91 -17.22 -28.38 56.27
C TYR G 91 -16.05 -27.81 57.04
N VAL G 92 -15.92 -28.19 58.30
CA VAL G 92 -14.91 -27.58 59.14
C VAL G 92 -13.59 -28.35 59.11
N LEU G 93 -12.50 -27.61 58.96
CA LEU G 93 -11.16 -28.17 58.95
C LEU G 93 -10.72 -28.58 60.35
N ASP G 94 -10.26 -29.82 60.51
CA ASP G 94 -9.70 -30.27 61.79
C ASP G 94 -8.18 -30.34 61.67
N ASN G 95 -7.70 -30.60 60.46
CA ASN G 95 -6.29 -30.78 60.28
C ASN G 95 -5.72 -30.53 58.89
N VAL G 96 -4.39 -30.53 58.85
CA VAL G 96 -3.63 -30.51 57.60
C VAL G 96 -2.56 -31.60 57.69
N HIS G 97 -2.52 -32.53 56.73
CA HIS G 97 -1.51 -33.57 56.79
C HIS G 97 -0.82 -33.68 55.45
N PHE G 98 0.22 -34.50 55.40
CA PHE G 98 1.09 -34.57 54.23
C PHE G 98 1.25 -35.97 53.65
N HIS G 99 1.45 -36.04 52.33
CA HIS G 99 1.75 -37.28 51.63
C HIS G 99 2.98 -37.05 50.75
N ALA G 100 3.94 -37.96 50.76
CA ALA G 100 5.08 -37.87 49.83
C ALA G 100 5.43 -39.27 49.35
N PRO G 101 5.39 -39.49 48.03
CA PRO G 101 4.98 -38.47 47.05
C PRO G 101 3.49 -38.14 47.04
N MET G 102 3.11 -37.10 46.30
CA MET G 102 1.70 -36.69 46.17
C MET G 102 0.87 -37.88 45.71
N GLU G 103 -0.24 -38.09 46.38
CA GLU G 103 -1.04 -39.27 46.08
C GLU G 103 -1.72 -39.06 44.76
N PHE G 104 -2.33 -37.89 44.60
CA PHE G 104 -3.07 -37.59 43.39
C PHE G 104 -2.20 -37.25 42.18
N LEU G 105 -2.64 -37.66 41.00
CA LEU G 105 -1.87 -37.42 39.79
C LEU G 105 -2.55 -36.44 38.84
N ILE G 106 -1.82 -35.43 38.39
CA ILE G 106 -2.39 -34.49 37.43
C ILE G 106 -1.74 -34.84 36.10
N ASN G 107 -2.56 -35.49 35.25
CA ASN G 107 -2.11 -36.09 34.00
C ASN G 107 -0.83 -36.89 34.21
N LYS G 109 2.08 -36.76 35.56
CA LYS G 109 3.12 -35.89 36.10
C LYS G 109 2.96 -35.68 37.61
N THR G 110 3.82 -36.37 38.36
CA THR G 110 3.83 -36.36 39.83
C THR G 110 4.54 -35.17 40.51
N ARG G 111 4.06 -34.83 41.69
CA ARG G 111 4.69 -33.82 42.54
C ARG G 111 5.23 -34.43 43.84
N PRO G 112 6.39 -33.91 44.29
CA PRO G 112 7.10 -34.36 45.50
C PRO G 112 6.25 -34.18 46.74
N LEU G 113 5.17 -33.41 46.60
CA LEU G 113 4.41 -32.97 47.75
C LEU G 113 2.93 -32.88 47.54
N SER G 114 2.21 -33.19 48.60
CA SER G 114 0.79 -32.99 48.65
C SER G 114 0.50 -32.48 50.04
N ALA G 115 -0.59 -31.73 50.17
CA ALA G 115 -1.10 -31.33 51.46
C ALA G 115 -2.57 -31.61 51.35
N HIS G 116 -3.19 -32.12 52.39
CA HIS G 116 -4.58 -32.47 52.26
C HIS G 116 -5.32 -31.74 53.37
N PHE G 117 -6.17 -30.80 52.99
CA PHE G 117 -6.93 -30.04 53.96
C PHE G 117 -8.22 -30.76 54.25
N VAL G 118 -8.29 -31.35 55.44
CA VAL G 118 -9.42 -32.20 55.74
C VAL G 118 -10.46 -31.43 56.52
N HIS G 119 -11.66 -31.38 55.96
CA HIS G 119 -12.74 -30.62 56.51
C HIS G 119 -13.91 -31.54 56.79
N LYS G 120 -14.63 -31.25 57.85
CA LYS G 120 -15.80 -32.03 58.19
C LYS G 120 -16.89 -31.19 58.74
N ASP G 121 -18.12 -31.57 58.42
CA ASP G 121 -19.26 -30.86 58.94
C ASP G 121 -19.85 -31.60 60.10
N ALA G 122 -21.06 -31.19 60.45
CA ALA G 122 -21.80 -31.80 61.53
C ALA G 122 -22.05 -33.27 61.26
N LYS G 123 -22.45 -33.60 60.03
CA LYS G 123 -22.91 -34.96 59.76
C LYS G 123 -21.78 -35.96 59.65
N GLY G 124 -20.56 -35.44 59.59
CA GLY G 124 -19.42 -36.32 59.43
C GLY G 124 -19.14 -36.41 57.94
N ARG G 125 -19.76 -35.54 57.16
CA ARG G 125 -19.39 -35.54 55.76
C ARG G 125 -18.05 -34.86 55.52
N LEU G 126 -17.35 -35.40 54.55
CA LEU G 126 -15.98 -35.08 54.31
C LEU G 126 -15.72 -34.24 53.13
N LEU G 127 -14.83 -33.28 53.27
CA LEU G 127 -14.38 -32.52 52.14
C LEU G 127 -12.88 -32.29 52.32
N VAL G 128 -12.10 -32.72 51.34
CA VAL G 128 -10.66 -32.53 51.43
C VAL G 128 -10.12 -31.75 50.26
N LEU G 129 -9.25 -30.80 50.55
CA LEU G 129 -8.63 -29.97 49.55
C LEU G 129 -7.19 -30.40 49.46
N ALA G 130 -6.73 -30.68 48.26
CA ALA G 130 -5.36 -31.14 48.09
C ALA G 130 -4.60 -30.05 47.38
N ILE G 131 -3.37 -29.84 47.80
CA ILE G 131 -2.52 -28.86 47.16
C ILE G 131 -1.05 -29.30 47.19
N GLY G 132 -0.42 -29.31 46.03
CA GLY G 132 0.94 -29.80 45.92
C GLY G 132 2.00 -28.72 46.03
N PHE G 133 3.23 -29.12 46.33
CA PHE G 133 4.34 -28.20 46.39
C PHE G 133 5.30 -28.70 45.36
N GLU G 134 5.94 -27.81 44.64
CA GLU G 134 6.96 -28.26 43.70
C GLU G 134 8.27 -27.67 44.23
N GLU G 135 9.38 -28.33 43.94
CA GLU G 135 10.69 -27.91 44.44
C GLU G 135 11.13 -26.52 44.01
N GLY G 136 11.41 -25.69 45.00
CA GLY G 136 11.80 -24.32 44.75
C GLY G 136 12.17 -23.51 45.97
N LYS G 137 11.60 -22.31 46.03
CA LYS G 137 11.88 -21.33 47.08
C LYS G 137 11.18 -21.62 48.42
N GLU G 138 11.54 -20.80 49.41
CA GLU G 138 11.09 -20.88 50.80
C GLU G 138 9.60 -20.66 51.00
N ASN G 139 8.96 -21.52 51.79
CA ASN G 139 7.56 -21.33 52.12
C ASN G 139 7.43 -20.88 53.58
N PRO G 140 7.09 -19.61 53.82
CA PRO G 140 6.97 -19.04 55.17
C PRO G 140 5.96 -19.69 56.14
N ASN G 141 4.67 -19.80 55.78
CA ASN G 141 3.68 -20.32 56.74
C ASN G 141 3.82 -21.84 56.88
N LEU G 142 4.72 -22.42 56.10
CA LEU G 142 5.00 -23.83 56.22
C LEU G 142 5.91 -23.98 57.43
N ASP G 143 6.73 -22.97 57.70
CA ASP G 143 7.71 -23.01 58.79
C ASP G 143 7.18 -23.19 60.23
N PRO G 144 6.01 -22.60 60.57
CA PRO G 144 5.49 -22.87 61.92
C PRO G 144 5.24 -24.36 62.14
N ILE G 145 5.21 -25.14 61.06
CA ILE G 145 5.01 -26.57 61.19
C ILE G 145 6.27 -27.33 61.60
N LEU G 146 7.39 -27.05 60.93
CA LEU G 146 8.64 -27.76 61.20
C LEU G 146 9.32 -27.35 62.50
N GLU G 147 9.17 -26.09 62.90
CA GLU G 147 9.64 -25.67 64.20
C GLU G 147 8.69 -26.17 65.26
N GLY G 148 8.05 -27.30 65.02
CA GLY G 148 6.99 -27.79 65.89
C GLY G 148 6.64 -29.24 65.63
N LYS G 156 3.17 -20.41 67.39
CA LYS G 156 2.65 -19.28 66.63
C LYS G 156 1.72 -19.71 65.50
N GLU G 157 0.73 -18.88 65.24
CA GLU G 157 -0.33 -19.14 64.26
C GLU G 157 0.17 -19.48 62.87
N VAL G 158 -0.59 -20.33 62.18
CA VAL G 158 -0.33 -20.66 60.78
C VAL G 158 -1.25 -19.90 59.83
N ALA G 159 -0.65 -19.28 58.81
CA ALA G 159 -1.42 -18.47 57.86
C ALA G 159 -2.21 -19.30 56.85
N LEU G 160 -3.39 -19.73 57.28
CA LEU G 160 -4.31 -20.52 56.47
C LEU G 160 -4.89 -19.68 55.34
N ASP G 161 -4.93 -18.38 55.57
CA ASP G 161 -5.37 -17.41 54.58
C ASP G 161 -4.27 -17.13 53.57
N ALA G 162 -3.03 -17.41 53.97
CA ALA G 162 -1.87 -17.20 53.10
C ALA G 162 -1.38 -18.48 52.47
N PHE G 163 -1.92 -19.61 52.89
CA PHE G 163 -1.37 -20.89 52.50
C PHE G 163 -1.60 -21.19 51.00
N LEU G 164 -2.79 -20.88 50.49
CA LEU G 164 -3.16 -21.23 49.12
C LEU G 164 -2.93 -20.18 48.01
N PRO G 165 -2.64 -20.63 46.75
CA PRO G 165 -2.78 -19.64 45.68
C PRO G 165 -4.22 -19.21 45.76
N LYS G 166 -4.56 -17.97 45.55
CA LYS G 166 -5.93 -17.70 45.89
C LYS G 166 -6.87 -17.80 44.71
N SER G 167 -6.39 -17.46 43.53
CA SER G 167 -7.20 -17.82 42.39
C SER G 167 -6.50 -19.08 41.93
N ILE G 168 -7.31 -20.12 41.79
CA ILE G 168 -6.84 -21.47 41.49
C ILE G 168 -7.73 -22.17 40.50
N ASN G 169 -7.11 -23.07 39.76
CA ASN G 169 -7.82 -24.05 38.97
C ASN G 169 -7.92 -25.34 39.78
N TYR G 170 -9.12 -25.93 39.86
CA TYR G 170 -9.24 -27.10 40.69
C TYR G 170 -9.90 -28.23 39.96
N TYR G 171 -9.71 -29.43 40.48
CA TYR G 171 -10.44 -30.58 40.00
C TYR G 171 -11.44 -31.01 41.06
N HIS G 172 -12.67 -31.27 40.66
CA HIS G 172 -13.64 -31.67 41.67
C HIS G 172 -14.31 -32.99 41.36
N PHE G 173 -14.36 -33.88 42.34
CA PHE G 173 -14.93 -35.20 42.17
C PHE G 173 -15.13 -35.81 43.52
N ASN G 174 -15.95 -36.86 43.58
CA ASN G 174 -16.18 -37.68 44.78
C ASN G 174 -15.43 -39.01 44.72
N GLY G 175 -14.72 -39.34 45.80
CA GLY G 175 -13.92 -40.56 45.90
C GLY G 175 -13.94 -41.13 47.30
N SER G 176 -12.79 -41.59 47.79
CA SER G 176 -12.67 -42.21 49.11
C SER G 176 -11.46 -41.63 49.85
N LEU G 177 -11.33 -41.94 51.13
CA LEU G 177 -10.11 -41.59 51.86
C LEU G 177 -8.98 -42.40 51.24
N THR G 178 -7.77 -41.86 51.18
CA THR G 178 -6.69 -42.64 50.58
C THR G 178 -6.04 -43.56 51.62
N ALA G 179 -6.46 -43.46 52.87
CA ALA G 179 -5.98 -44.36 53.93
C ALA G 179 -7.14 -45.19 54.50
N PRO G 180 -6.86 -46.40 55.04
CA PRO G 180 -7.94 -47.20 55.64
C PRO G 180 -8.73 -46.38 56.67
N PRO G 181 -10.04 -46.63 56.85
CA PRO G 181 -10.93 -47.65 56.27
C PRO G 181 -11.37 -47.39 54.85
N CYS G 182 -10.72 -46.43 54.21
CA CYS G 182 -10.97 -46.10 52.83
C CYS G 182 -12.44 -45.71 52.58
N THR G 183 -13.01 -44.93 53.52
CA THR G 183 -14.42 -44.54 53.45
C THR G 183 -14.77 -43.73 52.19
N GLU G 184 -15.86 -44.10 51.53
CA GLU G 184 -16.25 -43.37 50.32
C GLU G 184 -17.28 -42.28 50.62
N GLY G 185 -17.60 -41.46 49.62
CA GLY G 185 -18.46 -40.31 49.80
C GLY G 185 -17.74 -39.01 50.15
N VAL G 186 -16.45 -38.94 49.79
CA VAL G 186 -15.60 -37.78 50.03
C VAL G 186 -15.58 -36.79 48.86
N ALA G 187 -15.90 -35.51 49.10
CA ALA G 187 -15.79 -34.48 48.07
C ALA G 187 -14.36 -33.95 47.99
N TRP G 188 -13.68 -34.27 46.91
CA TRP G 188 -12.31 -33.88 46.72
C TRP G 188 -12.15 -32.63 45.85
N PHE G 189 -11.32 -31.71 46.32
CA PHE G 189 -10.85 -30.61 45.49
C PHE G 189 -9.33 -30.69 45.45
N VAL G 190 -8.79 -30.88 44.25
CA VAL G 190 -7.35 -30.98 44.02
C VAL G 190 -6.89 -29.75 43.20
N ILE G 191 -6.17 -28.85 43.85
CA ILE G 191 -5.72 -27.61 43.23
C ILE G 191 -4.59 -27.82 42.22
N GLU G 192 -4.74 -27.27 41.02
CA GLU G 192 -3.78 -27.45 39.93
C GLU G 192 -2.46 -26.77 40.18
N GLU G 193 -2.54 -25.63 40.83
CA GLU G 193 -1.37 -24.79 41.05
C GLU G 193 -0.49 -25.35 42.14
N PRO G 194 0.79 -25.62 41.85
CA PRO G 194 1.68 -26.10 42.92
C PRO G 194 2.03 -24.97 43.91
N LEU G 195 2.27 -25.36 45.16
CA LEU G 195 2.82 -24.47 46.18
C LEU G 195 4.33 -24.58 46.20
N GLU G 196 4.96 -23.91 47.16
CA GLU G 196 6.40 -23.79 47.15
C GLU G 196 7.07 -24.49 48.33
N VAL G 197 8.07 -25.30 48.00
CA VAL G 197 8.85 -25.97 49.00
C VAL G 197 10.34 -25.74 48.74
N SER G 198 11.11 -25.52 49.80
CA SER G 198 12.57 -25.46 49.70
C SER G 198 13.11 -26.89 49.61
N ALA G 199 14.38 -27.05 49.26
CA ALA G 199 14.97 -28.38 49.26
C ALA G 199 15.13 -28.84 50.69
N LYS G 200 15.54 -27.90 51.54
CA LYS G 200 15.74 -28.17 52.95
C LYS G 200 14.42 -28.38 53.68
N GLN G 201 13.43 -27.57 53.32
CA GLN G 201 12.10 -27.70 53.88
C GLN G 201 11.62 -29.07 53.50
N LEU G 202 11.84 -29.41 52.24
CA LEU G 202 11.51 -30.73 51.74
C LEU G 202 12.27 -31.79 52.52
N ALA G 203 13.54 -31.52 52.80
CA ALA G 203 14.33 -32.46 53.58
C ALA G 203 13.81 -32.57 55.02
N GLU G 204 13.52 -31.46 55.68
CA GLU G 204 13.04 -31.57 57.05
C GLU G 204 11.63 -32.18 57.01
N ILE G 205 10.88 -31.98 55.94
CA ILE G 205 9.53 -32.52 55.96
C ILE G 205 9.63 -33.99 55.59
N LYS G 206 10.73 -34.34 54.97
CA LYS G 206 11.11 -35.71 54.71
C LYS G 206 11.64 -36.30 56.01
N LYS G 207 12.20 -35.43 56.86
CA LYS G 207 12.86 -35.87 58.09
C LYS G 207 11.80 -36.41 59.03
N ARG G 208 10.59 -35.86 58.93
CA ARG G 208 9.47 -36.31 59.72
C ARG G 208 8.75 -37.53 59.14
N MET G 209 9.06 -37.85 57.88
CA MET G 209 8.44 -39.02 57.25
C MET G 209 9.12 -40.29 57.58
N LYS G 210 10.30 -40.18 58.15
CA LYS G 210 11.12 -41.32 58.43
C LYS G 210 11.40 -41.92 57.07
N ASN G 211 11.48 -41.05 56.06
CA ASN G 211 11.88 -41.48 54.72
C ASN G 211 11.05 -42.63 54.18
N SER G 212 9.80 -42.69 54.61
CA SER G 212 8.92 -43.73 54.12
C SER G 212 7.90 -43.15 53.18
N PRO G 213 7.96 -43.54 51.88
CA PRO G 213 6.96 -43.09 50.90
C PRO G 213 5.57 -43.52 51.34
N ASN G 214 4.68 -42.57 51.54
CA ASN G 214 3.33 -42.89 51.96
C ASN G 214 2.27 -42.50 50.95
N GLN G 215 2.47 -42.84 49.70
CA GLN G 215 1.47 -42.53 48.70
C GLN G 215 0.69 -43.79 48.41
N ARG G 216 -0.62 -43.74 48.65
CA ARG G 216 -1.42 -44.86 48.23
C ARG G 216 -1.39 -44.83 46.71
N PRO G 217 -1.09 -45.97 46.10
CA PRO G 217 -1.04 -46.02 44.65
C PRO G 217 -2.40 -45.66 44.03
N VAL G 218 -2.39 -45.29 42.76
CA VAL G 218 -3.60 -44.98 42.03
C VAL G 218 -4.59 -46.15 42.11
N GLN G 219 -5.83 -45.87 42.50
CA GLN G 219 -6.87 -46.89 42.60
C GLN G 219 -7.65 -46.94 41.31
N PRO G 220 -8.27 -48.09 41.01
CA PRO G 220 -9.07 -48.30 39.81
C PRO G 220 -10.22 -47.30 39.61
N ASP G 221 -10.41 -46.91 38.35
CA ASP G 221 -11.40 -45.91 37.95
C ASP G 221 -12.64 -46.52 37.32
N TYR G 222 -13.82 -46.10 37.76
CA TYR G 222 -15.06 -46.53 37.11
C TYR G 222 -15.70 -45.37 36.40
N ASN G 223 -14.94 -44.76 35.49
CA ASN G 223 -15.40 -43.64 34.71
C ASN G 223 -15.83 -42.58 35.66
N THR G 224 -14.96 -42.32 36.63
CA THR G 224 -15.16 -41.26 37.61
C THR G 224 -15.25 -39.95 36.87
N VAL G 225 -16.30 -39.21 37.18
CA VAL G 225 -16.56 -37.90 36.60
C VAL G 225 -15.76 -36.83 37.31
N ILE G 226 -14.82 -36.23 36.59
CA ILE G 226 -13.96 -35.18 37.12
C ILE G 226 -14.20 -33.85 36.39
N ILE G 227 -14.27 -32.75 37.13
CA ILE G 227 -14.33 -31.45 36.50
C ILE G 227 -13.11 -30.62 36.87
N LYS G 228 -12.71 -29.75 35.95
CA LYS G 228 -11.75 -28.68 36.18
C LYS G 228 -12.44 -27.31 36.09
N SER G 229 -12.14 -26.42 37.03
CA SER G 229 -12.79 -25.11 37.13
C SER G 229 -11.88 -24.12 37.88
N SER G 230 -12.40 -22.97 38.29
CA SER G 230 -11.60 -21.94 38.95
C SER G 230 -12.29 -21.19 40.08
N ALA G 231 -11.53 -20.78 41.09
CA ALA G 231 -12.09 -20.00 42.17
C ALA G 231 -11.10 -19.00 42.76
N GLU G 232 -11.62 -17.94 43.37
CA GLU G 232 -10.79 -17.02 44.13
C GLU G 232 -10.92 -17.43 45.58
N THR G 233 -9.81 -17.52 46.29
CA THR G 233 -9.89 -17.98 47.68
C THR G 233 -9.50 -16.89 48.71
N ARG G 234 -9.31 -15.67 48.22
CA ARG G 234 -9.24 -14.46 49.06
C ARG G 234 -9.61 -13.35 48.10
N TRP H 10 -37.55 -58.41 48.07
CA TRP H 10 -37.47 -56.95 48.06
C TRP H 10 -38.58 -56.39 47.16
N ASP H 11 -39.19 -55.28 47.59
CA ASP H 11 -40.25 -54.65 46.82
C ASP H 11 -40.17 -53.14 47.00
N TYR H 12 -41.14 -52.43 46.45
CA TYR H 12 -41.15 -50.98 46.56
C TYR H 12 -42.30 -50.56 47.46
N LYS H 13 -42.46 -51.28 48.56
CA LYS H 13 -43.57 -51.05 49.45
C LYS H 13 -43.03 -50.36 50.70
N ASN H 14 -43.76 -49.39 51.22
CA ASN H 14 -43.27 -48.67 52.40
C ASN H 14 -43.50 -49.49 53.68
N LYS H 15 -43.77 -50.78 53.51
CA LYS H 15 -43.96 -51.68 54.63
C LYS H 15 -42.81 -52.64 54.78
N GLU H 16 -43.11 -53.91 54.54
CA GLU H 16 -42.20 -55.03 54.75
C GLU H 16 -40.86 -55.04 53.99
N ASN H 17 -40.95 -55.29 52.70
CA ASN H 17 -39.80 -55.40 51.81
C ASN H 17 -39.44 -54.23 50.94
N GLY H 18 -39.37 -53.05 51.52
CA GLY H 18 -39.18 -51.87 50.71
C GLY H 18 -37.79 -51.31 50.86
N PRO H 19 -37.48 -50.33 49.99
CA PRO H 19 -36.17 -49.72 49.77
C PRO H 19 -35.44 -49.23 51.04
N HIS H 20 -36.15 -48.70 52.03
CA HIS H 20 -35.55 -48.33 53.31
C HIS H 20 -34.95 -49.55 54.05
N ARG H 21 -35.41 -50.74 53.70
CA ARG H 21 -34.94 -51.95 54.36
C ARG H 21 -34.23 -52.93 53.46
N TRP H 22 -33.98 -52.57 52.22
CA TRP H 22 -33.30 -53.46 51.30
C TRP H 22 -32.00 -54.05 51.87
N ASP H 23 -31.24 -53.24 52.62
CA ASP H 23 -29.95 -53.67 53.14
C ASP H 23 -30.05 -54.73 54.23
N LYS H 24 -31.18 -54.74 54.91
CA LYS H 24 -31.34 -55.62 56.04
C LYS H 24 -31.88 -56.95 55.57
N LEU H 25 -32.43 -56.96 54.36
CA LEU H 25 -33.04 -58.17 53.86
C LEU H 25 -32.00 -59.29 53.59
N HIS H 26 -30.82 -58.94 53.07
CA HIS H 26 -29.75 -59.90 52.77
C HIS H 26 -28.35 -59.23 52.87
N LYS H 27 -27.25 -60.00 52.76
CA LYS H 27 -25.88 -59.44 52.85
C LYS H 27 -25.32 -58.72 51.63
N ASP H 28 -25.77 -59.08 50.43
CA ASP H 28 -25.38 -58.36 49.22
C ASP H 28 -26.00 -56.99 49.09
N PHE H 29 -27.16 -56.82 49.71
CA PHE H 29 -27.96 -55.62 49.51
C PHE H 29 -27.46 -54.54 50.47
N GLU H 30 -26.23 -54.75 50.91
CA GLU H 30 -25.57 -53.93 51.90
C GLU H 30 -25.38 -52.47 51.51
N VAL H 31 -24.92 -52.28 50.28
CA VAL H 31 -24.56 -50.97 49.78
C VAL H 31 -25.79 -50.07 49.63
N CYS H 32 -26.97 -50.66 49.54
CA CYS H 32 -28.20 -49.88 49.41
C CYS H 32 -28.35 -48.84 50.53
N LYS H 33 -27.71 -49.10 51.65
CA LYS H 33 -27.68 -48.20 52.78
C LYS H 33 -26.29 -47.64 53.03
N SER H 34 -25.30 -48.51 52.88
CA SER H 34 -23.93 -48.20 53.18
C SER H 34 -23.26 -47.45 52.05
N GLY H 35 -23.84 -47.54 50.86
CA GLY H 35 -23.26 -46.91 49.70
C GLY H 35 -23.42 -45.41 49.78
N LYS H 36 -22.41 -44.71 49.32
CA LYS H 36 -22.42 -43.27 49.42
C LYS H 36 -22.65 -42.67 48.04
N SER H 37 -22.91 -43.54 47.06
CA SER H 37 -23.04 -43.17 45.65
C SER H 37 -24.37 -43.67 45.10
N GLN H 38 -25.41 -43.58 45.92
CA GLN H 38 -26.62 -44.34 45.63
C GLN H 38 -27.51 -43.58 44.70
N SER H 39 -28.16 -44.32 43.82
CA SER H 39 -29.10 -43.75 42.86
C SER H 39 -30.50 -44.24 43.19
N PRO H 40 -31.56 -43.46 42.86
CA PRO H 40 -31.67 -42.20 42.13
C PRO H 40 -31.49 -40.96 42.97
N ILE H 41 -31.18 -39.83 42.33
CA ILE H 41 -31.16 -38.55 43.03
C ILE H 41 -31.86 -37.43 42.25
N ASN H 42 -31.96 -36.27 42.88
CA ASN H 42 -32.51 -35.09 42.25
C ASN H 42 -31.39 -34.31 41.59
N ILE H 43 -31.46 -34.17 40.27
CA ILE H 43 -30.42 -33.44 39.54
C ILE H 43 -30.72 -31.95 39.50
N GLU H 44 -29.99 -31.18 40.30
CA GLU H 44 -30.20 -29.75 40.41
C GLU H 44 -28.87 -28.96 40.49
N HIS H 45 -27.82 -29.61 40.97
CA HIS H 45 -26.52 -28.97 40.94
C HIS H 45 -25.67 -29.72 39.95
N TYR H 46 -25.23 -29.04 38.91
CA TYR H 46 -24.39 -29.68 37.91
C TYR H 46 -23.46 -28.70 37.27
N TYR H 47 -22.62 -29.23 36.39
CA TYR H 47 -21.67 -28.42 35.69
C TYR H 47 -21.95 -28.43 34.20
N HIS H 48 -21.71 -27.30 33.55
CA HIS H 48 -21.92 -27.19 32.12
C HIS H 48 -20.57 -27.47 31.44
N THR H 49 -20.55 -28.16 30.31
CA THR H 49 -19.28 -28.53 29.67
C THR H 49 -19.18 -28.82 28.15
N GLN H 50 -18.18 -29.67 27.83
CA GLN H 50 -17.73 -30.03 26.50
C GLN H 50 -18.08 -31.43 25.90
N ASP H 51 -17.29 -31.84 24.91
CA ASP H 51 -17.48 -33.06 24.11
C ASP H 51 -17.81 -34.30 24.93
N ASP H 54 -17.52 -37.88 23.80
CA ASP H 54 -16.84 -39.12 23.42
C ASP H 54 -17.75 -40.34 23.55
N LEU H 55 -19.02 -40.08 23.27
CA LEU H 55 -20.09 -41.04 23.40
C LEU H 55 -20.43 -41.54 22.02
N GLN H 56 -20.55 -42.84 21.83
CA GLN H 56 -20.83 -43.35 20.50
C GLN H 56 -21.78 -44.57 20.38
N PHE H 57 -22.74 -44.53 19.46
CA PHE H 57 -23.79 -45.54 19.40
C PHE H 57 -23.66 -46.43 18.18
N LYS H 58 -23.77 -47.73 18.34
CA LYS H 58 -23.90 -48.64 17.22
C LYS H 58 -25.21 -49.37 17.40
N TYR H 59 -26.32 -48.66 17.41
CA TYR H 59 -27.57 -49.38 17.58
C TYR H 59 -28.21 -49.90 16.32
N ALA H 60 -28.96 -50.99 16.46
CA ALA H 60 -29.72 -51.60 15.37
C ALA H 60 -30.96 -52.36 15.87
N ALA H 61 -31.84 -52.65 14.92
CA ALA H 61 -33.01 -53.51 15.11
C ALA H 61 -32.62 -54.92 15.47
N SER H 62 -33.18 -55.44 16.56
CA SER H 62 -32.82 -56.76 17.05
C SER H 62 -34.04 -57.51 17.54
N LYS H 63 -34.12 -58.82 17.28
CA LYS H 63 -35.21 -59.61 17.84
C LYS H 63 -34.87 -59.90 19.29
N PRO H 64 -35.74 -59.49 20.21
CA PRO H 64 -35.48 -59.70 21.64
C PRO H 64 -35.39 -61.18 21.97
N LYS H 65 -34.68 -61.54 23.04
CA LYS H 65 -34.57 -62.93 23.45
C LYS H 65 -35.77 -63.25 24.35
N ALA H 66 -36.18 -62.28 25.14
CA ALA H 66 -37.31 -62.43 26.05
C ALA H 66 -37.92 -61.09 26.48
N VAL H 67 -39.24 -61.06 26.54
CA VAL H 67 -39.98 -59.93 27.11
C VAL H 67 -40.81 -60.41 28.30
N PHE H 68 -40.37 -60.07 29.50
CA PHE H 68 -41.04 -60.61 30.64
C PHE H 68 -40.97 -59.64 31.78
N PHE H 69 -41.97 -59.71 32.63
CA PHE H 69 -41.95 -58.95 33.85
C PHE H 69 -41.12 -59.71 34.89
N THR H 70 -40.16 -59.02 35.50
CA THR H 70 -39.35 -59.60 36.55
C THR H 70 -39.02 -58.56 37.59
N HIS H 71 -39.11 -58.97 38.86
CA HIS H 71 -38.72 -58.13 39.97
C HIS H 71 -39.17 -56.69 39.76
N HIS H 72 -40.47 -56.52 39.54
CA HIS H 72 -41.13 -55.23 39.51
C HIS H 72 -41.02 -54.43 38.21
N THR H 73 -40.31 -54.92 37.21
CA THR H 73 -40.18 -54.12 35.99
C THR H 73 -40.45 -54.91 34.71
N LEU H 74 -41.06 -54.25 33.73
CA LEU H 74 -41.16 -54.86 32.41
C LEU H 74 -39.80 -54.75 31.74
N LYS H 75 -39.35 -55.87 31.19
CA LYS H 75 -38.02 -55.95 30.64
C LYS H 75 -37.90 -56.78 29.39
N ALA H 76 -37.10 -56.28 28.45
CA ALA H 76 -36.74 -57.01 27.25
C ALA H 76 -35.24 -57.16 27.21
N SER H 77 -34.79 -58.39 27.01
CA SER H 77 -33.38 -58.71 27.00
C SER H 77 -32.91 -58.94 25.57
N PHE H 78 -31.61 -58.85 25.33
CA PHE H 78 -31.14 -58.90 23.95
C PHE H 78 -29.96 -59.76 23.76
N GLU H 79 -29.78 -60.15 22.51
CA GLU H 79 -28.62 -60.89 22.12
C GLU H 79 -27.50 -59.86 22.02
N PRO H 80 -26.26 -60.31 22.18
CA PRO H 80 -25.13 -59.37 22.27
C PRO H 80 -24.68 -58.75 20.95
N THR H 81 -25.52 -57.99 20.26
CA THR H 81 -25.10 -57.39 18.99
C THR H 81 -24.93 -55.88 18.98
N ASN H 82 -25.50 -55.19 19.97
CA ASN H 82 -25.41 -53.72 20.00
C ASN H 82 -24.44 -53.23 21.07
N HIS H 83 -23.57 -52.29 20.70
CA HIS H 83 -22.50 -51.86 21.60
C HIS H 83 -22.54 -50.35 21.69
N ILE H 84 -21.96 -49.81 22.75
CA ILE H 84 -21.70 -48.38 22.87
C ILE H 84 -20.25 -48.24 23.25
N ASN H 85 -19.54 -47.36 22.55
CA ASN H 85 -18.16 -47.16 22.88
C ASN H 85 -18.03 -45.82 23.55
N TYR H 86 -17.62 -45.87 24.80
CA TYR H 86 -17.39 -44.67 25.58
C TYR H 86 -15.97 -44.71 26.11
N ARG H 87 -15.21 -43.65 25.87
CA ARG H 87 -13.81 -43.55 26.29
C ARG H 87 -12.99 -44.76 25.90
N GLY H 88 -13.16 -45.20 24.66
CA GLY H 88 -12.36 -46.27 24.12
C GLY H 88 -12.73 -47.67 24.55
N HIS H 89 -13.85 -47.81 25.25
CA HIS H 89 -14.31 -49.16 25.57
C HIS H 89 -15.73 -49.42 25.08
N ASP H 90 -15.96 -50.60 24.52
CA ASP H 90 -17.28 -50.96 24.04
C ASP H 90 -18.09 -51.53 25.16
N TYR H 91 -19.29 -50.97 25.35
CA TYR H 91 -20.21 -51.46 26.38
C TYR H 91 -21.38 -52.20 25.70
N VAL H 92 -21.61 -53.45 26.09
CA VAL H 92 -22.60 -54.29 25.44
C VAL H 92 -23.99 -54.07 26.00
N LEU H 93 -24.96 -53.89 25.11
CA LEU H 93 -26.34 -53.76 25.53
C LEU H 93 -26.91 -55.10 26.03
N ASP H 94 -27.52 -55.04 27.21
CA ASP H 94 -28.16 -56.19 27.79
C ASP H 94 -29.69 -56.20 27.73
N ASN H 95 -30.28 -55.09 28.11
CA ASN H 95 -31.72 -54.95 28.17
C ASN H 95 -32.18 -53.52 28.27
N VAL H 96 -33.48 -53.34 28.10
CA VAL H 96 -34.13 -52.07 28.40
C VAL H 96 -35.34 -52.37 29.28
N HIS H 97 -35.37 -51.75 30.45
CA HIS H 97 -36.47 -52.02 31.36
C HIS H 97 -37.04 -50.70 31.76
N PHE H 98 -38.15 -50.73 32.48
CA PHE H 98 -38.90 -49.51 32.66
C PHE H 98 -39.18 -49.24 34.13
N HIS H 99 -39.24 -47.96 34.47
CA HIS H 99 -39.56 -47.55 35.81
C HIS H 99 -40.68 -46.54 35.72
N ALA H 100 -41.72 -46.74 36.50
CA ALA H 100 -42.82 -45.82 36.50
C ALA H 100 -43.22 -45.64 37.94
N PRO H 101 -43.13 -44.40 38.42
CA PRO H 101 -42.55 -43.30 37.65
C PRO H 101 -41.02 -43.34 37.52
N MET H 102 -40.52 -42.43 36.69
CA MET H 102 -39.10 -42.18 36.50
C MET H 102 -38.42 -41.82 37.81
N GLU H 103 -37.32 -42.53 38.07
CA GLU H 103 -36.60 -42.53 39.34
C GLU H 103 -35.75 -41.28 39.52
N PHE H 104 -34.97 -40.96 38.50
CA PHE H 104 -34.10 -39.80 38.54
C PHE H 104 -34.93 -38.55 38.33
N LEU H 105 -34.62 -37.46 39.02
CA LEU H 105 -35.39 -36.25 38.86
C LEU H 105 -34.56 -35.22 38.14
N ILE H 106 -35.11 -34.61 37.11
CA ILE H 106 -34.38 -33.57 36.41
C ILE H 106 -34.98 -32.27 36.84
N ASN H 107 -34.21 -31.53 37.64
CA ASN H 107 -34.68 -30.32 38.28
C ASN H 107 -36.00 -30.61 38.97
N ASN H 108 -35.96 -31.61 39.87
CA ASN H 108 -37.12 -32.18 40.57
C ASN H 108 -38.43 -32.03 39.80
N LYS H 109 -38.46 -32.70 38.66
CA LYS H 109 -39.59 -32.71 37.75
C LYS H 109 -39.77 -34.16 37.32
N THR H 110 -40.80 -34.83 37.82
CA THR H 110 -41.01 -36.22 37.46
C THR H 110 -41.72 -36.38 36.12
N ARG H 111 -41.37 -37.47 35.44
CA ARG H 111 -42.09 -38.00 34.29
C ARG H 111 -42.60 -39.39 34.68
N PRO H 112 -43.83 -39.73 34.26
CA PRO H 112 -44.55 -40.98 34.59
C PRO H 112 -43.83 -42.26 34.21
N LEU H 113 -42.83 -42.20 33.33
CA LEU H 113 -42.24 -43.43 32.84
C LEU H 113 -40.77 -43.20 32.48
N SER H 114 -39.95 -44.22 32.68
CA SER H 114 -38.56 -44.17 32.25
C SER H 114 -38.18 -45.51 31.65
N ALA H 115 -37.13 -45.49 30.85
CA ALA H 115 -36.55 -46.69 30.28
C ALA H 115 -35.06 -46.69 30.57
N HIS H 116 -34.48 -47.89 30.76
CA HIS H 116 -33.06 -48.04 31.12
C HIS H 116 -32.29 -48.94 30.16
N PHE H 117 -31.32 -48.36 29.46
CA PHE H 117 -30.51 -49.16 28.54
C PHE H 117 -29.23 -49.61 29.25
N VAL H 118 -29.15 -50.92 29.48
CA VAL H 118 -28.14 -51.49 30.34
C VAL H 118 -26.91 -52.04 29.58
N HIS H 119 -25.72 -51.50 29.90
CA HIS H 119 -24.51 -51.91 29.21
C HIS H 119 -23.39 -52.44 30.09
N LYS H 120 -22.60 -53.38 29.54
CA LYS H 120 -21.49 -54.00 30.26
C LYS H 120 -20.26 -54.22 29.38
N ASP H 121 -19.07 -54.11 29.97
CA ASP H 121 -17.85 -54.33 29.21
C ASP H 121 -17.17 -55.67 29.47
N ALA H 122 -15.92 -55.75 29.03
CA ALA H 122 -15.05 -56.89 29.27
C ALA H 122 -14.80 -57.09 30.76
N LYS H 123 -14.48 -56.02 31.46
CA LYS H 123 -14.19 -56.12 32.88
C LYS H 123 -15.50 -56.11 33.72
N GLY H 124 -16.65 -55.89 33.09
CA GLY H 124 -17.93 -55.94 33.81
C GLY H 124 -18.49 -54.64 34.33
N ARG H 125 -17.95 -53.54 33.85
CA ARG H 125 -18.36 -52.23 34.25
C ARG H 125 -19.73 -51.91 33.68
N LEU H 126 -20.47 -51.06 34.38
CA LEU H 126 -21.84 -50.83 34.03
C LEU H 126 -22.02 -49.48 33.35
N LEU H 127 -22.88 -49.48 32.34
CA LEU H 127 -23.26 -48.25 31.69
C LEU H 127 -24.78 -48.32 31.50
N VAL H 128 -25.51 -47.39 32.11
CA VAL H 128 -26.94 -47.44 31.96
C VAL H 128 -27.47 -46.13 31.42
N LEU H 129 -28.33 -46.24 30.40
CA LEU H 129 -28.87 -45.06 29.76
C LEU H 129 -30.30 -44.99 30.16
N ALA H 130 -30.68 -43.82 30.66
CA ALA H 130 -32.03 -43.57 31.10
C ALA H 130 -32.61 -42.46 30.26
N ILE H 131 -33.89 -42.58 29.90
CA ILE H 131 -34.58 -41.53 29.16
C ILE H 131 -36.02 -41.48 29.59
N GLY H 132 -36.57 -40.27 29.74
CA GLY H 132 -37.91 -40.10 30.24
C GLY H 132 -39.00 -40.09 29.19
N PHE H 133 -40.24 -40.30 29.62
CA PHE H 133 -41.40 -40.24 28.75
C PHE H 133 -42.40 -39.20 29.22
N GLU H 134 -43.00 -38.49 28.29
CA GLU H 134 -44.09 -37.59 28.58
C GLU H 134 -45.29 -38.17 27.87
N GLU H 135 -46.48 -38.03 28.42
CA GLU H 135 -47.65 -38.59 27.74
C GLU H 135 -47.98 -37.81 26.47
N GLY H 136 -48.08 -38.51 25.37
CA GLY H 136 -48.28 -37.86 24.09
C GLY H 136 -48.64 -38.84 23.01
N LYS H 137 -47.95 -38.77 21.87
CA LYS H 137 -48.34 -39.62 20.78
C LYS H 137 -47.95 -41.06 21.09
N GLU H 138 -48.50 -41.97 20.31
CA GLU H 138 -48.28 -43.39 20.45
C GLU H 138 -46.82 -43.55 20.15
N ASN H 139 -46.14 -44.38 20.91
CA ASN H 139 -44.74 -44.60 20.63
C ASN H 139 -44.55 -45.90 19.87
N PRO H 140 -44.20 -45.80 18.58
CA PRO H 140 -44.02 -46.95 17.70
C PRO H 140 -42.95 -47.92 18.17
N ASN H 141 -41.90 -47.42 18.81
CA ASN H 141 -40.82 -48.27 19.31
C ASN H 141 -41.16 -48.96 20.61
N LEU H 142 -42.21 -48.49 21.27
CA LEU H 142 -42.65 -49.16 22.47
C LEU H 142 -43.47 -50.36 22.07
N ASP H 143 -44.14 -50.27 20.94
CA ASP H 143 -45.11 -51.29 20.55
C ASP H 143 -44.52 -52.73 20.42
N PRO H 144 -43.31 -52.91 19.84
CA PRO H 144 -42.76 -54.28 19.78
C PRO H 144 -42.54 -54.98 21.14
N ILE H 145 -42.51 -54.20 22.21
CA ILE H 145 -42.39 -54.78 23.55
C ILE H 145 -43.78 -55.21 24.00
N LEU H 146 -44.78 -54.41 23.68
CA LEU H 146 -46.16 -54.68 24.07
C LEU H 146 -46.75 -55.87 23.32
N GLU H 147 -46.40 -56.06 22.06
CA GLU H 147 -46.86 -57.26 21.38
C GLU H 147 -46.09 -58.50 21.81
N GLY H 148 -44.89 -58.31 22.31
CA GLY H 148 -44.06 -59.42 22.72
C GLY H 148 -44.31 -59.93 24.13
N ILE H 149 -45.28 -59.34 24.81
CA ILE H 149 -45.63 -59.79 26.14
C ILE H 149 -46.67 -60.90 26.09
N GLN H 150 -47.32 -61.08 24.94
CA GLN H 150 -48.41 -62.05 24.83
C GLN H 150 -48.08 -63.33 24.05
N LYS H 151 -46.83 -63.51 23.68
CA LYS H 151 -46.33 -64.75 23.12
C LYS H 151 -44.86 -64.80 23.46
N LYS H 152 -44.28 -65.97 23.66
CA LYS H 152 -42.84 -65.97 23.90
C LYS H 152 -42.16 -66.68 22.76
N GLN H 153 -42.90 -66.83 21.67
CA GLN H 153 -42.36 -67.44 20.47
C GLN H 153 -42.48 -66.48 19.31
N ASN H 154 -41.38 -66.34 18.59
CA ASN H 154 -41.31 -65.46 17.44
C ASN H 154 -41.46 -64.01 17.85
N PHE H 155 -40.44 -63.42 18.47
CA PHE H 155 -40.59 -62.03 18.84
C PHE H 155 -40.21 -61.23 17.65
N LYS H 156 -40.80 -60.05 17.54
CA LYS H 156 -40.47 -59.16 16.45
C LYS H 156 -39.39 -58.13 16.84
N GLU H 157 -38.54 -57.76 15.88
CA GLU H 157 -37.43 -56.83 16.15
C GLU H 157 -37.86 -55.49 16.72
N VAL H 158 -37.03 -54.97 17.61
CA VAL H 158 -37.18 -53.61 18.13
C VAL H 158 -36.23 -52.65 17.49
N ALA H 159 -36.79 -51.55 17.00
CA ALA H 159 -36.00 -50.55 16.31
C ALA H 159 -35.20 -49.73 17.29
N LEU H 160 -34.06 -50.25 17.72
CA LEU H 160 -33.20 -49.54 18.66
C LEU H 160 -32.61 -48.29 18.03
N ASP H 161 -32.53 -48.30 16.71
CA ASP H 161 -31.96 -47.20 15.95
C ASP H 161 -32.90 -46.02 15.90
N ALA H 162 -34.19 -46.30 16.04
CA ALA H 162 -35.20 -45.28 16.00
C ALA H 162 -35.65 -44.88 17.39
N PHE H 163 -35.23 -45.63 18.38
CA PHE H 163 -35.83 -45.48 19.71
C PHE H 163 -35.51 -44.14 20.35
N LEU H 164 -34.25 -43.74 20.28
CA LEU H 164 -33.78 -42.55 20.94
C LEU H 164 -33.82 -41.39 20.00
N PRO H 165 -34.07 -40.17 20.53
CA PRO H 165 -34.00 -38.93 19.74
C PRO H 165 -32.64 -38.80 19.07
N LYS H 166 -32.56 -38.11 17.93
CA LYS H 166 -31.30 -38.11 17.21
C LYS H 166 -30.27 -37.25 17.94
N SER H 167 -30.75 -36.12 18.45
CA SER H 167 -29.95 -35.23 19.26
C SER H 167 -30.50 -35.20 20.67
N ILE H 168 -29.60 -35.35 21.64
CA ILE H 168 -29.98 -35.43 23.05
C ILE H 168 -29.10 -34.58 23.97
N ASN H 169 -29.71 -34.03 25.01
CA ASN H 169 -28.97 -33.48 26.15
C ASN H 169 -29.06 -34.42 27.33
N TYR H 170 -27.93 -34.69 27.98
CA TYR H 170 -27.88 -35.68 29.05
C TYR H 170 -27.17 -35.19 30.31
N TYR H 171 -27.38 -35.90 31.41
CA TYR H 171 -26.61 -35.72 32.64
C TYR H 171 -25.71 -36.93 32.89
N HIS H 172 -24.45 -36.68 33.20
CA HIS H 172 -23.54 -37.80 33.39
C HIS H 172 -22.84 -37.73 34.73
N PHE H 173 -22.83 -38.86 35.42
CA PHE H 173 -22.27 -38.99 36.75
C PHE H 173 -22.16 -40.46 37.05
N ASN H 174 -21.48 -40.78 38.14
CA ASN H 174 -21.33 -42.16 38.63
C ASN H 174 -22.39 -42.52 39.68
N GLY H 175 -23.02 -43.68 39.53
CA GLY H 175 -24.04 -44.10 40.48
C GLY H 175 -24.14 -45.60 40.74
N SER H 176 -25.35 -46.11 40.92
CA SER H 176 -25.53 -47.52 41.25
C SER H 176 -26.74 -48.14 40.55
N LEU H 177 -26.90 -49.45 40.64
CA LEU H 177 -28.14 -50.08 40.20
C LEU H 177 -29.29 -49.54 41.06
N THR H 178 -30.46 -49.32 40.46
CA THR H 178 -31.58 -48.77 41.23
C THR H 178 -32.37 -49.88 41.91
N ALA H 179 -32.01 -51.13 41.62
CA ALA H 179 -32.62 -52.28 42.28
C ALA H 179 -31.59 -53.11 43.06
N PRO H 180 -32.01 -53.79 44.16
CA PRO H 180 -31.04 -54.62 44.85
C PRO H 180 -30.40 -55.62 43.89
N PRO H 181 -29.11 -55.95 44.07
CA PRO H 181 -28.18 -55.60 45.15
C PRO H 181 -27.61 -54.18 45.15
N CYS H 182 -28.15 -53.28 44.33
CA CYS H 182 -27.80 -51.86 44.31
C CYS H 182 -26.33 -51.57 44.07
N THR H 183 -25.67 -52.39 43.25
CA THR H 183 -24.22 -52.29 43.02
C THR H 183 -23.84 -50.93 42.47
N GLU H 184 -22.76 -50.34 42.98
CA GLU H 184 -22.30 -49.01 42.55
C GLU H 184 -21.28 -49.08 41.39
N GLY H 185 -20.83 -47.90 40.96
CA GLY H 185 -19.89 -47.76 39.85
C GLY H 185 -20.56 -47.65 38.50
N VAL H 186 -21.83 -47.28 38.52
CA VAL H 186 -22.58 -47.22 37.28
C VAL H 186 -22.41 -45.84 36.70
N ALA H 187 -21.91 -45.82 35.47
CA ALA H 187 -21.77 -44.58 34.74
C ALA H 187 -23.14 -44.23 34.19
N TRP H 188 -23.76 -43.21 34.77
CA TRP H 188 -25.13 -42.89 34.42
C TRP H 188 -25.22 -41.78 33.38
N PHE H 189 -25.98 -42.03 32.31
CA PHE H 189 -26.29 -41.00 31.35
C PHE H 189 -27.78 -40.79 31.30
N VAL H 190 -28.23 -39.61 31.72
CA VAL H 190 -29.66 -39.31 31.78
C VAL H 190 -30.12 -38.22 30.79
N ILE H 191 -30.82 -38.65 29.73
CA ILE H 191 -31.26 -37.75 28.67
C ILE H 191 -32.41 -36.85 29.08
N GLU H 192 -32.23 -35.55 28.87
CA GLU H 192 -33.24 -34.59 29.25
C GLU H 192 -34.46 -34.63 28.33
N GLU H 193 -34.22 -34.95 27.07
CA GLU H 193 -35.33 -34.95 26.13
C GLU H 193 -36.24 -36.13 26.39
N PRO H 194 -37.53 -35.85 26.64
CA PRO H 194 -38.49 -36.92 26.80
C PRO H 194 -38.83 -37.53 25.47
N LEU H 195 -39.12 -38.81 25.50
CA LEU H 195 -39.77 -39.48 24.40
C LEU H 195 -41.23 -39.34 24.76
N GLU H 196 -42.13 -39.86 23.95
CA GLU H 196 -43.54 -39.74 24.27
C GLU H 196 -44.20 -41.10 24.26
N VAL H 197 -45.05 -41.33 25.26
CA VAL H 197 -45.78 -42.57 25.32
C VAL H 197 -47.27 -42.21 25.36
N SER H 198 -48.08 -43.01 24.69
CA SER H 198 -49.50 -42.75 24.67
C SER H 198 -50.17 -43.00 26.01
N ALA H 199 -51.40 -42.52 26.14
CA ALA H 199 -52.19 -42.74 27.34
C ALA H 199 -52.59 -44.22 27.37
N LYS H 200 -52.81 -44.76 26.19
CA LYS H 200 -53.23 -46.14 25.95
C LYS H 200 -52.15 -47.14 26.40
N GLN H 201 -50.92 -46.82 26.02
CA GLN H 201 -49.69 -47.53 26.36
C GLN H 201 -49.35 -47.39 27.83
N LEU H 202 -49.50 -46.17 28.33
CA LEU H 202 -49.22 -45.85 29.72
C LEU H 202 -50.09 -46.73 30.63
N ALA H 203 -51.36 -46.86 30.25
CA ALA H 203 -52.31 -47.71 30.96
C ALA H 203 -51.89 -49.17 30.86
N GLU H 204 -51.44 -49.56 29.67
CA GLU H 204 -51.08 -50.94 29.36
C GLU H 204 -49.85 -51.52 30.05
N ILE H 205 -48.83 -50.70 30.21
CA ILE H 205 -47.59 -51.18 30.80
C ILE H 205 -47.62 -51.08 32.32
N LYS H 206 -48.35 -50.10 32.82
CA LYS H 206 -48.51 -50.03 34.25
C LYS H 206 -49.39 -51.23 34.68
N LYS H 207 -50.20 -51.75 33.74
CA LYS H 207 -50.98 -52.98 33.94
C LYS H 207 -50.09 -54.21 33.95
N ARG H 208 -49.00 -54.20 33.21
CA ARG H 208 -48.10 -55.35 33.24
C ARG H 208 -47.26 -55.27 34.49
N MET H 209 -47.15 -54.04 35.00
CA MET H 209 -46.47 -53.76 36.26
C MET H 209 -47.46 -53.72 37.43
N LYS H 210 -48.69 -54.11 37.13
CA LYS H 210 -49.77 -54.31 38.12
C LYS H 210 -50.07 -53.08 38.96
N ASN H 211 -49.89 -51.92 38.35
CA ASN H 211 -50.23 -50.61 38.88
C ASN H 211 -49.57 -50.19 40.20
N SER H 212 -48.45 -50.84 40.53
CA SER H 212 -47.68 -50.44 41.71
C SER H 212 -46.32 -49.92 41.27
N PRO H 213 -46.01 -48.67 41.64
CA PRO H 213 -44.77 -47.95 41.31
C PRO H 213 -43.51 -48.71 41.65
N ASN H 214 -42.60 -48.80 40.69
CA ASN H 214 -41.31 -49.44 40.90
C ASN H 214 -40.24 -48.37 40.84
N GLN H 215 -40.49 -47.30 41.60
CA GLN H 215 -39.58 -46.20 41.64
C GLN H 215 -38.78 -46.27 42.91
N ARG H 216 -37.47 -46.47 42.81
CA ARG H 216 -36.67 -46.33 43.99
C ARG H 216 -36.64 -44.86 44.34
N PRO H 217 -36.90 -44.54 45.61
CA PRO H 217 -36.84 -43.18 46.15
C PRO H 217 -35.47 -42.55 45.97
N VAL H 218 -35.41 -41.23 46.02
CA VAL H 218 -34.13 -40.56 46.00
C VAL H 218 -33.28 -40.95 47.20
N GLN H 219 -32.04 -41.32 46.93
CA GLN H 219 -31.11 -41.72 47.98
C GLN H 219 -30.27 -40.55 48.44
N PRO H 220 -29.66 -40.67 49.63
CA PRO H 220 -28.80 -39.57 50.06
C PRO H 220 -27.71 -39.35 49.03
N ASP H 221 -27.43 -38.09 48.72
CA ASP H 221 -26.43 -37.67 47.75
C ASP H 221 -25.23 -37.20 48.54
N TYR H 222 -24.04 -37.63 48.16
CA TYR H 222 -22.88 -37.11 48.84
C TYR H 222 -22.26 -36.15 47.88
N ASN H 223 -23.11 -35.21 47.48
CA ASN H 223 -22.71 -34.15 46.60
C ASN H 223 -22.16 -34.69 45.30
N THR H 224 -22.94 -35.51 44.60
CA THR H 224 -22.53 -36.09 43.32
C THR H 224 -22.12 -34.98 42.36
N VAL H 225 -20.95 -35.17 41.76
CA VAL H 225 -20.43 -34.28 40.76
C VAL H 225 -21.10 -34.64 39.42
N ILE H 226 -21.95 -33.74 38.91
CA ILE H 226 -22.67 -33.96 37.65
C ILE H 226 -22.34 -32.95 36.55
N ILE H 227 -22.13 -33.42 35.31
CA ILE H 227 -21.92 -32.52 34.17
C ILE H 227 -23.07 -32.55 33.16
N LYS H 228 -23.34 -31.41 32.54
CA LYS H 228 -24.31 -31.32 31.47
C LYS H 228 -23.73 -30.96 30.09
N SER H 229 -24.12 -31.71 29.06
CA SER H 229 -23.59 -31.51 27.70
C SER H 229 -24.61 -32.09 26.71
N SER H 230 -24.22 -32.26 25.44
CA SER H 230 -25.14 -32.61 24.35
C SER H 230 -24.55 -33.69 23.46
N ALA H 231 -25.40 -34.52 22.84
CA ALA H 231 -24.87 -35.56 21.94
C ALA H 231 -25.76 -35.99 20.75
N GLU H 232 -25.12 -36.57 19.74
CA GLU H 232 -25.79 -37.17 18.59
C GLU H 232 -25.92 -38.66 18.75
N THR H 233 -27.11 -39.19 18.49
CA THR H 233 -27.35 -40.63 18.69
C THR H 233 -27.52 -41.40 17.39
N ARG H 234 -27.36 -40.70 16.27
CA ARG H 234 -27.33 -41.34 14.97
C ARG H 234 -26.69 -40.40 13.96
ZN ZN I . -3.40 5.90 -24.84
CL CL J . -3.31 12.89 -25.62
C1 D8W K . 1.29 -1.88 -24.66
C2 D8W K . 2.49 -2.38 -25.16
C3 D8W K . 2.50 -3.13 -26.33
C4 D8W K . 1.31 -3.36 -27.00
C5 D8W K . 0.10 -2.85 -26.51
C6 D8W K . 0.11 -2.11 -25.34
S1 D8W K . -1.43 -1.46 -24.71
O1 D8W K . -1.93 -0.37 -25.62
O2 D8W K . -2.48 -2.58 -24.64
N1 D8W K . -1.18 -0.85 -23.21
C7 D8W K . -1.17 0.58 -23.00
S2 D8W K . -1.01 1.81 -24.19
N2 D8W K . -1.28 1.25 -21.84
N3 D8W K . -1.24 2.63 -21.89
C8 D8W K . -1.10 3.16 -23.12
S3 D8W K . -1.00 4.90 -23.54
O3 D8W K . 0.05 5.58 -22.69
O4 D8W K . -0.64 5.05 -24.99
N4 D8W K . -2.47 5.61 -23.26
ZN ZN L . 25.04 13.25 -3.45
CL CL M . 28.17 14.39 -9.51
C1 D8W N . 17.35 14.64 1.09
C2 D8W N . 16.05 15.13 0.99
C3 D8W N . 15.66 16.22 1.76
C4 D8W N . 16.57 16.83 2.60
C5 D8W N . 17.87 16.35 2.70
C6 D8W N . 18.27 15.26 1.94
S1 D8W N . 19.93 14.65 2.06
O1 D8W N . 20.83 15.44 1.15
O2 D8W N . 20.43 14.78 3.50
N1 D8W N . 19.97 13.07 1.61
C7 D8W N . 20.43 12.71 0.29
S2 D8W N . 21.08 13.73 -0.93
N2 D8W N . 20.45 11.48 -0.28
N3 D8W N . 20.94 11.37 -1.54
C8 D8W N . 21.36 12.51 -2.12
S3 D8W N . 22.04 12.73 -3.77
O3 D8W N . 21.07 12.18 -4.79
O4 D8W N . 22.26 14.19 -4.02
N4 D8W N . 23.47 11.93 -3.87
ZN ZN O . -8.76 -24.69 -4.31
CL CL P . -6.91 -30.24 -1.15
C1 D8W Q . -11.58 -16.12 -3.39
C2 D8W Q . -11.95 -15.43 -2.24
C3 D8W Q . -13.28 -15.34 -1.88
C4 D8W Q . -14.25 -15.95 -2.66
C5 D8W Q . -13.88 -16.65 -3.82
C6 D8W Q . -12.55 -16.74 -4.18
S1 D8W Q . -12.07 -17.63 -5.65
O1 D8W Q . -12.53 -19.06 -5.54
O2 D8W Q . -12.73 -16.99 -6.87
N1 D8W Q . -10.44 -17.59 -5.81
C7 D8W Q . -9.63 -18.56 -5.14
S2 D8W Q . -10.13 -19.86 -4.12
N2 D8W Q . -8.28 -18.68 -5.17
N3 D8W Q . -7.71 -19.69 -4.45
C8 D8W Q . -8.57 -20.49 -3.77
S3 D8W Q . -8.17 -21.90 -2.74
O3 D8W Q . -7.21 -21.47 -1.64
O4 D8W Q . -9.43 -22.43 -2.12
N4 D8W Q . -7.46 -23.08 -3.65
C1 GOL R . -8.64 -20.76 -9.01
O1 GOL R . -7.32 -20.49 -8.65
C2 GOL R . -9.32 -21.57 -7.92
O2 GOL R . -8.44 -21.65 -6.87
C3 GOL R . -10.55 -20.81 -7.52
O3 GOL R . -11.00 -20.09 -8.64
ZN ZN S . 9.96 -8.74 22.27
C1 D8W T . 15.22 -10.87 15.69
C2 D8W T . 15.42 -11.79 14.68
C3 D8W T . 16.68 -12.36 14.49
C4 D8W T . 17.73 -12.00 15.32
C5 D8W T . 17.53 -11.06 16.33
C6 D8W T . 16.28 -10.49 16.52
S1 D8W T . 16.02 -9.30 17.82
O1 D8W T . 15.48 -9.99 19.03
O2 D8W T . 17.35 -8.62 18.16
N1 D8W T . 14.94 -8.17 17.31
C7 D8W T . 13.56 -8.27 17.70
S2 D8W T . 12.86 -9.35 18.83
N2 D8W T . 12.52 -7.53 17.27
N3 D8W T . 11.28 -7.80 17.79
C8 D8W T . 11.22 -8.80 18.70
S3 D8W T . 9.79 -9.43 19.57
O3 D8W T . 8.72 -9.82 18.56
O4 D8W T . 10.17 -10.61 20.39
N4 D8W T . 9.19 -8.24 20.55
ZN ZN U . 17.49 61.01 -26.24
CL CL V . 12.85 57.67 -21.84
C1 D8W W . 22.27 59.86 -33.48
C1 D8W W . 20.14 64.06 -29.79
C2 D8W W . 22.79 58.85 -34.28
C2 D8W W . 19.54 64.81 -28.78
C3 D8W W . 24.16 58.64 -34.36
C3 D8W W . 20.29 65.77 -28.10
C4 D8W W . 25.02 59.46 -33.63
C4 D8W W . 21.63 65.97 -28.42
C5 D8W W . 24.51 60.47 -32.83
C5 D8W W . 22.22 65.21 -29.43
C6 D8W W . 23.15 60.68 -32.76
C6 D8W W . 21.47 64.25 -30.10
S1 D8W W . 22.49 61.99 -31.73
S1 D8W W . 22.24 63.28 -31.39
O1 D8W W . 22.34 61.49 -30.32
O1 D8W W . 23.20 62.29 -30.78
O2 D8W W . 23.46 63.18 -31.75
O2 D8W W . 23.01 64.20 -32.35
N1 D8W W . 21.04 62.47 -32.31
N1 D8W W . 21.08 62.47 -32.22
C7 D8W W . 19.83 62.09 -31.61
C7 D8W W . 19.87 62.06 -31.57
S2 D8W W . 19.66 60.99 -30.30
S2 D8W W . 19.70 61.00 -30.22
N2 D8W W . 18.57 62.53 -31.84
N2 D8W W . 18.61 62.44 -31.84
N3 D8W W . 17.57 62.04 -31.04
N3 D8W W . 17.60 61.92 -31.08
C8 D8W W . 17.96 61.14 -30.10
C8 D8W W . 17.98 61.08 -30.10
S3 D8W W . 16.92 60.30 -28.90
S3 D8W W . 16.93 60.23 -28.91
O3 D8W W . 17.76 59.38 -28.05
O3 D8W W . 17.77 59.32 -28.05
O4 D8W W . 15.87 59.50 -29.63
O4 D8W W . 15.90 59.43 -29.64
N4 D8W W . 16.17 61.42 -27.94
N4 D8W W . 16.18 61.34 -27.95
ZN ZN X . -1.41 40.95 -51.08
ZN ZN Y . -4.16 -37.50 53.03
C1 D8W Z . -10.28 -37.05 59.59
C2 D8W Z . -11.45 -36.39 59.97
C3 D8W Z . -11.42 -35.53 61.06
C4 D8W Z . -10.24 -35.31 61.75
C5 D8W Z . -9.07 -35.96 61.36
C6 D8W Z . -9.09 -36.83 60.27
S1 D8W Z . -7.60 -37.66 59.77
O1 D8W Z . -6.84 -36.80 58.79
O2 D8W Z . -6.72 -37.92 60.99
N1 D8W Z . -7.97 -39.09 59.06
C7 D8W Z . -7.70 -39.28 57.66
S2 D8W Z . -7.56 -38.09 56.42
N2 D8W Z . -7.50 -40.45 57.00
N3 D8W Z . -7.25 -40.39 55.65
C8 D8W Z . -7.24 -39.16 55.11
S3 D8W Z . -6.96 -38.73 53.39
O3 D8W Z . -7.88 -39.54 52.51
O4 D8W Z . -7.22 -37.26 53.19
N4 D8W Z . -5.40 -39.05 52.99
ZN ZN AA . -33.77 -49.74 35.87
C1 D8W BA . -27.41 -55.91 35.48
C2 D8W BA . -26.10 -55.95 35.02
C3 D8W BA . -25.81 -56.46 33.76
C4 D8W BA . -26.84 -56.95 32.97
C5 D8W BA . -28.16 -56.91 33.43
C6 D8W BA . -28.43 -56.39 34.68
S1 D8W BA . -30.12 -56.35 35.27
O1 D8W BA . -30.92 -55.36 34.45
O2 D8W BA . -30.75 -57.74 35.14
N1 D8W BA . -30.14 -55.89 36.84
C7 D8W BA . -30.41 -54.52 37.20
S2 D8W BA . -30.51 -53.17 36.15
N2 D8W BA . -30.66 -54.00 38.42
N3 D8W BA . -30.90 -52.67 38.52
C8 D8W BA . -30.87 -51.98 37.36
S3 D8W BA . -31.14 -50.22 37.12
O3 D8W BA . -30.83 -49.86 35.68
O4 D8W BA . -30.23 -49.45 38.04
N4 D8W BA . -32.71 -49.86 37.46
#